data_5FLJ
#
_entry.id   5FLJ
#
_cell.length_a   102.812
_cell.length_b   114.586
_cell.length_c   105.990
_cell.angle_alpha   90.00
_cell.angle_beta   95.61
_cell.angle_gamma   90.00
#
_symmetry.space_group_name_H-M   'P 1 21 1'
#
loop_
_entity.id
_entity.type
_entity.pdbx_description
1 polymer 'QUERCETINASE QUED'
2 non-polymer 'NICKEL (II) ION'
3 non-polymer "3,5,7,3',4'-PENTAHYDROXYFLAVONE"
4 non-polymer 'DIMETHYL SULFOXIDE'
5 non-polymer 'OXYGEN MOLECULE'
6 water water
#
_entity_poly.entity_id   1
_entity_poly.type   'polypeptide(L)'
_entity_poly.pdbx_seq_one_letter_code
;MTIEYATRHRARSFIPPEPGKPYFIEKGLGDRAHLFGDLITIYAGGEQTENTFNFFTCEGPKGEVIPAHSHADTYEVFYI
TQGAVRLFVEDLEGEQHEKLLTPGDFGFVPKNCVHAYRMERHHSQVVGVAAGPGGTFERFFESLGTPAEELGLPVRPFVP
EPEKFRTVPEQYDVRFRPDHQWHTGS
;
_entity_poly.pdbx_strand_id   A,B,C,D,E,F,G,H,I,J,K,L
#
# COMPACT_ATOMS: atom_id res chain seq x y z
N ILE A 3 -64.43 -2.72 44.93
CA ILE A 3 -65.70 -2.02 45.05
C ILE A 3 -66.13 -1.46 43.70
N GLU A 4 -67.44 -1.38 43.46
CA GLU A 4 -67.94 -0.95 42.17
C GLU A 4 -68.46 0.49 42.18
N TYR A 5 -68.52 1.09 40.99
CA TYR A 5 -68.95 2.47 40.82
C TYR A 5 -70.04 2.57 39.77
N ALA A 6 -70.86 3.59 39.87
CA ALA A 6 -71.74 3.92 38.75
C ALA A 6 -71.07 5.02 37.93
N THR A 7 -71.05 4.86 36.62
CA THR A 7 -70.53 5.91 35.77
C THR A 7 -71.53 6.28 34.69
N ARG A 8 -71.17 7.27 33.87
CA ARG A 8 -71.97 7.65 32.72
C ARG A 8 -72.11 6.48 31.72
N HIS A 9 -71.17 5.54 31.74
CA HIS A 9 -71.17 4.44 30.78
C HIS A 9 -71.73 3.12 31.30
N ARG A 10 -71.69 2.93 32.62
CA ARG A 10 -72.07 1.65 33.24
C ARG A 10 -72.65 1.87 34.62
N ALA A 11 -73.76 1.20 34.94
CA ALA A 11 -74.31 1.22 36.30
C ALA A 11 -73.35 0.52 37.28
N ARG A 12 -72.66 -0.49 36.77
CA ARG A 12 -71.64 -1.20 37.54
C ARG A 12 -70.30 -1.13 36.81
N SER A 13 -69.31 -0.45 37.41
CA SER A 13 -67.98 -0.32 36.79
C SER A 13 -66.87 -0.34 37.82
N PHE A 14 -65.68 -0.79 37.42
CA PHE A 14 -64.50 -0.67 38.29
C PHE A 14 -63.66 0.54 37.89
N ILE A 15 -64.12 1.26 36.87
CA ILE A 15 -63.55 2.56 36.56
C ILE A 15 -64.29 3.63 37.34
N PRO A 16 -63.55 4.44 38.14
CA PRO A 16 -64.14 5.52 38.95
C PRO A 16 -64.74 6.59 38.06
N PRO A 17 -65.88 7.16 38.47
CA PRO A 17 -66.49 8.19 37.62
C PRO A 17 -65.69 9.51 37.63
N GLU A 18 -64.97 9.77 38.71
CA GLU A 18 -64.28 11.06 38.86
C GLU A 18 -62.84 11.02 38.36
N PRO A 19 -62.44 12.04 37.60
CA PRO A 19 -61.05 12.10 37.14
C PRO A 19 -60.11 12.33 38.31
N GLY A 20 -58.84 11.94 38.15
CA GLY A 20 -57.83 12.20 39.16
C GLY A 20 -57.75 11.16 40.27
N LYS A 21 -58.47 10.06 40.12
CA LYS A 21 -58.49 9.02 41.14
C LYS A 21 -57.73 7.79 40.68
N PRO A 22 -56.75 7.34 41.48
CA PRO A 22 -56.03 6.12 41.09
C PRO A 22 -56.91 4.90 41.27
N TYR A 23 -56.69 3.83 40.50
CA TYR A 23 -57.52 2.64 40.67
C TYR A 23 -56.82 1.40 40.11
N PHE A 24 -57.26 0.25 40.56
CA PHE A 24 -56.77 -1.03 40.06
C PHE A 24 -57.96 -1.79 39.50
N ILE A 25 -57.74 -2.59 38.47
CA ILE A 25 -58.77 -3.49 37.99
C ILE A 25 -58.16 -4.86 37.72
N GLU A 26 -58.78 -5.88 38.30
CA GLU A 26 -58.32 -7.25 38.06
C GLU A 26 -58.67 -7.68 36.67
N LYS A 27 -57.84 -8.59 36.17
CA LYS A 27 -57.99 -9.17 34.84
CA LYS A 27 -57.98 -9.21 34.85
C LYS A 27 -59.44 -9.45 34.47
N GLY A 28 -59.86 -8.87 33.35
CA GLY A 28 -61.17 -9.10 32.81
C GLY A 28 -62.27 -8.19 33.30
N LEU A 29 -62.03 -7.33 34.28
CA LEU A 29 -63.16 -6.60 34.89
C LEU A 29 -63.27 -5.14 34.46
N GLY A 30 -62.59 -4.78 33.37
CA GLY A 30 -62.87 -3.48 32.76
C GLY A 30 -64.28 -3.46 32.19
N ASP A 31 -64.71 -2.31 31.68
CA ASP A 31 -66.03 -2.20 31.02
C ASP A 31 -66.04 -3.10 29.78
N ARG A 32 -67.06 -3.94 29.62
CA ARG A 32 -67.06 -4.93 28.55
C ARG A 32 -68.04 -4.60 27.44
N ALA A 33 -67.65 -4.95 26.21
CA ALA A 33 -68.51 -4.81 25.06
C ALA A 33 -68.37 -6.02 24.16
N HIS A 34 -69.41 -6.34 23.41
CA HIS A 34 -69.35 -7.42 22.43
C HIS A 34 -69.50 -6.81 21.05
N LEU A 35 -68.73 -7.31 20.09
CA LEU A 35 -68.85 -6.88 18.70
C LEU A 35 -68.45 -8.05 17.83
N PHE A 36 -69.41 -8.55 17.05
CA PHE A 36 -69.27 -9.85 16.41
C PHE A 36 -68.87 -10.84 17.50
N GLY A 37 -67.85 -11.66 17.23
CA GLY A 37 -67.45 -12.66 18.21
C GLY A 37 -66.48 -12.16 19.27
N ASP A 38 -66.07 -10.89 19.17
CA ASP A 38 -65.06 -10.37 20.07
C ASP A 38 -65.59 -9.72 21.33
N LEU A 39 -64.81 -9.90 22.38
CA LEU A 39 -64.97 -9.20 23.66
C LEU A 39 -63.97 -8.05 23.78
N ILE A 40 -64.50 -6.84 23.97
CA ILE A 40 -63.64 -5.69 24.18
C ILE A 40 -63.77 -5.27 25.64
N THR A 41 -62.64 -5.01 26.28
CA THR A 41 -62.61 -4.70 27.70
C THR A 41 -61.84 -3.40 27.90
N ILE A 42 -62.54 -2.37 28.37
CA ILE A 42 -61.94 -1.05 28.53
C ILE A 42 -61.44 -0.88 29.95
N TYR A 43 -60.15 -0.59 30.11
CA TYR A 43 -59.60 -0.36 31.45
C TYR A 43 -59.46 1.13 31.80
N ALA A 44 -59.20 1.96 30.80
CA ALA A 44 -59.19 3.41 30.98
C ALA A 44 -59.77 4.04 29.76
N GLY A 45 -60.47 5.16 29.92
CA GLY A 45 -61.01 5.88 28.78
C GLY A 45 -60.62 7.33 28.85
N GLY A 46 -61.15 8.13 27.92
CA GLY A 46 -60.79 9.53 27.82
C GLY A 46 -61.03 10.32 29.10
N GLU A 47 -62.04 9.90 29.86
CA GLU A 47 -62.40 10.57 31.10
C GLU A 47 -61.28 10.51 32.12
N GLN A 48 -60.42 9.49 32.00
CA GLN A 48 -59.33 9.27 32.95
C GLN A 48 -58.07 10.02 32.59
N THR A 49 -58.00 10.51 31.35
CA THR A 49 -56.74 11.03 30.82
C THR A 49 -56.87 12.41 30.19
N GLU A 50 -57.94 13.12 30.52
CA GLU A 50 -58.25 14.41 29.88
C GLU A 50 -58.35 14.22 28.37
N ASN A 51 -59.00 13.13 27.99
CA ASN A 51 -59.19 12.73 26.60
C ASN A 51 -57.90 12.70 25.78
N THR A 52 -56.82 12.26 26.43
CA THR A 52 -55.53 12.10 25.77
C THR A 52 -55.36 10.69 25.21
N PHE A 53 -55.59 9.67 26.04
CA PHE A 53 -55.51 8.28 25.55
C PHE A 53 -56.48 7.36 26.26
N ASN A 54 -56.48 6.09 25.87
CA ASN A 54 -57.30 5.06 26.50
C ASN A 54 -56.47 3.79 26.64
N PHE A 55 -57.08 2.73 27.15
CA PHE A 55 -56.40 1.43 27.24
C PHE A 55 -57.40 0.31 27.28
N PHE A 56 -57.31 -0.64 26.35
CA PHE A 56 -58.35 -1.66 26.28
C PHE A 56 -57.78 -2.94 25.70
N THR A 57 -58.50 -4.04 25.91
CA THR A 57 -58.09 -5.29 25.26
C THR A 57 -59.21 -5.72 24.32
N CYS A 58 -58.85 -6.59 23.39
CA CYS A 58 -59.80 -7.17 22.44
C CYS A 58 -59.45 -8.63 22.34
N GLU A 59 -60.41 -9.50 22.60
CA GLU A 59 -60.16 -10.92 22.49
C GLU A 59 -61.30 -11.62 21.80
N GLY A 60 -60.97 -12.75 21.17
CA GLY A 60 -61.98 -13.41 20.35
C GLY A 60 -61.60 -14.78 19.86
N PRO A 61 -62.56 -15.47 19.24
CA PRO A 61 -62.31 -16.80 18.69
C PRO A 61 -61.51 -16.70 17.41
N LYS A 62 -61.06 -17.85 16.91
CA LYS A 62 -60.46 -17.93 15.59
C LYS A 62 -61.54 -17.52 14.59
N GLY A 63 -61.22 -16.55 13.73
CA GLY A 63 -62.25 -16.01 12.86
C GLY A 63 -61.75 -15.52 11.52
N GLU A 64 -62.61 -14.85 10.77
CA GLU A 64 -62.19 -14.19 9.54
C GLU A 64 -61.84 -12.73 9.83
N VAL A 65 -61.36 -12.03 8.81
CA VAL A 65 -60.96 -10.64 8.94
CA VAL A 65 -60.95 -10.64 8.95
C VAL A 65 -62.14 -9.75 9.31
N ILE A 66 -61.93 -8.83 10.24
CA ILE A 66 -62.95 -7.83 10.59
C ILE A 66 -63.09 -6.86 9.41
N PRO A 67 -64.18 -6.08 9.37
CA PRO A 67 -64.35 -5.17 8.23
C PRO A 67 -63.19 -4.19 8.03
N ALA A 68 -62.77 -4.00 6.78
CA ALA A 68 -61.73 -3.03 6.48
C ALA A 68 -62.22 -1.64 6.86
N HIS A 69 -61.37 -0.85 7.48
CA HIS A 69 -61.74 0.49 7.89
C HIS A 69 -60.52 1.39 8.10
N SER A 70 -60.78 2.69 8.19
CA SER A 70 -59.74 3.67 8.50
C SER A 70 -60.25 4.64 9.55
N HIS A 71 -59.34 5.39 10.14
CA HIS A 71 -59.66 6.43 11.10
C HIS A 71 -58.99 7.69 10.62
N ALA A 72 -59.70 8.81 10.62
CA ALA A 72 -59.16 10.03 10.04
C ALA A 72 -58.30 10.84 11.00
N ASP A 73 -58.53 10.67 12.32
CA ASP A 73 -57.78 11.44 13.32
C ASP A 73 -57.28 10.60 14.47
N THR A 74 -57.26 9.30 14.29
CA THR A 74 -56.96 8.39 15.38
C THR A 74 -55.86 7.41 15.00
N TYR A 75 -54.89 7.22 15.91
CA TYR A 75 -53.77 6.31 15.71
C TYR A 75 -54.04 5.06 16.53
N GLU A 76 -53.71 3.88 16.01
CA GLU A 76 -54.01 2.65 16.74
C GLU A 76 -52.82 1.73 16.97
N VAL A 77 -52.74 1.24 18.20
CA VAL A 77 -51.80 0.20 18.60
C VAL A 77 -52.43 -1.18 18.63
N PHE A 78 -51.66 -2.18 18.19
CA PHE A 78 -52.00 -3.59 18.31
C PHE A 78 -50.85 -4.29 18.99
N TYR A 79 -51.02 -4.65 20.26
CA TYR A 79 -49.95 -5.34 20.98
C TYR A 79 -50.49 -6.71 21.40
N ILE A 80 -49.95 -7.77 20.81
CA ILE A 80 -50.55 -9.10 21.02
C ILE A 80 -50.17 -9.67 22.37
N THR A 81 -51.15 -10.17 23.13
CA THR A 81 -50.81 -10.82 24.41
C THR A 81 -51.15 -12.32 24.45
N GLN A 82 -52.06 -12.79 23.61
CA GLN A 82 -52.44 -14.20 23.55
CA GLN A 82 -52.41 -14.21 23.55
C GLN A 82 -52.71 -14.61 22.12
N GLY A 83 -52.45 -15.87 21.78
CA GLY A 83 -52.80 -16.38 20.47
C GLY A 83 -51.90 -15.83 19.37
N ALA A 84 -52.50 -15.52 18.23
CA ALA A 84 -51.77 -15.02 17.08
C ALA A 84 -52.73 -14.21 16.25
N VAL A 85 -52.36 -12.98 15.92
CA VAL A 85 -53.31 -12.11 15.20
C VAL A 85 -52.65 -11.61 13.92
N ARG A 86 -53.30 -11.81 12.77
CA ARG A 86 -52.71 -11.29 11.53
C ARG A 86 -53.24 -9.88 11.30
N LEU A 87 -52.32 -8.93 11.14
CA LEU A 87 -52.69 -7.54 10.95
C LEU A 87 -52.49 -7.13 9.48
N PHE A 88 -53.53 -6.58 8.86
CA PHE A 88 -53.46 -6.06 7.50
C PHE A 88 -53.48 -4.55 7.52
N VAL A 89 -52.57 -3.91 6.79
CA VAL A 89 -52.60 -2.45 6.69
C VAL A 89 -52.10 -1.96 5.33
N GLU A 90 -52.74 -0.90 4.83
CA GLU A 90 -52.32 -0.22 3.61
C GLU A 90 -51.77 1.16 3.95
N ASP A 91 -50.55 1.46 3.50
CA ASP A 91 -49.96 2.75 3.82
C ASP A 91 -50.60 3.84 2.96
N LEU A 92 -50.15 5.08 3.15
CA LEU A 92 -50.75 6.22 2.49
C LEU A 92 -50.44 6.27 0.99
N GLU A 93 -49.61 5.34 0.54
CA GLU A 93 -49.19 5.32 -0.85
C GLU A 93 -49.77 4.11 -1.58
N GLY A 94 -50.59 3.33 -0.87
CA GLY A 94 -51.33 2.25 -1.49
C GLY A 94 -50.68 0.87 -1.37
N GLU A 95 -49.52 0.84 -0.74
CA GLU A 95 -48.84 -0.44 -0.56
C GLU A 95 -49.48 -1.16 0.62
N GLN A 96 -49.86 -2.41 0.40
CA GLN A 96 -50.48 -3.20 1.45
C GLN A 96 -49.44 -4.07 2.16
N HIS A 97 -49.67 -4.32 3.45
CA HIS A 97 -48.76 -5.11 4.26
C HIS A 97 -49.54 -6.03 5.19
N GLU A 98 -49.02 -7.23 5.41
CA GLU A 98 -49.60 -8.14 6.40
C GLU A 98 -48.50 -8.74 7.26
N LYS A 99 -48.81 -9.02 8.52
CA LYS A 99 -47.91 -9.77 9.38
C LYS A 99 -48.68 -10.53 10.42
N LEU A 100 -48.26 -11.76 10.65
CA LEU A 100 -48.78 -12.53 11.77
C LEU A 100 -48.03 -12.09 13.01
N LEU A 101 -48.77 -11.48 13.92
CA LEU A 101 -48.20 -10.99 15.17
C LEU A 101 -48.46 -12.00 16.29
N THR A 102 -47.39 -12.40 16.96
CA THR A 102 -47.50 -13.38 18.05
C THR A 102 -47.29 -12.62 19.36
N PRO A 103 -47.54 -13.26 20.53
CA PRO A 103 -47.53 -12.45 21.75
C PRO A 103 -46.23 -11.74 22.01
N GLY A 104 -46.32 -10.46 22.32
CA GLY A 104 -45.14 -9.63 22.41
C GLY A 104 -44.82 -8.80 21.19
N ASP A 105 -45.35 -9.19 20.02
CA ASP A 105 -45.22 -8.42 18.80
C ASP A 105 -46.16 -7.21 18.79
N PHE A 106 -45.79 -6.25 17.97
CA PHE A 106 -46.41 -4.93 17.99
C PHE A 106 -46.75 -4.48 16.59
N GLY A 107 -47.94 -3.91 16.42
CA GLY A 107 -48.32 -3.30 15.15
C GLY A 107 -48.89 -1.90 15.38
N PHE A 108 -48.60 -0.99 14.46
CA PHE A 108 -49.02 0.39 14.59
C PHE A 108 -49.72 0.87 13.33
N VAL A 109 -50.95 1.35 13.46
CA VAL A 109 -51.69 1.89 12.32
C VAL A 109 -51.95 3.39 12.46
N PRO A 110 -51.26 4.20 11.66
CA PRO A 110 -51.45 5.65 11.71
C PRO A 110 -52.79 6.03 11.13
N LYS A 111 -53.24 7.24 11.41
CA LYS A 111 -54.49 7.74 10.87
C LYS A 111 -54.51 7.68 9.33
N ASN A 112 -55.71 7.50 8.78
CA ASN A 112 -55.97 7.44 7.34
C ASN A 112 -55.42 6.20 6.64
N CYS A 113 -54.94 5.24 7.42
CA CYS A 113 -54.47 3.99 6.84
C CYS A 113 -55.56 2.92 6.97
N VAL A 114 -55.96 2.36 5.84
CA VAL A 114 -56.93 1.28 5.84
C VAL A 114 -56.28 0.06 6.51
N HIS A 115 -57.03 -0.58 7.40
CA HIS A 115 -56.49 -1.72 8.11
C HIS A 115 -57.58 -2.73 8.50
N ALA A 116 -57.15 -3.91 8.91
CA ALA A 116 -58.05 -4.94 9.37
C ALA A 116 -57.22 -5.98 10.10
N TYR A 117 -57.85 -6.86 10.84
CA TYR A 117 -57.09 -7.93 11.51
C TYR A 117 -57.91 -9.22 11.48
N ARG A 118 -57.22 -10.33 11.71
CA ARG A 118 -57.86 -11.64 11.79
C ARG A 118 -57.25 -12.43 12.93
N MET A 119 -58.09 -12.95 13.82
CA MET A 119 -57.58 -13.77 14.91
C MET A 119 -57.35 -15.20 14.40
N GLU A 120 -56.14 -15.71 14.56
CA GLU A 120 -55.82 -17.00 13.94
C GLU A 120 -55.56 -18.10 14.97
N ARG A 121 -55.91 -17.84 16.23
CA ARG A 121 -55.92 -18.85 17.28
C ARG A 121 -57.13 -18.60 18.13
N HIS A 122 -57.71 -19.66 18.71
CA HIS A 122 -58.81 -19.48 19.65
C HIS A 122 -58.44 -18.62 20.86
N HIS A 123 -59.31 -17.66 21.15
CA HIS A 123 -59.10 -16.74 22.27
C HIS A 123 -57.76 -16.02 22.17
N SER A 124 -57.49 -15.45 21.00
CA SER A 124 -56.36 -14.53 20.90
C SER A 124 -56.77 -13.23 21.62
N GLN A 125 -55.77 -12.45 22.00
CA GLN A 125 -55.99 -11.20 22.73
C GLN A 125 -55.01 -10.14 22.27
N VAL A 126 -55.54 -8.93 22.14
CA VAL A 126 -54.78 -7.77 21.69
C VAL A 126 -54.94 -6.67 22.72
N VAL A 127 -53.85 -6.00 23.06
CA VAL A 127 -53.90 -4.77 23.86
C VAL A 127 -53.96 -3.62 22.88
N GLY A 128 -54.90 -2.70 23.09
CA GLY A 128 -55.11 -1.57 22.19
C GLY A 128 -55.03 -0.22 22.87
N VAL A 129 -54.53 0.75 22.14
CA VAL A 129 -54.75 2.15 22.43
C VAL A 129 -55.24 2.74 21.13
N ALA A 130 -56.27 3.58 21.19
CA ALA A 130 -56.77 4.24 19.98
C ALA A 130 -57.20 5.65 20.29
N ALA A 131 -56.35 6.60 19.90
CA ALA A 131 -56.54 8.00 20.24
C ALA A 131 -55.81 8.88 19.27
N GLY A 132 -55.98 10.18 19.42
CA GLY A 132 -55.33 11.13 18.54
C GLY A 132 -55.81 12.53 18.88
N PRO A 133 -55.48 13.50 18.01
CA PRO A 133 -55.92 14.88 18.19
C PRO A 133 -57.44 14.97 18.32
N GLY A 134 -58.12 14.01 17.70
CA GLY A 134 -59.57 13.97 17.71
C GLY A 134 -60.18 13.46 19.00
N GLY A 135 -59.35 12.96 19.92
CA GLY A 135 -59.86 12.43 21.18
C GLY A 135 -59.68 10.94 21.20
N THR A 136 -60.48 10.24 22.03
CA THR A 136 -60.27 8.81 22.23
C THR A 136 -61.50 8.00 21.82
N PHE A 137 -61.23 6.79 21.35
CA PHE A 137 -62.10 6.02 20.49
C PHE A 137 -62.87 4.87 21.18
N GLU A 138 -62.63 4.67 22.46
CA GLU A 138 -62.94 3.37 23.08
C GLU A 138 -64.44 3.02 23.16
N ARG A 139 -65.32 4.01 23.17
CA ARG A 139 -66.75 3.73 23.31
C ARG A 139 -67.38 3.38 21.96
N PHE A 140 -66.56 3.36 20.91
CA PHE A 140 -67.04 2.94 19.61
C PHE A 140 -67.58 1.51 19.71
N PHE A 141 -66.84 0.65 20.41
CA PHE A 141 -67.13 -0.78 20.38
C PHE A 141 -68.54 -1.12 20.92
N GLU A 142 -68.94 -0.48 22.03
CA GLU A 142 -70.24 -0.78 22.61
C GLU A 142 -71.34 -0.05 21.88
N SER A 143 -70.95 0.91 21.04
CA SER A 143 -71.89 1.72 20.28
C SER A 143 -72.31 0.99 19.01
N LEU A 144 -71.32 0.47 18.28
CA LEU A 144 -71.59 -0.37 17.12
C LEU A 144 -72.06 -1.74 17.58
N GLY A 145 -71.38 -2.27 18.59
CA GLY A 145 -71.77 -3.53 19.17
C GLY A 145 -72.73 -3.30 20.32
N THR A 146 -72.40 -3.86 21.49
CA THR A 146 -73.27 -3.72 22.64
C THR A 146 -72.44 -3.74 23.90
N PRO A 147 -72.83 -2.94 24.90
CA PRO A 147 -72.22 -3.17 26.22
C PRO A 147 -72.64 -4.54 26.77
N ALA A 148 -71.83 -5.11 27.64
CA ALA A 148 -72.16 -6.42 28.18
C ALA A 148 -71.83 -6.49 29.66
N GLU A 149 -72.71 -7.15 30.42
CA GLU A 149 -72.46 -7.42 31.84
C GLU A 149 -71.74 -8.75 32.06
N GLU A 150 -71.96 -9.72 31.18
CA GLU A 150 -71.33 -11.04 31.29
C GLU A 150 -69.82 -10.94 31.26
N LEU A 151 -69.17 -11.91 31.87
CA LEU A 151 -67.74 -12.11 31.69
C LEU A 151 -67.52 -13.06 30.52
N GLY A 152 -66.33 -13.00 29.93
CA GLY A 152 -65.90 -13.96 28.92
C GLY A 152 -66.32 -13.67 27.48
N LEU A 153 -65.81 -14.47 26.56
CA LEU A 153 -66.14 -14.33 25.14
C LEU A 153 -67.65 -14.41 24.95
N PRO A 154 -68.21 -13.65 23.99
CA PRO A 154 -69.63 -13.83 23.74
C PRO A 154 -69.95 -15.24 23.24
N VAL A 155 -70.98 -15.87 23.81
CA VAL A 155 -71.27 -17.24 23.44
C VAL A 155 -71.68 -17.30 21.98
N ARG A 156 -72.32 -16.24 21.53
CA ARG A 156 -72.81 -16.12 20.17
C ARG A 156 -72.46 -14.71 19.76
N PRO A 157 -72.08 -14.53 18.49
CA PRO A 157 -71.59 -13.20 18.09
C PRO A 157 -72.69 -12.13 18.11
N PHE A 158 -72.32 -10.89 18.40
CA PHE A 158 -73.26 -9.78 18.30
C PHE A 158 -73.14 -9.12 16.92
N VAL A 159 -74.17 -9.29 16.10
CA VAL A 159 -74.17 -8.69 14.78
C VAL A 159 -74.94 -7.38 14.80
N PRO A 160 -74.24 -6.26 14.56
CA PRO A 160 -74.91 -4.95 14.53
C PRO A 160 -75.97 -4.86 13.44
N GLU A 161 -77.09 -4.19 13.73
CA GLU A 161 -78.06 -3.87 12.70
C GLU A 161 -77.34 -3.07 11.61
N PRO A 162 -77.74 -3.27 10.34
CA PRO A 162 -77.15 -2.51 9.24
C PRO A 162 -77.16 -1.00 9.48
N GLU A 163 -78.20 -0.49 10.13
CA GLU A 163 -78.33 0.94 10.39
C GLU A 163 -77.18 1.48 11.25
N LYS A 164 -76.68 0.66 12.17
CA LYS A 164 -75.60 1.09 13.05
C LYS A 164 -74.32 1.39 12.28
N PHE A 165 -74.10 0.69 11.18
CA PHE A 165 -72.93 0.96 10.35
C PHE A 165 -73.05 2.32 9.65
N ARG A 166 -74.26 2.86 9.60
CA ARG A 166 -74.47 4.17 9.01
C ARG A 166 -74.34 5.29 10.03
N THR A 167 -74.83 5.05 11.24
CA THR A 167 -74.93 6.12 12.25
C THR A 167 -73.69 6.20 13.15
N VAL A 168 -73.10 5.06 13.50
CA VAL A 168 -71.90 5.07 14.34
C VAL A 168 -70.75 5.95 13.77
N PRO A 169 -70.53 5.94 12.44
CA PRO A 169 -69.50 6.86 11.92
C PRO A 169 -69.82 8.34 12.12
N GLU A 170 -71.09 8.66 12.35
CA GLU A 170 -71.49 10.04 12.62
C GLU A 170 -71.08 10.50 14.02
N GLN A 171 -70.66 9.57 14.88
CA GLN A 171 -70.24 9.92 16.23
C GLN A 171 -68.83 9.44 16.57
N TYR A 172 -68.34 8.42 15.87
CA TYR A 172 -67.00 7.93 16.12
C TYR A 172 -66.17 7.99 14.85
N ASP A 173 -64.88 8.25 15.04
CA ASP A 173 -63.90 8.36 13.94
C ASP A 173 -63.62 7.02 13.26
N VAL A 174 -64.59 6.55 12.47
CA VAL A 174 -64.42 5.33 11.68
C VAL A 174 -64.97 5.51 10.29
N ARG A 175 -64.25 5.00 9.31
CA ARG A 175 -64.80 4.93 7.96
C ARG A 175 -64.69 3.50 7.48
N PHE A 176 -65.81 2.87 7.14
CA PHE A 176 -65.75 1.49 6.69
C PHE A 176 -65.51 1.43 5.19
N ARG A 177 -64.76 0.42 4.76
CA ARG A 177 -64.45 0.26 3.36
C ARG A 177 -64.81 -1.16 2.92
N PRO A 178 -66.11 -1.40 2.68
CA PRO A 178 -66.54 -2.71 2.20
C PRO A 178 -66.00 -3.02 0.80
N ASP A 179 -65.63 -1.98 0.06
CA ASP A 179 -65.09 -2.17 -1.28
C ASP A 179 -63.65 -2.70 -1.23
N HIS A 180 -62.95 -2.39 -0.15
CA HIS A 180 -61.52 -2.69 -0.06
C HIS A 180 -61.25 -4.20 -0.05
N GLN A 181 -60.26 -4.62 -0.82
CA GLN A 181 -59.79 -6.01 -0.75
C GLN A 181 -58.29 -6.09 -0.56
N TRP A 182 -57.86 -7.14 0.14
CA TRP A 182 -56.45 -7.34 0.46
C TRP A 182 -55.78 -8.32 -0.50
N HIS A 183 -54.85 -7.82 -1.30
CA HIS A 183 -54.09 -8.69 -2.20
C HIS A 183 -52.75 -9.08 -1.57
N THR A 184 -52.78 -9.70 -0.41
CA THR A 184 -51.58 -10.19 0.25
C THR A 184 -51.68 -11.68 0.57
N ILE B 3 -36.26 -4.60 8.31
CA ILE B 3 -35.95 -3.26 7.80
C ILE B 3 -35.74 -2.27 8.94
N GLU B 4 -34.46 -1.96 9.19
CA GLU B 4 -34.07 -1.06 10.27
C GLU B 4 -33.97 0.37 9.75
N TYR B 5 -34.29 1.33 10.62
CA TYR B 5 -34.22 2.74 10.26
C TYR B 5 -33.19 3.42 11.13
N ALA B 6 -32.70 4.57 10.66
CA ALA B 6 -32.00 5.51 11.51
C ALA B 6 -33.00 6.60 11.90
N THR B 7 -33.02 6.95 13.18
CA THR B 7 -33.93 8.00 13.64
C THR B 7 -33.14 9.00 14.46
N ARG B 8 -33.83 10.03 14.94
CA ARG B 8 -33.17 11.02 15.78
CA ARG B 8 -33.20 11.04 15.80
C ARG B 8 -32.82 10.43 17.15
N HIS B 9 -33.44 9.29 17.48
CA HIS B 9 -33.22 8.61 18.77
C HIS B 9 -32.24 7.44 18.71
N ARG B 10 -32.16 6.76 17.56
CA ARG B 10 -31.29 5.58 17.44
C ARG B 10 -30.67 5.46 16.05
N ALA B 11 -29.39 5.12 15.98
CA ALA B 11 -28.78 4.78 14.69
C ALA B 11 -29.49 3.59 14.06
N ARG B 12 -29.96 2.68 14.92
CA ARG B 12 -30.69 1.50 14.48
C ARG B 12 -32.02 1.37 15.21
N SER B 13 -33.13 1.49 14.48
CA SER B 13 -34.45 1.38 15.10
C SER B 13 -35.44 0.69 14.18
N PHE B 14 -36.48 0.10 14.74
CA PHE B 14 -37.55 -0.48 13.92
C PHE B 14 -38.77 0.42 13.90
N ILE B 15 -38.65 1.57 14.57
CA ILE B 15 -39.64 2.64 14.49
C ILE B 15 -39.27 3.56 13.31
N PRO B 16 -40.18 3.76 12.34
CA PRO B 16 -39.90 4.66 11.22
C PRO B 16 -39.69 6.10 11.68
N PRO B 17 -38.78 6.82 11.03
CA PRO B 17 -38.57 8.22 11.43
C PRO B 17 -39.70 9.14 10.95
N GLU B 18 -40.30 8.82 9.81
CA GLU B 18 -41.36 9.67 9.26
C GLU B 18 -42.71 9.32 9.88
N PRO B 19 -43.46 10.34 10.33
CA PRO B 19 -44.80 10.08 10.87
C PRO B 19 -45.76 9.61 9.77
N GLY B 20 -46.81 8.90 10.16
CA GLY B 20 -47.78 8.42 9.18
C GLY B 20 -47.49 7.09 8.49
N LYS B 21 -46.44 6.39 8.93
CA LYS B 21 -46.08 5.12 8.31
C LYS B 21 -46.48 3.94 9.18
N PRO B 22 -47.26 3.00 8.63
CA PRO B 22 -47.60 1.82 9.44
C PRO B 22 -46.36 0.97 9.60
N TYR B 23 -46.21 0.30 10.73
CA TYR B 23 -45.07 -0.58 10.91
C TYR B 23 -45.38 -1.69 11.90
N PHE B 24 -44.60 -2.77 11.84
CA PHE B 24 -44.65 -3.86 12.81
C PHE B 24 -43.29 -3.99 13.49
N ILE B 25 -43.28 -4.41 14.75
CA ILE B 25 -42.02 -4.66 15.47
C ILE B 25 -42.14 -5.98 16.22
N GLU B 26 -41.22 -6.92 15.95
CA GLU B 26 -41.28 -8.21 16.65
C GLU B 26 -40.89 -8.04 18.14
N LYS B 27 -41.40 -8.94 18.97
CA LYS B 27 -41.13 -8.99 20.40
C LYS B 27 -39.70 -8.61 20.76
N GLY B 28 -39.56 -7.55 21.56
CA GLY B 28 -38.29 -7.16 22.13
C GLY B 28 -37.52 -6.11 21.35
N LEU B 29 -37.94 -5.84 20.12
CA LEU B 29 -37.08 -5.06 19.22
C LEU B 29 -37.46 -3.58 19.13
N GLY B 30 -38.29 -3.10 20.06
CA GLY B 30 -38.48 -1.65 20.21
C GLY B 30 -37.19 -0.96 20.65
N ASP B 31 -37.19 0.36 20.72
CA ASP B 31 -36.00 1.09 21.19
C ASP B 31 -35.78 0.74 22.66
N ARG B 32 -34.54 0.44 23.04
CA ARG B 32 -34.32 -0.14 24.37
C ARG B 32 -33.54 0.82 25.26
N ALA B 33 -33.81 0.73 26.56
CA ALA B 33 -33.10 1.52 27.54
C ALA B 33 -32.88 0.69 28.80
N HIS B 34 -31.81 1.00 29.53
CA HIS B 34 -31.60 0.42 30.85
C HIS B 34 -31.75 1.50 31.92
N LEU B 35 -32.46 1.14 32.99
CA LEU B 35 -32.53 2.00 34.15
C LEU B 35 -32.54 1.10 35.40
N PHE B 36 -31.49 1.21 36.22
CA PHE B 36 -31.21 0.21 37.25
C PHE B 36 -31.24 -1.16 36.60
N GLY B 37 -32.00 -2.10 37.18
CA GLY B 37 -31.99 -3.45 36.65
C GLY B 37 -33.01 -3.67 35.55
N ASP B 38 -33.78 -2.62 35.27
CA ASP B 38 -34.91 -2.71 34.35
C ASP B 38 -34.55 -2.39 32.90
N LEU B 39 -35.21 -3.11 31.98
CA LEU B 39 -35.15 -2.90 30.55
C LEU B 39 -36.45 -2.26 30.09
N ILE B 40 -36.35 -1.08 29.48
CA ILE B 40 -37.54 -0.43 28.94
C ILE B 40 -37.45 -0.51 27.42
N THR B 41 -38.58 -0.84 26.78
CA THR B 41 -38.60 -1.08 25.35
C THR B 41 -39.75 -0.27 24.77
N ILE B 42 -39.42 0.64 23.85
CA ILE B 42 -40.39 1.56 23.28
C ILE B 42 -40.83 1.14 21.90
N TYR B 43 -42.15 0.97 21.72
CA TYR B 43 -42.67 0.54 20.43
C TYR B 43 -43.28 1.68 19.62
N ALA B 44 -43.85 2.67 20.31
CA ALA B 44 -44.31 3.90 19.70
C ALA B 44 -44.04 5.07 20.62
N GLY B 45 -43.64 6.20 20.04
CA GLY B 45 -43.39 7.42 20.80
C GLY B 45 -44.27 8.55 20.31
N GLY B 46 -44.10 9.75 20.89
CA GLY B 46 -44.87 10.91 20.47
C GLY B 46 -44.80 11.25 18.99
N GLU B 47 -43.64 11.03 18.37
CA GLU B 47 -43.50 11.32 16.94
C GLU B 47 -44.47 10.49 16.07
N GLN B 48 -44.95 9.37 16.60
CA GLN B 48 -45.86 8.49 15.84
C GLN B 48 -47.32 8.89 16.00
N THR B 49 -47.62 9.69 17.02
CA THR B 49 -49.00 9.95 17.40
C THR B 49 -49.36 11.42 17.55
N GLU B 50 -48.62 12.30 16.87
CA GLU B 50 -48.75 13.73 17.05
C GLU B 50 -48.69 14.08 18.54
N ASN B 51 -47.79 13.42 19.26
CA ASN B 51 -47.50 13.75 20.65
C ASN B 51 -48.72 13.51 21.53
N THR B 52 -49.53 12.53 21.13
CA THR B 52 -50.73 12.15 21.86
C THR B 52 -50.48 11.03 22.86
N PHE B 53 -49.89 9.92 22.42
CA PHE B 53 -49.61 8.86 23.37
C PHE B 53 -48.35 8.08 22.98
N ASN B 54 -47.97 7.12 23.81
CA ASN B 54 -46.85 6.25 23.51
C ASN B 54 -47.20 4.82 23.87
N PHE B 55 -46.24 3.91 23.73
CA PHE B 55 -46.48 2.52 24.08
C PHE B 55 -45.15 1.86 24.37
N PHE B 56 -45.01 1.27 25.55
CA PHE B 56 -43.71 0.72 25.90
C PHE B 56 -43.87 -0.39 26.94
N THR B 57 -42.85 -1.22 27.06
CA THR B 57 -42.82 -2.19 28.13
C THR B 57 -41.68 -1.90 29.09
N CYS B 58 -41.83 -2.39 30.31
CA CYS B 58 -40.79 -2.32 31.33
C CYS B 58 -40.63 -3.72 31.92
N GLU B 59 -39.42 -4.24 32.00
CA GLU B 59 -39.24 -5.60 32.53
C GLU B 59 -37.98 -5.65 33.36
N GLY B 60 -37.97 -6.50 34.38
CA GLY B 60 -36.87 -6.45 35.32
C GLY B 60 -36.77 -7.67 36.23
N PRO B 61 -35.68 -7.73 37.00
CA PRO B 61 -35.51 -8.80 37.97
C PRO B 61 -36.39 -8.54 39.17
N LYS B 62 -36.53 -9.55 40.01
CA LYS B 62 -37.20 -9.40 41.29
C LYS B 62 -36.38 -8.38 42.04
N GLY B 63 -37.00 -7.36 42.59
CA GLY B 63 -36.21 -6.28 43.15
C GLY B 63 -36.92 -5.49 44.22
N GLU B 64 -36.31 -4.36 44.57
CA GLU B 64 -36.90 -3.45 45.53
C GLU B 64 -37.76 -2.40 44.82
N VAL B 65 -38.60 -1.75 45.61
CA VAL B 65 -39.45 -0.68 45.10
C VAL B 65 -38.59 0.42 44.47
N ILE B 66 -38.97 0.88 43.28
CA ILE B 66 -38.27 1.96 42.58
C ILE B 66 -38.48 3.28 43.33
N PRO B 67 -37.78 4.37 42.93
CA PRO B 67 -38.01 5.60 43.70
C PRO B 67 -39.44 6.13 43.60
N ALA B 68 -40.02 6.52 44.73
CA ALA B 68 -41.29 7.24 44.71
C ALA B 68 -41.13 8.51 43.89
N HIS B 69 -42.15 8.82 43.08
CA HIS B 69 -42.12 9.98 42.21
C HIS B 69 -43.53 10.33 41.77
N SER B 70 -43.69 11.52 41.20
CA SER B 70 -44.99 11.94 40.68
C SER B 70 -44.81 12.63 39.33
N HIS B 71 -45.89 12.77 38.58
CA HIS B 71 -45.86 13.49 37.31
C HIS B 71 -46.94 14.53 37.35
N ALA B 72 -46.61 15.75 36.94
CA ALA B 72 -47.54 16.86 37.10
C ALA B 72 -48.57 16.95 35.98
N ASP B 73 -48.28 16.36 34.81
CA ASP B 73 -49.20 16.50 33.69
C ASP B 73 -49.30 15.22 32.88
N THR B 74 -48.88 14.12 33.50
CA THR B 74 -48.78 12.84 32.81
C THR B 74 -49.58 11.78 33.56
N TYR B 75 -50.32 10.98 32.79
CA TYR B 75 -51.10 9.86 33.29
C TYR B 75 -50.43 8.54 32.94
N GLU B 76 -50.42 7.58 33.86
CA GLU B 76 -49.69 6.34 33.60
C GLU B 76 -50.53 5.09 33.77
N VAL B 77 -50.37 4.18 32.81
CA VAL B 77 -50.94 2.85 32.85
C VAL B 77 -49.88 1.82 33.22
N PHE B 78 -50.28 0.89 34.08
CA PHE B 78 -49.52 -0.31 34.41
C PHE B 78 -50.38 -1.50 34.05
N TYR B 79 -50.00 -2.24 33.01
CA TYR B 79 -50.75 -3.43 32.64
C TYR B 79 -49.76 -4.59 32.64
N ILE B 80 -49.96 -5.52 33.58
CA ILE B 80 -48.98 -6.57 33.81
C ILE B 80 -49.09 -7.64 32.75
N THR B 81 -47.96 -8.03 32.17
CA THR B 81 -47.99 -9.13 31.20
C THR B 81 -47.22 -10.36 31.64
N GLN B 82 -46.28 -10.18 32.58
CA GLN B 82 -45.48 -11.31 33.08
CA GLN B 82 -45.43 -11.28 33.07
C GLN B 82 -45.13 -11.06 34.54
N GLY B 83 -45.00 -12.15 35.28
CA GLY B 83 -44.55 -12.06 36.66
C GLY B 83 -45.64 -11.50 37.55
N ALA B 84 -45.24 -10.68 38.50
CA ALA B 84 -46.18 -10.05 39.41
C ALA B 84 -45.54 -8.78 39.91
N VAL B 85 -46.30 -7.69 39.88
CA VAL B 85 -45.74 -6.40 40.20
C VAL B 85 -46.60 -5.72 41.24
N ARG B 86 -46.00 -5.28 42.34
CA ARG B 86 -46.81 -4.60 43.35
C ARG B 86 -46.81 -3.10 43.08
N LEU B 87 -47.99 -2.53 42.91
CA LEU B 87 -48.08 -1.10 42.62
C LEU B 87 -48.51 -0.31 43.85
N PHE B 88 -47.75 0.75 44.14
CA PHE B 88 -48.03 1.61 45.27
C PHE B 88 -48.47 2.98 44.76
N VAL B 89 -49.58 3.48 45.26
CA VAL B 89 -50.03 4.82 44.86
C VAL B 89 -50.71 5.57 46.01
N GLU B 90 -50.47 6.88 46.07
CA GLU B 90 -51.13 7.72 47.04
C GLU B 90 -52.03 8.67 46.29
N ASP B 91 -53.30 8.71 46.65
CA ASP B 91 -54.24 9.54 45.90
C ASP B 91 -54.08 11.00 46.30
N LEU B 92 -54.88 11.87 45.69
CA LEU B 92 -54.74 13.30 45.89
C LEU B 92 -55.08 13.74 47.31
N GLU B 93 -55.56 12.82 48.14
CA GLU B 93 -55.99 13.19 49.48
C GLU B 93 -55.19 12.48 50.55
N GLY B 94 -54.10 11.84 50.14
CA GLY B 94 -53.14 11.26 51.07
C GLY B 94 -53.36 9.81 51.44
N GLU B 95 -54.45 9.22 50.97
CA GLU B 95 -54.70 7.81 51.21
C GLU B 95 -53.80 6.97 50.31
N GLN B 96 -53.01 6.10 50.92
CA GLN B 96 -52.14 5.24 50.15
C GLN B 96 -52.83 3.92 49.85
N HIS B 97 -52.50 3.34 48.71
CA HIS B 97 -53.07 2.08 48.24
C HIS B 97 -51.97 1.23 47.61
N GLU B 98 -52.07 -0.07 47.82
CA GLU B 98 -51.14 -1.00 47.17
C GLU B 98 -51.91 -2.21 46.66
N LYS B 99 -51.49 -2.74 45.53
CA LYS B 99 -52.02 -4.01 45.06
C LYS B 99 -50.97 -4.82 44.33
N LEU B 100 -50.95 -6.12 44.60
CA LEU B 100 -50.12 -7.01 43.80
C LEU B 100 -50.85 -7.29 42.47
N LEU B 101 -50.26 -6.83 41.37
CA LEU B 101 -50.90 -7.01 40.08
C LEU B 101 -50.29 -8.20 39.35
N THR B 102 -51.15 -9.10 38.87
CA THR B 102 -50.69 -10.30 38.17
C THR B 102 -51.06 -10.13 36.67
N PRO B 103 -50.59 -11.05 35.80
CA PRO B 103 -50.74 -10.73 34.37
C PRO B 103 -52.21 -10.61 33.92
N GLY B 104 -52.48 -9.51 33.20
CA GLY B 104 -53.84 -9.18 32.80
C GLY B 104 -54.53 -8.19 33.74
N ASP B 105 -53.91 -7.96 34.91
CA ASP B 105 -54.37 -6.94 35.86
C ASP B 105 -53.89 -5.54 35.44
N PHE B 106 -54.59 -4.51 35.91
CA PHE B 106 -54.40 -3.14 35.43
C PHE B 106 -54.30 -2.18 36.60
N GLY B 107 -53.37 -1.24 36.52
CA GLY B 107 -53.32 -0.16 37.49
C GLY B 107 -53.26 1.18 36.78
N PHE B 108 -53.88 2.20 37.38
CA PHE B 108 -53.88 3.53 36.76
C PHE B 108 -53.46 4.61 37.75
N VAL B 109 -52.48 5.40 37.35
CA VAL B 109 -51.97 6.47 38.19
C VAL B 109 -52.18 7.84 37.53
N PRO B 110 -53.13 8.61 38.05
CA PRO B 110 -53.39 9.95 37.54
C PRO B 110 -52.24 10.90 37.86
N LYS B 111 -52.21 12.02 37.15
CA LYS B 111 -51.21 13.03 37.41
C LYS B 111 -51.27 13.46 38.88
N ASN B 112 -50.12 13.91 39.38
CA ASN B 112 -49.95 14.40 40.76
C ASN B 112 -50.07 13.37 41.88
N CYS B 113 -50.36 12.12 41.53
CA CYS B 113 -50.35 11.06 42.53
C CYS B 113 -48.98 10.45 42.64
N VAL B 114 -48.43 10.38 43.86
CA VAL B 114 -47.13 9.76 44.01
C VAL B 114 -47.28 8.23 43.94
N HIS B 115 -46.31 7.58 43.32
CA HIS B 115 -46.43 6.17 43.02
C HIS B 115 -45.07 5.52 42.95
N ALA B 116 -45.05 4.20 43.00
CA ALA B 116 -43.84 3.42 42.88
C ALA B 116 -44.27 1.99 42.67
N TYR B 117 -43.35 1.16 42.22
CA TYR B 117 -43.72 -0.23 41.98
C TYR B 117 -42.53 -1.09 42.36
N ARG B 118 -42.81 -2.37 42.56
CA ARG B 118 -41.80 -3.34 42.92
C ARG B 118 -42.05 -4.61 42.15
N MET B 119 -41.06 -5.11 41.43
CA MET B 119 -41.23 -6.40 40.75
C MET B 119 -41.02 -7.57 41.72
N GLU B 120 -42.01 -8.46 41.81
CA GLU B 120 -41.94 -9.53 42.82
C GLU B 120 -41.73 -10.93 42.25
N ARG B 121 -41.48 -11.00 40.93
CA ARG B 121 -40.99 -12.21 40.26
C ARG B 121 -39.85 -11.85 39.32
N HIS B 122 -38.92 -12.80 39.09
CA HIS B 122 -37.85 -12.56 38.13
CA HIS B 122 -37.86 -12.48 38.15
C HIS B 122 -38.41 -12.40 36.74
N HIS B 123 -38.00 -11.34 36.04
CA HIS B 123 -38.41 -11.03 34.69
C HIS B 123 -39.92 -10.81 34.62
N SER B 124 -40.43 -10.01 35.55
CA SER B 124 -41.79 -9.47 35.44
C SER B 124 -41.79 -8.45 34.29
N GLN B 125 -42.96 -8.17 33.74
CA GLN B 125 -43.10 -7.26 32.61
C GLN B 125 -44.39 -6.47 32.72
N VAL B 126 -44.28 -5.18 32.43
CA VAL B 126 -45.38 -4.23 32.49
C VAL B 126 -45.52 -3.59 31.13
N VAL B 127 -46.76 -3.48 30.64
CA VAL B 127 -47.06 -2.62 29.50
C VAL B 127 -47.44 -1.25 30.04
N GLY B 128 -46.83 -0.21 29.47
CA GLY B 128 -47.12 1.12 29.90
C GLY B 128 -47.53 2.07 28.78
N VAL B 129 -48.32 3.05 29.19
CA VAL B 129 -48.56 4.25 28.43
C VAL B 129 -48.35 5.36 29.44
N ALA B 130 -47.70 6.44 29.01
CA ALA B 130 -47.42 7.57 29.90
C ALA B 130 -47.47 8.85 29.08
N ALA B 131 -48.62 9.50 29.13
CA ALA B 131 -48.85 10.70 28.35
C ALA B 131 -49.86 11.63 29.02
N GLY B 132 -50.08 12.77 28.40
CA GLY B 132 -50.93 13.76 29.01
C GLY B 132 -51.03 14.95 28.10
N PRO B 133 -51.79 15.96 28.54
CA PRO B 133 -52.04 17.13 27.70
C PRO B 133 -50.75 17.82 27.26
N GLY B 134 -49.68 17.65 28.03
CA GLY B 134 -48.40 18.26 27.71
C GLY B 134 -47.52 17.46 26.74
N GLY B 135 -47.81 16.18 26.54
CA GLY B 135 -47.00 15.38 25.63
C GLY B 135 -46.73 13.98 26.15
N THR B 136 -45.68 13.34 25.62
CA THR B 136 -45.40 11.94 25.94
C THR B 136 -44.03 11.75 26.63
N PHE B 137 -43.96 10.75 27.49
CA PHE B 137 -42.93 10.65 28.53
C PHE B 137 -41.77 9.68 28.21
N GLU B 138 -41.88 8.96 27.10
CA GLU B 138 -41.13 7.72 26.92
C GLU B 138 -39.61 7.88 26.84
N ARG B 139 -39.12 9.05 26.42
CA ARG B 139 -37.67 9.19 26.29
C ARG B 139 -37.01 9.52 27.63
N PHE B 140 -37.81 9.58 28.69
CA PHE B 140 -37.28 9.79 30.04
C PHE B 140 -36.33 8.66 30.43
N PHE B 141 -36.72 7.42 30.12
CA PHE B 141 -35.96 6.27 30.61
C PHE B 141 -34.51 6.26 30.12
N GLU B 142 -34.29 6.56 28.83
CA GLU B 142 -32.93 6.54 28.31
C GLU B 142 -32.16 7.79 28.72
N SER B 143 -32.89 8.80 29.19
CA SER B 143 -32.27 10.04 29.64
C SER B 143 -31.78 9.96 31.09
N LEU B 144 -32.60 9.39 31.97
CA LEU B 144 -32.16 9.15 33.34
C LEU B 144 -31.19 7.96 33.34
N GLY B 145 -31.58 6.91 32.63
CA GLY B 145 -30.75 5.74 32.46
C GLY B 145 -29.87 5.87 31.23
N THR B 146 -29.92 4.88 30.35
CA THR B 146 -29.10 4.90 29.15
C THR B 146 -29.82 4.19 28.02
N PRO B 147 -29.60 4.63 26.77
CA PRO B 147 -30.04 3.79 25.66
C PRO B 147 -29.19 2.53 25.63
N ALA B 148 -29.75 1.44 25.11
CA ALA B 148 -29.05 0.18 25.08
C ALA B 148 -29.25 -0.48 23.73
N GLU B 149 -28.19 -1.07 23.17
CA GLU B 149 -28.32 -1.83 21.93
C GLU B 149 -28.53 -3.32 22.23
N GLU B 150 -28.03 -3.79 23.38
CA GLU B 150 -28.20 -5.19 23.83
C GLU B 150 -29.67 -5.59 23.84
N LEU B 151 -29.94 -6.89 23.65
CA LEU B 151 -31.27 -7.40 23.99
C LEU B 151 -31.20 -8.01 25.37
N GLY B 152 -32.35 -8.08 26.03
CA GLY B 152 -32.44 -8.75 27.32
C GLY B 152 -32.28 -7.84 28.51
N LEU B 153 -32.52 -8.38 29.70
CA LEU B 153 -32.28 -7.62 30.93
C LEU B 153 -30.82 -7.21 30.99
N PRO B 154 -30.54 -6.00 31.50
CA PRO B 154 -29.14 -5.63 31.72
C PRO B 154 -28.45 -6.64 32.63
N VAL B 155 -27.21 -7.01 32.31
CA VAL B 155 -26.54 -8.04 33.08
C VAL B 155 -26.23 -7.50 34.49
N ARG B 156 -26.03 -6.20 34.56
CA ARG B 156 -25.73 -5.52 35.80
C ARG B 156 -26.49 -4.20 35.68
N PRO B 157 -26.96 -3.65 36.81
CA PRO B 157 -27.85 -2.49 36.72
C PRO B 157 -27.16 -1.22 36.27
N PHE B 158 -27.86 -0.39 35.49
CA PHE B 158 -27.35 0.94 35.19
C PHE B 158 -27.76 1.93 36.29
N VAL B 159 -26.79 2.42 37.05
CA VAL B 159 -27.08 3.34 38.15
C VAL B 159 -26.74 4.76 37.73
N PRO B 160 -27.77 5.62 37.58
CA PRO B 160 -27.55 6.99 37.10
C PRO B 160 -26.72 7.78 38.09
N GLU B 161 -25.84 8.63 37.57
CA GLU B 161 -25.12 9.59 38.40
C GLU B 161 -26.12 10.47 39.14
N PRO B 162 -25.81 10.82 40.40
CA PRO B 162 -26.71 11.67 41.20
C PRO B 162 -27.11 12.95 40.47
N GLU B 163 -26.21 13.45 39.62
CA GLU B 163 -26.48 14.63 38.82
C GLU B 163 -27.68 14.46 37.88
N LYS B 164 -27.84 13.26 37.34
CA LYS B 164 -28.93 12.97 36.40
C LYS B 164 -30.30 13.17 37.07
N PHE B 165 -30.37 12.89 38.37
CA PHE B 165 -31.61 13.04 39.11
C PHE B 165 -31.98 14.51 39.27
N ARG B 166 -30.98 15.38 39.17
CA ARG B 166 -31.21 16.82 39.26
C ARG B 166 -31.62 17.41 37.92
N THR B 167 -30.99 16.93 36.84
CA THR B 167 -31.17 17.53 35.53
C THR B 167 -32.36 16.97 34.76
N VAL B 168 -32.61 15.67 34.88
CA VAL B 168 -33.66 15.04 34.10
C VAL B 168 -35.05 15.67 34.29
N PRO B 169 -35.44 16.04 35.54
CA PRO B 169 -36.73 16.75 35.69
C PRO B 169 -36.84 18.04 34.86
N GLU B 170 -35.71 18.64 34.51
CA GLU B 170 -35.74 19.88 33.76
C GLU B 170 -36.10 19.63 32.29
N GLN B 171 -36.17 18.36 31.92
CA GLN B 171 -36.52 17.98 30.56
C GLN B 171 -37.79 17.11 30.53
N TYR B 172 -37.98 16.30 31.58
CA TYR B 172 -39.10 15.35 31.62
C TYR B 172 -40.02 15.58 32.81
N ASP B 173 -41.32 15.38 32.59
CA ASP B 173 -42.33 15.61 33.62
C ASP B 173 -42.25 14.55 34.74
N VAL B 174 -41.32 14.74 35.65
CA VAL B 174 -41.14 13.83 36.76
C VAL B 174 -40.59 14.57 37.98
N ARG B 175 -41.16 14.29 39.15
CA ARG B 175 -40.64 14.83 40.39
C ARG B 175 -40.35 13.70 41.36
N PHE B 176 -39.09 13.57 41.74
CA PHE B 176 -38.72 12.51 42.65
C PHE B 176 -39.09 12.88 44.08
N ARG B 177 -39.56 11.90 44.85
CA ARG B 177 -39.97 12.11 46.22
C ARG B 177 -39.16 11.25 47.18
N PRO B 178 -37.86 11.55 47.34
CA PRO B 178 -37.07 10.72 48.25
C PRO B 178 -37.56 10.83 49.70
N ASP B 179 -38.40 11.83 49.97
CA ASP B 179 -39.00 12.00 51.29
C ASP B 179 -40.14 11.01 51.58
N HIS B 180 -40.65 10.38 50.53
CA HIS B 180 -41.89 9.61 50.66
C HIS B 180 -41.71 8.29 51.39
N GLN B 181 -42.67 7.98 52.25
CA GLN B 181 -42.72 6.70 52.94
C GLN B 181 -44.03 5.97 52.65
N TRP B 182 -43.93 4.67 52.35
CA TRP B 182 -45.12 3.85 52.15
C TRP B 182 -45.52 3.15 53.44
N HIS B 183 -46.77 3.37 53.87
CA HIS B 183 -47.30 2.70 55.07
C HIS B 183 -48.48 1.80 54.73
N THR B 184 -48.27 0.79 53.89
CA THR B 184 -49.36 -0.09 53.47
C THR B 184 -49.01 -1.57 53.45
N GLY B 185 -47.72 -1.89 53.58
CA GLY B 185 -47.23 -3.25 53.43
C GLY B 185 -47.88 -4.26 54.36
N ILE C 3 15.55 2.81 -59.78
CA ILE C 3 16.72 3.67 -59.76
C ILE C 3 17.27 3.83 -58.34
N GLU C 4 18.50 4.33 -58.25
CA GLU C 4 19.25 4.34 -56.98
C GLU C 4 19.38 5.72 -56.38
N TYR C 5 19.94 5.77 -55.18
CA TYR C 5 20.11 7.05 -54.49
C TYR C 5 21.59 7.30 -54.19
N ALA C 6 21.93 8.57 -54.07
CA ALA C 6 23.21 8.96 -53.48
C ALA C 6 22.96 9.35 -52.03
N THR C 7 23.70 8.74 -51.11
CA THR C 7 23.53 9.05 -49.70
C THR C 7 24.82 9.48 -49.01
N ARG C 8 24.70 9.74 -47.72
CA ARG C 8 25.83 10.00 -46.85
C ARG C 8 26.83 8.82 -46.85
N HIS C 9 26.35 7.62 -47.18
CA HIS C 9 27.14 6.39 -47.00
C HIS C 9 27.62 5.73 -48.29
N ARG C 10 26.91 5.96 -49.39
CA ARG C 10 27.21 5.31 -50.66
C ARG C 10 26.94 6.24 -51.82
N ALA C 11 27.80 6.22 -52.83
CA ALA C 11 27.54 6.92 -54.08
C ALA C 11 26.30 6.32 -54.74
N ARG C 12 26.11 5.02 -54.52
CA ARG C 12 24.97 4.29 -55.08
C ARG C 12 24.29 3.44 -54.00
N SER C 13 23.05 3.75 -53.70
CA SER C 13 22.30 3.01 -52.67
C SER C 13 20.82 2.89 -52.99
N PHE C 14 20.18 1.83 -52.48
CA PHE C 14 18.74 1.65 -52.66
C PHE C 14 17.99 2.13 -51.42
N ILE C 15 18.75 2.62 -50.44
CA ILE C 15 18.18 3.30 -49.29
C ILE C 15 18.06 4.79 -49.58
N PRO C 16 16.83 5.34 -49.60
CA PRO C 16 16.64 6.77 -49.87
C PRO C 16 17.32 7.61 -48.80
N PRO C 17 17.92 8.75 -49.20
CA PRO C 17 18.62 9.58 -48.22
C PRO C 17 17.68 10.31 -47.26
N GLU C 18 16.50 10.71 -47.71
CA GLU C 18 15.59 11.45 -46.83
C GLU C 18 14.74 10.53 -45.97
N PRO C 19 14.53 10.90 -44.70
CA PRO C 19 13.59 10.14 -43.88
C PRO C 19 12.15 10.29 -44.38
N GLY C 20 11.29 9.34 -44.02
CA GLY C 20 9.86 9.49 -44.29
C GLY C 20 9.43 8.94 -45.63
N LYS C 21 10.37 8.31 -46.35
CA LYS C 21 10.09 7.74 -47.66
C LYS C 21 10.04 6.21 -47.62
N PRO C 22 8.92 5.63 -48.06
CA PRO C 22 8.85 4.16 -48.13
C PRO C 22 9.71 3.64 -49.27
N TYR C 23 10.25 2.45 -49.11
CA TYR C 23 11.09 1.91 -50.16
C TYR C 23 11.12 0.39 -50.08
N PHE C 24 11.52 -0.23 -51.20
CA PHE C 24 11.70 -1.67 -51.25
C PHE C 24 13.11 -1.98 -51.71
N ILE C 25 13.66 -3.11 -51.27
CA ILE C 25 15.01 -3.51 -51.70
C ILE C 25 15.02 -5.00 -51.95
N GLU C 26 15.36 -5.42 -53.18
CA GLU C 26 15.48 -6.84 -53.48
C GLU C 26 16.62 -7.51 -52.74
N LYS C 27 16.45 -8.81 -52.53
CA LYS C 27 17.42 -9.69 -51.90
C LYS C 27 18.88 -9.33 -52.26
N GLY C 28 19.66 -9.00 -51.24
CA GLY C 28 21.07 -8.74 -51.39
C GLY C 28 21.49 -7.32 -51.72
N LEU C 29 20.54 -6.44 -52.03
CA LEU C 29 20.93 -5.14 -52.60
C LEU C 29 20.92 -3.98 -51.58
N GLY C 30 20.90 -4.30 -50.29
CA GLY C 30 21.12 -3.28 -49.27
C GLY C 30 22.56 -2.81 -49.31
N ASP C 31 22.92 -1.82 -48.47
CA ASP C 31 24.30 -1.35 -48.44
C ASP C 31 25.21 -2.46 -47.92
N ARG C 32 26.32 -2.69 -48.60
CA ARG C 32 27.14 -3.87 -48.28
C ARG C 32 28.48 -3.49 -47.66
N ALA C 33 28.95 -4.35 -46.75
CA ALA C 33 30.25 -4.17 -46.13
C ALA C 33 30.93 -5.53 -46.01
N HIS C 34 32.26 -5.53 -45.98
CA HIS C 34 33.00 -6.76 -45.75
C HIS C 34 33.76 -6.64 -44.44
N LEU C 35 33.72 -7.71 -43.66
CA LEU C 35 34.45 -7.73 -42.40
C LEU C 35 34.89 -9.17 -42.15
N PHE C 36 36.20 -9.39 -42.13
CA PHE C 36 36.77 -10.72 -42.23
C PHE C 36 36.17 -11.43 -43.44
N GLY C 37 35.65 -12.64 -43.27
CA GLY C 37 35.12 -13.38 -44.40
C GLY C 37 33.65 -13.12 -44.64
N ASP C 38 33.07 -12.24 -43.82
CA ASP C 38 31.62 -12.05 -43.82
C ASP C 38 31.16 -10.86 -44.66
N LEU C 39 29.91 -10.96 -45.13
CA LEU C 39 29.26 -9.89 -45.87
C LEU C 39 28.09 -9.39 -45.05
N ILE C 40 28.10 -8.10 -44.74
CA ILE C 40 26.99 -7.50 -43.99
C ILE C 40 26.17 -6.67 -44.95
N THR C 41 24.84 -6.80 -44.89
CA THR C 41 24.01 -6.04 -45.82
C THR C 41 22.98 -5.25 -45.02
N ILE C 42 23.01 -3.93 -45.17
CA ILE C 42 22.11 -3.04 -44.42
C ILE C 42 20.88 -2.64 -45.22
N TYR C 43 19.69 -2.94 -44.69
CA TYR C 43 18.46 -2.58 -45.37
C TYR C 43 17.81 -1.32 -44.80
N ALA C 44 18.01 -1.09 -43.50
CA ALA C 44 17.57 0.16 -42.88
C ALA C 44 18.56 0.55 -41.81
N GLY C 45 18.85 1.82 -41.69
CA GLY C 45 19.69 2.32 -40.61
C GLY C 45 18.99 3.35 -39.75
N GLY C 46 19.74 4.03 -38.89
CA GLY C 46 19.20 4.99 -37.95
C GLY C 46 18.53 6.19 -38.62
N GLU C 47 19.08 6.61 -39.74
CA GLU C 47 18.48 7.67 -40.52
C GLU C 47 17.01 7.38 -40.89
N GLN C 48 16.67 6.10 -41.03
CA GLN C 48 15.32 5.71 -41.47
C GLN C 48 14.31 5.68 -40.31
N THR C 49 14.81 5.61 -39.08
CA THR C 49 13.96 5.28 -37.93
C THR C 49 14.07 6.26 -36.77
N GLU C 50 14.52 7.47 -37.07
CA GLU C 50 14.85 8.45 -36.03
C GLU C 50 15.79 7.83 -35.00
N ASN C 51 16.77 7.07 -35.49
CA ASN C 51 17.84 6.49 -34.67
C ASN C 51 17.28 5.52 -33.62
N THR C 52 16.19 4.85 -33.97
CA THR C 52 15.51 3.93 -33.07
C THR C 52 15.96 2.49 -33.28
N PHE C 53 15.95 2.03 -34.53
CA PHE C 53 16.45 0.69 -34.82
C PHE C 53 17.02 0.58 -36.24
N ASN C 54 17.54 -0.59 -36.56
CA ASN C 54 18.11 -0.82 -37.87
C ASN C 54 17.73 -2.24 -38.32
N PHE C 55 18.17 -2.65 -39.50
CA PHE C 55 17.88 -4.00 -39.97
C PHE C 55 18.96 -4.39 -40.97
N PHE C 56 19.60 -5.52 -40.72
CA PHE C 56 20.73 -5.91 -41.57
C PHE C 56 20.87 -7.44 -41.56
N THR C 57 21.61 -8.00 -42.52
CA THR C 57 21.95 -9.42 -42.51
C THR C 57 23.45 -9.57 -42.46
N CYS C 58 23.86 -10.72 -41.95
CA CYS C 58 25.28 -11.08 -41.87
CA CYS C 58 25.28 -11.05 -41.90
C CYS C 58 25.42 -12.47 -42.45
N GLU C 59 26.32 -12.67 -43.40
CA GLU C 59 26.45 -13.99 -43.99
C GLU C 59 27.91 -14.28 -44.29
N GLY C 60 28.28 -15.55 -44.30
CA GLY C 60 29.69 -15.86 -44.36
C GLY C 60 30.00 -17.33 -44.50
N PRO C 61 31.29 -17.64 -44.70
CA PRO C 61 31.76 -19.00 -44.87
C PRO C 61 31.74 -19.75 -43.54
N LYS C 62 31.78 -21.06 -43.61
CA LYS C 62 32.00 -21.88 -42.42
C LYS C 62 33.32 -21.41 -41.82
N GLY C 63 33.31 -21.02 -40.56
CA GLY C 63 34.55 -20.49 -40.03
C GLY C 63 34.69 -20.64 -38.54
N GLU C 64 35.59 -19.86 -37.97
CA GLU C 64 35.81 -19.82 -36.53
C GLU C 64 35.06 -18.64 -35.90
N VAL C 65 35.06 -18.62 -34.57
CA VAL C 65 34.35 -17.58 -33.84
C VAL C 65 34.83 -16.18 -34.20
N ILE C 66 33.91 -15.24 -34.34
CA ILE C 66 34.28 -13.85 -34.44
C ILE C 66 34.85 -13.39 -33.09
N PRO C 67 35.51 -12.24 -33.05
CA PRO C 67 36.06 -11.80 -31.76
C PRO C 67 35.00 -11.64 -30.65
N ALA C 68 35.28 -12.14 -29.46
CA ALA C 68 34.37 -11.94 -28.33
C ALA C 68 34.30 -10.46 -28.04
N HIS C 69 33.11 -9.97 -27.73
CA HIS C 69 32.95 -8.53 -27.53
C HIS C 69 31.66 -8.24 -26.75
N SER C 70 31.52 -7.01 -26.28
CA SER C 70 30.24 -6.56 -25.74
C SER C 70 29.89 -5.16 -26.20
N HIS C 71 28.64 -4.79 -25.95
CA HIS C 71 28.13 -3.47 -26.27
C HIS C 71 27.57 -2.85 -24.99
N ALA C 72 27.99 -1.65 -24.64
CA ALA C 72 27.58 -1.04 -23.38
C ALA C 72 26.10 -0.60 -23.40
N ASP C 73 25.61 -0.19 -24.56
CA ASP C 73 24.30 0.46 -24.64
C ASP C 73 23.45 -0.11 -25.76
N THR C 74 23.80 -1.28 -26.26
CA THR C 74 23.18 -1.83 -27.47
C THR C 74 22.70 -3.25 -27.22
N TYR C 75 21.48 -3.55 -27.70
CA TYR C 75 20.92 -4.89 -27.62
C TYR C 75 20.95 -5.49 -29.01
N GLU C 76 21.16 -6.80 -29.09
CA GLU C 76 21.33 -7.44 -30.39
C GLU C 76 20.49 -8.68 -30.56
N VAL C 77 19.88 -8.76 -31.73
CA VAL C 77 19.17 -9.93 -32.19
C VAL C 77 19.98 -10.75 -33.19
N PHE C 78 19.92 -12.07 -33.00
CA PHE C 78 20.40 -13.02 -34.00
C PHE C 78 19.24 -13.90 -34.43
N TYR C 79 18.81 -13.79 -35.67
CA TYR C 79 17.74 -14.64 -36.17
C TYR C 79 18.26 -15.37 -37.40
N ILE C 80 18.39 -16.67 -37.30
CA ILE C 80 19.07 -17.42 -38.37
C ILE C 80 18.16 -17.64 -39.57
N THR C 81 18.66 -17.33 -40.77
CA THR C 81 17.87 -17.57 -42.00
C THR C 81 18.49 -18.64 -42.90
N GLN C 82 19.81 -18.86 -42.82
CA GLN C 82 20.47 -19.89 -43.62
CA GLN C 82 20.45 -19.92 -43.60
C GLN C 82 21.56 -20.62 -42.82
N GLY C 83 21.78 -21.90 -43.12
CA GLY C 83 22.91 -22.60 -42.51
C GLY C 83 22.67 -22.88 -41.04
N ALA C 84 23.73 -22.75 -40.24
CA ALA C 84 23.64 -23.02 -38.80
C ALA C 84 24.70 -22.20 -38.08
N VAL C 85 24.29 -21.51 -37.03
CA VAL C 85 25.16 -20.56 -36.37
C VAL C 85 25.19 -20.85 -34.87
N ARG C 86 26.39 -21.10 -34.33
CA ARG C 86 26.53 -21.33 -32.91
C ARG C 86 26.75 -20.00 -32.20
N LEU C 87 25.85 -19.65 -31.28
CA LEU C 87 25.91 -18.38 -30.55
C LEU C 87 26.40 -18.61 -29.12
N PHE C 88 27.42 -17.86 -28.72
CA PHE C 88 28.00 -17.93 -27.38
C PHE C 88 27.64 -16.67 -26.63
N VAL C 89 27.19 -16.78 -25.40
CA VAL C 89 26.92 -15.57 -24.64
C VAL C 89 27.14 -15.82 -23.15
N GLU C 90 27.73 -14.82 -22.49
CA GLU C 90 27.95 -14.86 -21.06
C GLU C 90 27.02 -13.85 -20.40
N ASP C 91 26.21 -14.30 -19.45
CA ASP C 91 25.25 -13.39 -18.83
C ASP C 91 25.96 -12.47 -17.83
N LEU C 92 25.20 -11.59 -17.20
CA LEU C 92 25.79 -10.59 -16.30
C LEU C 92 26.38 -11.24 -15.05
N GLU C 93 25.97 -12.47 -14.77
CA GLU C 93 26.42 -13.18 -13.58
C GLU C 93 27.62 -14.08 -13.86
N GLY C 94 28.12 -14.03 -15.09
CA GLY C 94 29.31 -14.78 -15.46
C GLY C 94 29.07 -16.17 -16.02
N GLU C 95 27.80 -16.60 -16.09
CA GLU C 95 27.50 -17.93 -16.59
C GLU C 95 27.45 -17.92 -18.11
N GLN C 96 28.13 -18.88 -18.72
CA GLN C 96 28.17 -18.92 -20.18
C GLN C 96 27.14 -19.89 -20.78
N HIS C 97 26.68 -19.57 -21.98
CA HIS C 97 25.68 -20.37 -22.67
C HIS C 97 26.03 -20.45 -24.14
N GLU C 98 25.86 -21.62 -24.74
CA GLU C 98 26.00 -21.74 -26.19
C GLU C 98 24.84 -22.52 -26.77
N LYS C 99 24.51 -22.17 -28.01
CA LYS C 99 23.43 -22.84 -28.70
C LYS C 99 23.67 -22.81 -30.18
N LEU C 100 23.49 -23.95 -30.84
CA LEU C 100 23.49 -23.99 -32.29
C LEU C 100 22.12 -23.56 -32.76
N LEU C 101 22.06 -22.42 -33.45
CA LEU C 101 20.80 -21.92 -33.96
C LEU C 101 20.66 -22.29 -35.42
N THR C 102 19.50 -22.87 -35.77
CA THR C 102 19.21 -23.26 -37.15
C THR C 102 18.13 -22.30 -37.68
N PRO C 103 17.85 -22.32 -39.00
CA PRO C 103 17.02 -21.24 -39.55
C PRO C 103 15.65 -21.16 -38.89
N GLY C 104 15.27 -19.95 -38.47
CA GLY C 104 14.01 -19.75 -37.77
C GLY C 104 14.23 -19.69 -36.26
N ASP C 105 15.42 -20.12 -35.79
CA ASP C 105 15.78 -19.99 -34.35
C ASP C 105 16.28 -18.58 -34.03
N PHE C 106 16.21 -18.23 -32.75
CA PHE C 106 16.40 -16.86 -32.31
C PHE C 106 17.35 -16.78 -31.13
N GLY C 107 18.28 -15.83 -31.15
CA GLY C 107 19.06 -15.54 -29.96
C GLY C 107 19.07 -14.06 -29.65
N PHE C 108 19.15 -13.74 -28.36
CA PHE C 108 19.10 -12.34 -27.95
C PHE C 108 20.21 -12.06 -26.97
N VAL C 109 20.98 -11.02 -27.28
CA VAL C 109 22.10 -10.60 -26.44
C VAL C 109 21.87 -9.22 -25.89
N PRO C 110 21.56 -9.12 -24.58
CA PRO C 110 21.38 -7.82 -23.97
C PRO C 110 22.70 -7.04 -23.84
N LYS C 111 22.59 -5.75 -23.58
CA LYS C 111 23.78 -4.94 -23.36
C LYS C 111 24.63 -5.51 -22.22
N ASN C 112 25.95 -5.29 -22.35
CA ASN C 112 26.99 -5.67 -21.39
C ASN C 112 27.23 -7.17 -21.25
N CYS C 113 26.59 -7.96 -22.09
CA CYS C 113 26.82 -9.40 -22.11
C CYS C 113 27.85 -9.74 -23.17
N VAL C 114 28.99 -10.31 -22.78
CA VAL C 114 30.00 -10.76 -23.75
C VAL C 114 29.45 -11.89 -24.63
N HIS C 115 29.75 -11.84 -25.93
CA HIS C 115 29.22 -12.83 -26.83
C HIS C 115 30.08 -12.96 -28.08
N ALA C 116 29.82 -14.04 -28.81
CA ALA C 116 30.52 -14.34 -30.07
C ALA C 116 29.70 -15.35 -30.84
N TYR C 117 29.97 -15.51 -32.13
CA TYR C 117 29.26 -16.52 -32.91
C TYR C 117 30.23 -17.20 -33.86
N ARG C 118 29.86 -18.41 -34.28
CA ARG C 118 30.64 -19.19 -35.24
C ARG C 118 29.68 -19.73 -36.28
N MET C 119 29.95 -19.46 -37.55
CA MET C 119 29.15 -20.03 -38.61
C MET C 119 29.59 -21.48 -38.87
N GLU C 120 28.64 -22.42 -38.79
CA GLU C 120 29.01 -23.83 -38.85
C GLU C 120 28.55 -24.53 -40.13
N ARG C 121 28.09 -23.73 -41.10
CA ARG C 121 27.80 -24.20 -42.44
C ARG C 121 28.27 -23.13 -43.41
N HIS C 122 28.68 -23.53 -44.61
CA HIS C 122 29.07 -22.52 -45.58
CA HIS C 122 29.05 -22.55 -45.64
C HIS C 122 27.86 -21.68 -46.02
N HIS C 123 28.10 -20.37 -46.09
CA HIS C 123 27.08 -19.37 -46.43
C HIS C 123 25.89 -19.48 -45.49
N SER C 124 26.18 -19.50 -44.19
CA SER C 124 25.14 -19.31 -43.20
C SER C 124 24.73 -17.83 -43.27
N GLN C 125 23.56 -17.50 -42.74
CA GLN C 125 23.08 -16.10 -42.76
C GLN C 125 22.29 -15.82 -41.51
N VAL C 126 22.47 -14.60 -40.98
CA VAL C 126 21.80 -14.14 -39.75
C VAL C 126 21.10 -12.82 -40.07
N VAL C 127 19.85 -12.67 -39.63
CA VAL C 127 19.23 -11.37 -39.61
C VAL C 127 19.53 -10.74 -38.27
N GLY C 128 19.93 -9.47 -38.30
CA GLY C 128 20.25 -8.78 -37.07
C GLY C 128 19.55 -7.46 -36.88
N VAL C 129 19.29 -7.13 -35.62
CA VAL C 129 18.94 -5.77 -35.24
C VAL C 129 19.92 -5.47 -34.10
N ALA C 130 20.51 -4.29 -34.13
CA ALA C 130 21.49 -3.90 -33.13
C ALA C 130 21.30 -2.43 -32.79
N ALA C 131 20.61 -2.18 -31.68
CA ALA C 131 20.25 -0.82 -31.31
C ALA C 131 19.91 -0.73 -29.84
N GLY C 132 19.69 0.50 -29.38
CA GLY C 132 19.54 0.71 -27.97
C GLY C 132 19.41 2.17 -27.70
N PRO C 133 19.39 2.52 -26.41
CA PRO C 133 19.23 3.91 -25.96
C PRO C 133 20.32 4.82 -26.56
N GLY C 134 21.47 4.25 -26.91
CA GLY C 134 22.58 5.02 -27.45
C GLY C 134 22.70 5.06 -28.96
N GLY C 135 21.61 4.78 -29.67
CA GLY C 135 21.60 4.87 -31.12
C GLY C 135 21.65 3.51 -31.80
N THR C 136 21.93 3.52 -33.09
CA THR C 136 21.94 2.31 -33.89
C THR C 136 23.37 2.03 -34.38
N PHE C 137 23.66 0.76 -34.62
CA PHE C 137 25.02 0.24 -34.67
C PHE C 137 25.54 -0.09 -36.09
N GLU C 138 24.66 0.01 -37.09
CA GLU C 138 24.91 -0.66 -38.37
C GLU C 138 26.14 -0.18 -39.14
N ARG C 139 26.55 1.08 -38.99
CA ARG C 139 27.72 1.55 -39.75
C ARG C 139 29.05 1.09 -39.12
N PHE C 140 28.97 0.37 -38.00
CA PHE C 140 30.14 -0.25 -37.42
C PHE C 140 30.86 -1.11 -38.45
N PHE C 141 30.10 -1.93 -39.15
CA PHE C 141 30.68 -2.99 -39.98
C PHE C 141 31.58 -2.46 -41.09
N GLU C 142 31.15 -1.41 -41.76
CA GLU C 142 31.96 -0.84 -42.84
C GLU C 142 33.07 0.06 -42.32
N SER C 143 32.98 0.45 -41.05
CA SER C 143 33.97 1.32 -40.42
C SER C 143 35.18 0.51 -39.95
N LEU C 144 34.92 -0.60 -39.29
CA LEU C 144 35.99 -1.52 -38.93
C LEU C 144 36.43 -2.32 -40.16
N GLY C 145 35.44 -2.82 -40.90
CA GLY C 145 35.70 -3.51 -42.14
C GLY C 145 35.77 -2.52 -43.29
N THR C 146 35.13 -2.83 -44.41
CA THR C 146 35.18 -1.94 -45.56
C THR C 146 33.85 -1.97 -46.30
N PRO C 147 33.40 -0.82 -46.82
CA PRO C 147 32.21 -0.88 -47.67
C PRO C 147 32.51 -1.70 -48.91
N ALA C 148 31.50 -2.33 -49.50
CA ALA C 148 31.70 -3.16 -50.68
C ALA C 148 30.68 -2.80 -51.77
N GLU C 149 31.13 -2.70 -53.01
CA GLU C 149 30.19 -2.49 -54.11
C GLU C 149 29.77 -3.82 -54.74
N GLU C 150 30.63 -4.82 -54.65
CA GLU C 150 30.36 -6.11 -55.28
C GLU C 150 29.29 -6.86 -54.52
N LEU C 151 28.61 -7.77 -55.20
CA LEU C 151 27.64 -8.65 -54.55
C LEU C 151 28.38 -9.88 -54.07
N GLY C 152 27.83 -10.61 -53.10
CA GLY C 152 28.40 -11.89 -52.75
C GLY C 152 29.44 -11.84 -51.64
N LEU C 153 29.88 -13.01 -51.19
CA LEU C 153 30.85 -13.11 -50.11
C LEU C 153 32.19 -12.54 -50.59
N PRO C 154 32.95 -11.92 -49.69
CA PRO C 154 34.27 -11.44 -50.12
C PRO C 154 35.15 -12.57 -50.61
N VAL C 155 35.92 -12.30 -51.66
CA VAL C 155 36.86 -13.27 -52.18
C VAL C 155 38.03 -13.45 -51.21
N ARG C 156 38.55 -12.34 -50.71
CA ARG C 156 39.56 -12.37 -49.66
CA ARG C 156 39.57 -12.35 -49.67
C ARG C 156 38.99 -11.75 -48.41
N PRO C 157 39.27 -12.36 -47.25
CA PRO C 157 38.72 -11.76 -46.03
C PRO C 157 39.29 -10.36 -45.81
N PHE C 158 38.49 -9.46 -45.27
CA PHE C 158 39.00 -8.13 -44.92
C PHE C 158 39.44 -8.11 -43.48
N VAL C 159 40.75 -8.06 -43.28
CA VAL C 159 41.30 -8.00 -41.94
C VAL C 159 41.65 -6.57 -41.61
N PRO C 160 40.91 -5.96 -40.68
CA PRO C 160 41.18 -4.58 -40.31
C PRO C 160 42.59 -4.42 -39.73
N GLU C 161 43.24 -3.29 -40.01
CA GLU C 161 44.52 -2.97 -39.38
C GLU C 161 44.31 -2.76 -37.88
N PRO C 162 45.32 -3.09 -37.06
CA PRO C 162 45.23 -2.98 -35.60
C PRO C 162 44.67 -1.63 -35.16
N GLU C 163 45.14 -0.56 -35.80
CA GLU C 163 44.67 0.81 -35.50
C GLU C 163 43.15 0.93 -35.54
N LYS C 164 42.52 0.22 -36.47
CA LYS C 164 41.06 0.23 -36.59
C LYS C 164 40.39 -0.29 -35.34
N PHE C 165 40.97 -1.33 -34.74
CA PHE C 165 40.42 -1.94 -33.55
C PHE C 165 40.50 -1.02 -32.33
N ARG C 166 41.45 -0.08 -32.36
CA ARG C 166 41.61 0.88 -31.29
C ARG C 166 40.68 2.08 -31.46
N THR C 167 40.46 2.51 -32.70
CA THR C 167 39.74 3.74 -32.98
C THR C 167 38.23 3.57 -33.20
N VAL C 168 37.83 2.44 -33.76
CA VAL C 168 36.41 2.20 -34.02
C VAL C 168 35.55 2.20 -32.74
N PRO C 169 36.04 1.61 -31.62
CA PRO C 169 35.28 1.77 -30.37
C PRO C 169 35.01 3.21 -29.95
N GLU C 170 35.83 4.14 -30.43
CA GLU C 170 35.65 5.55 -30.08
C GLU C 170 34.40 6.12 -30.75
N GLN C 171 33.96 5.47 -31.82
CA GLN C 171 32.80 5.95 -32.56
C GLN C 171 31.61 4.98 -32.47
N TYR C 172 31.90 3.69 -32.31
CA TYR C 172 30.83 2.70 -32.25
C TYR C 172 30.85 1.97 -30.92
N ASP C 173 29.65 1.67 -30.43
CA ASP C 173 29.46 1.03 -29.13
C ASP C 173 29.90 -0.44 -29.15
N VAL C 174 31.22 -0.67 -29.15
CA VAL C 174 31.73 -2.04 -29.12
C VAL C 174 33.01 -2.08 -28.27
N ARG C 175 33.13 -3.14 -27.46
CA ARG C 175 34.25 -3.36 -26.55
C ARG C 175 34.81 -4.76 -26.77
N PHE C 176 36.04 -4.84 -27.26
CA PHE C 176 36.56 -6.14 -27.62
C PHE C 176 37.14 -6.83 -26.38
N ARG C 177 36.96 -8.15 -26.33
CA ARG C 177 37.42 -8.92 -25.18
CA ARG C 177 37.40 -8.94 -25.19
C ARG C 177 38.30 -10.09 -25.66
N PRO C 178 39.50 -9.76 -26.18
CA PRO C 178 40.40 -10.74 -26.78
C PRO C 178 40.91 -11.81 -25.80
N ASP C 179 40.83 -11.56 -24.50
CA ASP C 179 41.32 -12.53 -23.53
C ASP C 179 40.21 -13.47 -23.10
N HIS C 180 39.00 -13.21 -23.57
CA HIS C 180 37.86 -14.00 -23.15
C HIS C 180 37.99 -15.46 -23.57
N GLN C 181 37.71 -16.37 -22.64
CA GLN C 181 37.69 -17.79 -22.98
C GLN C 181 36.30 -18.42 -22.81
N TRP C 182 35.84 -19.13 -23.84
CA TRP C 182 34.58 -19.87 -23.74
C TRP C 182 34.84 -21.25 -23.13
N HIS C 183 34.15 -21.56 -22.03
CA HIS C 183 34.32 -22.84 -21.35
CA HIS C 183 34.32 -22.84 -21.36
C HIS C 183 33.10 -23.74 -21.52
N THR C 184 32.33 -23.50 -22.58
CA THR C 184 31.18 -24.34 -22.91
C THR C 184 31.60 -25.42 -23.91
N GLY C 185 32.91 -25.56 -24.11
CA GLY C 185 33.45 -26.49 -25.08
C GLY C 185 34.13 -25.75 -26.23
N ILE D 3 13.55 -23.56 -18.54
CA ILE D 3 13.57 -22.77 -19.77
C ILE D 3 12.28 -21.97 -19.97
N GLU D 4 11.16 -22.46 -19.44
CA GLU D 4 9.86 -21.79 -19.57
C GLU D 4 9.54 -20.89 -18.38
N TYR D 5 8.93 -19.74 -18.66
CA TYR D 5 8.63 -18.74 -17.64
C TYR D 5 7.17 -18.32 -17.67
N ALA D 6 6.62 -18.00 -16.50
CA ALA D 6 5.41 -17.19 -16.45
C ALA D 6 5.82 -15.74 -16.59
N THR D 7 5.10 -14.98 -17.39
CA THR D 7 5.41 -13.56 -17.56
C THR D 7 4.13 -12.75 -17.45
N ARG D 8 4.27 -11.43 -17.52
CA ARG D 8 3.12 -10.53 -17.58
C ARG D 8 2.19 -10.88 -18.75
N HIS D 9 2.72 -11.53 -19.78
CA HIS D 9 2.00 -11.75 -21.03
C HIS D 9 1.47 -13.15 -21.23
N ARG D 10 2.11 -14.14 -20.60
CA ARG D 10 1.79 -15.54 -20.86
C ARG D 10 2.05 -16.39 -19.63
N ALA D 11 1.20 -17.40 -19.42
CA ALA D 11 1.44 -18.41 -18.40
C ALA D 11 2.74 -19.17 -18.69
N ARG D 12 3.00 -19.43 -19.97
CA ARG D 12 4.23 -20.10 -20.41
C ARG D 12 4.89 -19.33 -21.55
N SER D 13 6.16 -18.96 -21.35
CA SER D 13 6.90 -18.17 -22.34
C SER D 13 8.35 -18.58 -22.33
N PHE D 14 9.04 -18.43 -23.46
CA PHE D 14 10.49 -18.61 -23.46
C PHE D 14 11.20 -17.28 -23.45
N ILE D 15 10.43 -16.21 -23.39
CA ILE D 15 10.99 -14.89 -23.15
C ILE D 15 11.11 -14.65 -21.65
N PRO D 16 12.35 -14.50 -21.14
CA PRO D 16 12.51 -14.27 -19.70
C PRO D 16 11.88 -12.97 -19.27
N PRO D 17 11.25 -12.96 -18.09
CA PRO D 17 10.63 -11.76 -17.54
C PRO D 17 11.67 -10.72 -17.11
N GLU D 18 12.87 -11.14 -16.69
CA GLU D 18 13.87 -10.20 -16.22
C GLU D 18 14.60 -9.58 -17.41
N PRO D 19 14.64 -8.25 -17.48
CA PRO D 19 15.45 -7.59 -18.50
C PRO D 19 16.94 -7.84 -18.23
N GLY D 20 17.77 -7.81 -19.27
CA GLY D 20 19.20 -8.01 -19.11
C GLY D 20 19.68 -9.46 -19.22
N LYS D 21 18.76 -10.39 -19.48
CA LYS D 21 19.08 -11.81 -19.58
C LYS D 21 19.17 -12.29 -21.03
N PRO D 22 20.30 -12.89 -21.41
CA PRO D 22 20.39 -13.53 -22.73
C PRO D 22 19.49 -14.75 -22.80
N TYR D 23 18.98 -15.06 -23.98
CA TYR D 23 18.10 -16.20 -24.10
C TYR D 23 18.09 -16.63 -25.56
N PHE D 24 17.71 -17.90 -25.77
CA PHE D 24 17.52 -18.47 -27.11
C PHE D 24 16.10 -18.96 -27.22
N ILE D 25 15.53 -18.90 -28.43
CA ILE D 25 14.19 -19.47 -28.65
C ILE D 25 14.22 -20.24 -29.96
N GLU D 26 13.91 -21.53 -29.91
CA GLU D 26 13.76 -22.33 -31.12
C GLU D 26 12.61 -21.87 -32.01
N LYS D 27 12.76 -22.17 -33.30
CA LYS D 27 11.77 -21.86 -34.31
C LYS D 27 10.33 -22.07 -33.84
N GLY D 28 9.54 -21.00 -33.89
CA GLY D 28 8.09 -21.06 -33.66
C GLY D 28 7.66 -20.81 -32.21
N LEU D 29 8.62 -20.77 -31.29
CA LEU D 29 8.26 -20.88 -29.87
C LEU D 29 8.28 -19.54 -29.14
N GLY D 30 8.29 -18.44 -29.88
CA GLY D 30 8.04 -17.11 -29.31
C GLY D 30 6.57 -17.00 -28.85
N ASP D 31 6.19 -15.88 -28.24
CA ASP D 31 4.82 -15.68 -27.77
C ASP D 31 3.96 -15.58 -29.01
N ARG D 32 2.83 -16.29 -29.04
CA ARG D 32 2.03 -16.40 -30.25
C ARG D 32 0.70 -15.68 -30.14
N ALA D 33 0.22 -15.19 -31.28
CA ALA D 33 -1.07 -14.54 -31.33
C ALA D 33 -1.70 -14.80 -32.67
N HIS D 34 -3.03 -14.81 -32.70
CA HIS D 34 -3.78 -14.96 -33.92
C HIS D 34 -4.57 -13.68 -34.26
N LEU D 35 -4.53 -13.28 -35.52
CA LEU D 35 -5.25 -12.11 -35.98
C LEU D 35 -5.68 -12.40 -37.41
N PHE D 36 -7.00 -12.44 -37.64
CA PHE D 36 -7.56 -13.00 -38.86
C PHE D 36 -6.99 -14.41 -39.05
N GLY D 37 -6.43 -14.70 -40.21
CA GLY D 37 -5.89 -16.03 -40.46
C GLY D 37 -4.41 -16.13 -40.14
N ASP D 38 -3.83 -15.02 -39.68
CA ASP D 38 -2.37 -14.94 -39.51
C ASP D 38 -1.94 -15.32 -38.10
N LEU D 39 -0.73 -15.87 -38.01
CA LEU D 39 -0.06 -16.20 -36.76
C LEU D 39 1.13 -15.25 -36.56
N ILE D 40 1.12 -14.57 -35.43
CA ILE D 40 2.20 -13.67 -35.11
C ILE D 40 2.99 -14.30 -33.97
N THR D 41 4.31 -14.29 -34.10
CA THR D 41 5.16 -14.91 -33.09
C THR D 41 6.20 -13.89 -32.62
N ILE D 42 6.18 -13.55 -31.34
CA ILE D 42 7.05 -12.53 -30.79
C ILE D 42 8.27 -13.17 -30.15
N TYR D 43 9.47 -12.73 -30.56
CA TYR D 43 10.68 -13.24 -29.96
C TYR D 43 11.33 -12.28 -28.98
N ALA D 44 11.14 -10.98 -29.20
CA ALA D 44 11.64 -9.97 -28.25
C ALA D 44 10.68 -8.81 -28.27
N GLY D 45 10.42 -8.26 -27.09
CA GLY D 45 9.52 -7.12 -27.00
C GLY D 45 10.24 -5.95 -26.40
N GLY D 46 9.50 -4.86 -26.20
CA GLY D 46 10.07 -3.66 -25.62
C GLY D 46 10.69 -3.89 -24.27
N GLU D 47 10.22 -4.88 -23.52
CA GLU D 47 10.77 -5.14 -22.18
C GLU D 47 12.22 -5.65 -22.28
N GLN D 48 12.60 -6.13 -23.45
CA GLN D 48 13.93 -6.73 -23.63
C GLN D 48 14.95 -5.69 -24.07
N THR D 49 14.45 -4.56 -24.58
CA THR D 49 15.32 -3.58 -25.23
C THR D 49 15.18 -2.16 -24.70
N GLU D 50 14.70 -2.02 -23.46
CA GLU D 50 14.41 -0.69 -22.88
C GLU D 50 13.45 0.09 -23.80
N ASN D 51 12.48 -0.63 -24.36
CA ASN D 51 11.43 -0.06 -25.19
CA ASN D 51 11.42 -0.04 -25.17
C ASN D 51 11.96 0.60 -26.45
N THR D 52 13.01 -0.01 -27.01
CA THR D 52 13.67 0.53 -28.19
C THR D 52 13.20 -0.16 -29.45
N PHE D 53 13.21 -1.48 -29.44
CA PHE D 53 12.76 -2.23 -30.60
C PHE D 53 12.17 -3.60 -30.21
N ASN D 54 11.65 -4.31 -31.19
CA ASN D 54 11.09 -5.62 -30.97
C ASN D 54 11.52 -6.52 -32.11
N PHE D 55 11.04 -7.75 -32.10
CA PHE D 55 11.37 -8.67 -33.19
C PHE D 55 10.31 -9.76 -33.23
N PHE D 56 9.62 -9.89 -34.37
CA PHE D 56 8.53 -10.84 -34.46
C PHE D 56 8.39 -11.38 -35.87
N THR D 57 7.67 -12.49 -36.03
CA THR D 57 7.29 -12.94 -37.35
C THR D 57 5.80 -12.92 -37.53
N CYS D 58 5.40 -12.90 -38.80
CA CYS D 58 4.01 -12.98 -39.15
CA CYS D 58 4.00 -13.05 -39.10
C CYS D 58 3.86 -14.00 -40.28
N GLU D 59 2.98 -14.99 -40.12
CA GLU D 59 2.80 -16.00 -41.16
C GLU D 59 1.33 -16.35 -41.31
N GLY D 60 0.95 -16.79 -42.50
CA GLY D 60 -0.45 -17.14 -42.68
C GLY D 60 -0.75 -17.67 -44.08
N PRO D 61 -2.02 -17.99 -44.33
CA PRO D 61 -2.44 -18.58 -45.60
C PRO D 61 -2.41 -17.55 -46.74
N LYS D 62 -2.50 -18.06 -47.97
CA LYS D 62 -2.78 -17.20 -49.11
C LYS D 62 -4.10 -16.48 -48.84
N GLY D 63 -4.08 -15.16 -48.86
CA GLY D 63 -5.27 -14.43 -48.47
C GLY D 63 -5.47 -13.12 -49.19
N GLU D 64 -6.34 -12.29 -48.63
CA GLU D 64 -6.59 -10.96 -49.16
C GLU D 64 -5.83 -9.95 -48.34
N VAL D 65 -5.84 -8.71 -48.80
CA VAL D 65 -5.10 -7.66 -48.13
C VAL D 65 -5.62 -7.43 -46.71
N ILE D 66 -4.71 -7.25 -45.76
CA ILE D 66 -5.11 -6.88 -44.40
C ILE D 66 -5.66 -5.45 -44.42
N PRO D 67 -6.35 -5.03 -43.33
CA PRO D 67 -6.92 -3.67 -43.34
C PRO D 67 -5.86 -2.57 -43.51
N ALA D 68 -6.14 -1.62 -44.40
CA ALA D 68 -5.24 -0.49 -44.61
C ALA D 68 -5.13 0.32 -43.32
N HIS D 69 -3.91 0.70 -42.96
CA HIS D 69 -3.70 1.42 -41.72
C HIS D 69 -2.41 2.24 -41.81
N SER D 70 -2.22 3.13 -40.85
CA SER D 70 -0.95 3.83 -40.69
C SER D 70 -0.56 3.80 -39.20
N HIS D 71 0.69 4.15 -38.92
CA HIS D 71 1.16 4.33 -37.54
C HIS D 71 1.70 5.74 -37.40
N ALA D 72 1.31 6.44 -36.34
CA ALA D 72 1.69 7.83 -36.22
C ALA D 72 3.14 8.01 -35.76
N ASP D 73 3.65 7.07 -34.98
CA ASP D 73 4.98 7.21 -34.37
C ASP D 73 5.87 5.99 -34.57
N THR D 74 5.45 5.07 -35.45
CA THR D 74 6.10 3.78 -35.54
C THR D 74 6.59 3.52 -36.95
N TYR D 75 7.80 2.97 -37.06
CA TYR D 75 8.35 2.54 -38.34
C TYR D 75 8.29 1.01 -38.42
N GLU D 76 8.03 0.47 -39.60
CA GLU D 76 7.89 -0.98 -39.70
C GLU D 76 8.72 -1.56 -40.82
N VAL D 77 9.32 -2.71 -40.51
CA VAL D 77 10.12 -3.49 -41.45
C VAL D 77 9.31 -4.70 -41.92
N PHE D 78 9.37 -5.00 -43.22
CA PHE D 78 8.86 -6.24 -43.79
C PHE D 78 9.99 -6.99 -44.45
N TYR D 79 10.40 -8.11 -43.87
CA TYR D 79 11.48 -8.88 -44.45
C TYR D 79 10.98 -10.31 -44.69
N ILE D 80 10.85 -10.66 -45.95
CA ILE D 80 10.15 -11.90 -46.29
C ILE D 80 11.08 -13.08 -46.08
N THR D 81 10.59 -14.10 -45.37
CA THR D 81 11.40 -15.32 -45.19
C THR D 81 10.81 -16.55 -45.88
N GLN D 82 9.50 -16.57 -46.09
CA GLN D 82 8.87 -17.70 -46.80
CA GLN D 82 8.85 -17.71 -46.77
C GLN D 82 7.74 -17.21 -47.69
N GLY D 83 7.47 -17.95 -48.76
CA GLY D 83 6.38 -17.62 -49.67
C GLY D 83 6.64 -16.35 -50.48
N ALA D 84 5.59 -15.56 -50.66
CA ALA D 84 5.66 -14.29 -51.38
C ALA D 84 4.58 -13.37 -50.82
N VAL D 85 4.94 -12.12 -50.57
CA VAL D 85 4.05 -11.19 -49.90
C VAL D 85 4.01 -9.86 -50.65
N ARG D 86 2.83 -9.41 -51.03
CA ARG D 86 2.73 -8.16 -51.76
C ARG D 86 2.50 -7.03 -50.77
N LEU D 87 3.39 -6.04 -50.81
CA LEU D 87 3.34 -4.92 -49.90
C LEU D 87 2.81 -3.69 -50.63
N PHE D 88 1.77 -3.06 -50.06
CA PHE D 88 1.20 -1.83 -50.59
C PHE D 88 1.55 -0.66 -49.69
N VAL D 89 1.98 0.46 -50.25
CA VAL D 89 2.27 1.61 -49.40
C VAL D 89 2.03 2.94 -50.13
N GLU D 90 1.41 3.88 -49.42
CA GLU D 90 1.20 5.22 -49.92
C GLU D 90 2.18 6.19 -49.24
N ASP D 91 2.96 6.91 -50.04
CA ASP D 91 3.96 7.80 -49.45
C ASP D 91 3.31 9.09 -48.97
N LEU D 92 4.10 9.99 -48.38
CA LEU D 92 3.53 11.17 -47.75
C LEU D 92 2.93 12.13 -48.77
N GLU D 93 3.30 11.99 -50.04
CA GLU D 93 2.78 12.87 -51.08
C GLU D 93 1.61 12.22 -51.80
N GLY D 94 1.16 11.07 -51.30
CA GLY D 94 -0.05 10.45 -51.81
C GLY D 94 0.15 9.45 -52.93
N GLU D 95 1.39 9.29 -53.38
CA GLU D 95 1.69 8.31 -54.42
C GLU D 95 1.70 6.89 -53.85
N GLN D 96 0.96 5.99 -54.49
CA GLN D 96 0.90 4.61 -54.04
C GLN D 96 1.91 3.71 -54.76
N HIS D 97 2.46 2.74 -54.04
CA HIS D 97 3.43 1.78 -54.57
C HIS D 97 3.10 0.36 -54.13
N GLU D 98 3.35 -0.62 -54.99
CA GLU D 98 3.21 -2.02 -54.57
C GLU D 98 4.39 -2.84 -55.05
N LYS D 99 4.78 -3.84 -54.26
CA LYS D 99 5.85 -4.73 -54.68
C LYS D 99 5.58 -6.15 -54.19
N LEU D 100 5.73 -7.12 -55.08
CA LEU D 100 5.72 -8.52 -54.64
C LEU D 100 7.10 -8.79 -54.04
N LEU D 101 7.13 -9.07 -52.75
CA LEU D 101 8.37 -9.33 -52.06
C LEU D 101 8.57 -10.84 -51.87
N THR D 102 9.71 -11.35 -52.30
CA THR D 102 9.99 -12.79 -52.18
C THR D 102 11.10 -12.98 -51.12
N PRO D 103 11.39 -14.23 -50.72
CA PRO D 103 12.25 -14.34 -49.53
C PRO D 103 13.63 -13.71 -49.68
N GLY D 104 14.01 -12.92 -48.67
CA GLY D 104 15.22 -12.12 -48.76
C GLY D 104 15.00 -10.68 -49.20
N ASP D 105 13.83 -10.40 -49.77
CA ASP D 105 13.44 -9.06 -50.15
C ASP D 105 12.94 -8.27 -48.93
N PHE D 106 12.99 -6.96 -49.05
CA PHE D 106 12.82 -6.05 -47.91
C PHE D 106 11.88 -4.89 -48.28
N GLY D 107 11.00 -4.53 -47.35
CA GLY D 107 10.17 -3.33 -47.53
C GLY D 107 10.14 -2.52 -46.26
N PHE D 108 10.06 -1.20 -46.40
CA PHE D 108 10.14 -0.33 -45.24
C PHE D 108 9.04 0.69 -45.30
N VAL D 109 8.28 0.79 -44.23
CA VAL D 109 7.14 1.70 -44.18
C VAL D 109 7.36 2.71 -43.05
N PRO D 110 7.66 3.97 -43.41
CA PRO D 110 7.85 5.01 -42.41
C PRO D 110 6.53 5.35 -41.72
N LYS D 111 6.62 5.99 -40.57
CA LYS D 111 5.45 6.44 -39.85
C LYS D 111 4.59 7.35 -40.75
N ASN D 112 3.27 7.34 -40.52
CA ASN D 112 2.30 8.14 -41.26
C ASN D 112 2.11 7.78 -42.74
N CYS D 113 2.62 6.64 -43.16
CA CYS D 113 2.33 6.13 -44.50
C CYS D 113 1.28 5.04 -44.41
N VAL D 114 0.19 5.20 -45.16
CA VAL D 114 -0.83 4.17 -45.18
C VAL D 114 -0.27 2.95 -45.90
N HIS D 115 -0.52 1.77 -45.35
CA HIS D 115 0.06 0.56 -45.90
C HIS D 115 -0.79 -0.66 -45.62
N ALA D 116 -0.53 -1.73 -46.35
CA ALA D 116 -1.19 -3.02 -46.20
C ALA D 116 -0.39 -4.10 -46.93
N TYR D 117 -0.66 -5.36 -46.62
CA TYR D 117 0.06 -6.44 -47.30
C TYR D 117 -0.92 -7.57 -47.61
N ARG D 118 -0.54 -8.40 -48.58
CA ARG D 118 -1.34 -9.57 -48.94
C ARG D 118 -0.41 -10.76 -49.10
N MET D 119 -0.70 -11.87 -48.43
CA MET D 119 0.13 -13.07 -48.66
C MET D 119 -0.33 -13.83 -49.91
N GLU D 120 0.63 -14.17 -50.78
CA GLU D 120 0.25 -14.70 -52.08
C GLU D 120 0.71 -16.15 -52.30
N ARG D 121 1.22 -16.75 -51.23
CA ARG D 121 1.53 -18.17 -51.18
C ARG D 121 1.03 -18.65 -49.84
N HIS D 122 0.62 -19.92 -49.76
CA HIS D 122 0.24 -20.56 -48.48
CA HIS D 122 0.21 -20.48 -48.48
C HIS D 122 1.41 -20.63 -47.55
N HIS D 123 1.20 -20.23 -46.30
CA HIS D 123 2.22 -20.20 -45.27
C HIS D 123 3.41 -19.34 -45.68
N SER D 124 3.10 -18.13 -46.12
CA SER D 124 4.12 -17.13 -46.32
C SER D 124 4.52 -16.63 -44.93
N GLN D 125 5.70 -16.02 -44.83
CA GLN D 125 6.24 -15.57 -43.54
C GLN D 125 7.04 -14.30 -43.72
N VAL D 126 6.83 -13.38 -42.77
CA VAL D 126 7.49 -12.08 -42.77
C VAL D 126 8.18 -11.91 -41.43
N VAL D 127 9.42 -11.46 -41.46
CA VAL D 127 10.06 -10.93 -40.28
C VAL D 127 9.78 -9.46 -40.13
N GLY D 128 9.37 -9.06 -38.93
CA GLY D 128 9.02 -7.67 -38.67
C GLY D 128 9.72 -7.04 -37.48
N VAL D 129 9.93 -5.73 -37.59
CA VAL D 129 10.27 -4.89 -36.45
C VAL D 129 9.30 -3.75 -36.58
N ALA D 130 8.71 -3.33 -35.47
CA ALA D 130 7.79 -2.19 -35.50
C ALA D 130 7.98 -1.38 -34.25
N ALA D 131 8.63 -0.24 -34.41
CA ALA D 131 9.02 0.54 -33.26
C ALA D 131 9.34 1.98 -33.65
N GLY D 132 9.54 2.82 -32.65
CA GLY D 132 9.85 4.20 -32.92
C GLY D 132 9.87 5.01 -31.66
N PRO D 133 9.87 6.35 -31.80
CA PRO D 133 9.83 7.23 -30.63
C PRO D 133 8.61 6.95 -29.75
N GLY D 134 7.56 6.37 -30.32
CA GLY D 134 6.38 6.06 -29.55
C GLY D 134 6.45 4.77 -28.74
N GLY D 135 7.56 4.05 -28.84
CA GLY D 135 7.68 2.77 -28.15
C GLY D 135 7.51 1.62 -29.10
N THR D 136 7.31 0.41 -28.56
CA THR D 136 7.27 -0.77 -29.42
C THR D 136 5.85 -1.34 -29.54
N PHE D 137 5.55 -1.89 -30.70
CA PHE D 137 4.19 -2.16 -31.16
C PHE D 137 3.71 -3.63 -30.95
N GLU D 138 4.55 -4.50 -30.42
CA GLU D 138 4.35 -5.95 -30.68
C GLU D 138 3.13 -6.56 -29.98
N ARG D 139 2.68 -5.95 -28.89
CA ARG D 139 1.54 -6.53 -28.15
C ARG D 139 0.21 -6.10 -28.77
N PHE D 140 0.28 -5.24 -29.80
CA PHE D 140 -0.90 -4.91 -30.59
C PHE D 140 -1.64 -6.15 -31.10
N PHE D 141 -0.88 -7.14 -31.58
CA PHE D 141 -1.48 -8.27 -32.28
C PHE D 141 -2.40 -9.12 -31.41
N GLU D 142 -1.96 -9.39 -30.18
CA GLU D 142 -2.79 -10.17 -29.26
C GLU D 142 -3.87 -9.33 -28.64
N SER D 143 -3.77 -8.01 -28.81
CA SER D 143 -4.77 -7.11 -28.26
C SER D 143 -5.96 -6.93 -29.19
N LEU D 144 -5.69 -6.72 -30.48
CA LEU D 144 -6.77 -6.67 -31.46
C LEU D 144 -7.21 -8.10 -31.75
N GLY D 145 -6.25 -9.01 -31.90
CA GLY D 145 -6.54 -10.42 -32.05
C GLY D 145 -6.66 -11.15 -30.73
N THR D 146 -5.97 -12.29 -30.60
CA THR D 146 -5.99 -13.08 -29.37
C THR D 146 -4.64 -13.74 -29.14
N PRO D 147 -4.22 -13.90 -27.87
CA PRO D 147 -3.02 -14.71 -27.62
C PRO D 147 -3.30 -16.16 -27.98
N ALA D 148 -2.30 -16.94 -28.37
CA ALA D 148 -2.52 -18.35 -28.75
C ALA D 148 -1.56 -19.25 -28.00
N GLU D 149 -2.07 -20.31 -27.38
CA GLU D 149 -1.19 -21.25 -26.71
C GLU D 149 -0.71 -22.33 -27.67
N GLU D 150 -1.52 -22.66 -28.67
CA GLU D 150 -1.16 -23.74 -29.59
C GLU D 150 -0.15 -23.28 -30.63
N LEU D 151 0.52 -24.24 -31.24
CA LEU D 151 1.41 -23.94 -32.38
C LEU D 151 0.65 -23.98 -33.70
N GLY D 152 1.19 -23.34 -34.72
CA GLY D 152 0.61 -23.44 -36.04
C GLY D 152 -0.34 -22.33 -36.43
N LEU D 153 -0.72 -22.32 -37.70
CA LEU D 153 -1.71 -21.37 -38.19
C LEU D 153 -3.02 -21.58 -37.45
N PRO D 154 -3.76 -20.50 -37.19
CA PRO D 154 -5.08 -20.69 -36.55
C PRO D 154 -6.03 -21.52 -37.41
N VAL D 155 -6.78 -22.39 -36.76
CA VAL D 155 -7.75 -23.24 -37.44
C VAL D 155 -8.94 -22.45 -37.97
N ARG D 156 -9.45 -21.55 -37.13
CA ARG D 156 -10.49 -20.60 -37.54
C ARG D 156 -9.87 -19.21 -37.49
N PRO D 157 -10.14 -18.39 -38.51
CA PRO D 157 -9.67 -17.00 -38.46
C PRO D 157 -10.19 -16.31 -37.21
N PHE D 158 -9.39 -15.47 -36.59
CA PHE D 158 -9.91 -14.63 -35.51
C PHE D 158 -10.31 -13.28 -36.06
N VAL D 159 -11.61 -13.05 -36.18
CA VAL D 159 -12.08 -11.75 -36.64
C VAL D 159 -12.44 -10.90 -35.44
N PRO D 160 -11.70 -9.82 -35.20
CA PRO D 160 -11.99 -8.97 -34.04
C PRO D 160 -13.37 -8.31 -34.15
N GLU D 161 -14.12 -8.26 -33.05
CA GLU D 161 -15.38 -7.51 -33.02
C GLU D 161 -15.14 -6.03 -33.30
N PRO D 162 -16.09 -5.36 -33.97
CA PRO D 162 -15.93 -3.95 -34.34
C PRO D 162 -15.45 -3.03 -33.22
N GLU D 163 -15.90 -3.27 -31.99
CA GLU D 163 -15.49 -2.43 -30.86
C GLU D 163 -13.97 -2.45 -30.63
N LYS D 164 -13.32 -3.58 -30.88
CA LYS D 164 -11.88 -3.63 -30.68
C LYS D 164 -11.15 -2.73 -31.67
N PHE D 165 -11.71 -2.58 -32.88
CA PHE D 165 -11.08 -1.69 -33.86
C PHE D 165 -11.16 -0.25 -33.40
N ARG D 166 -12.11 0.04 -32.50
CA ARG D 166 -12.25 1.40 -32.02
C ARG D 166 -11.37 1.64 -30.79
N THR D 167 -11.17 0.61 -29.97
CA THR D 167 -10.52 0.83 -28.68
C THR D 167 -9.02 0.49 -28.68
N VAL D 168 -8.60 -0.46 -29.50
CA VAL D 168 -7.17 -0.79 -29.58
C VAL D 168 -6.27 0.41 -30.00
N PRO D 169 -6.73 1.25 -30.96
CA PRO D 169 -5.98 2.48 -31.26
C PRO D 169 -5.76 3.43 -30.08
N GLU D 170 -6.55 3.31 -29.03
CA GLU D 170 -6.36 4.18 -27.87
C GLU D 170 -5.11 3.76 -27.10
N GLN D 171 -4.67 2.53 -27.31
CA GLN D 171 -3.53 1.97 -26.59
C GLN D 171 -2.35 1.66 -27.50
N TYR D 172 -2.62 1.32 -28.75
CA TYR D 172 -1.52 0.99 -29.67
C TYR D 172 -1.53 1.97 -30.83
N ASP D 173 -0.34 2.24 -31.36
CA ASP D 173 -0.16 3.26 -32.39
C ASP D 173 -0.59 2.72 -33.72
N VAL D 174 -1.90 2.70 -33.95
CA VAL D 174 -2.38 2.23 -35.23
C VAL D 174 -3.65 3.02 -35.56
N ARG D 175 -3.78 3.38 -36.84
CA ARG D 175 -4.87 4.23 -37.30
C ARG D 175 -5.46 3.54 -38.52
N PHE D 176 -6.69 3.07 -38.42
CA PHE D 176 -7.26 2.34 -39.55
C PHE D 176 -7.82 3.27 -40.60
N ARG D 177 -7.70 2.84 -41.85
CA ARG D 177 -8.22 3.60 -42.98
C ARG D 177 -9.18 2.71 -43.77
N PRO D 178 -10.36 2.44 -43.20
CA PRO D 178 -11.31 1.45 -43.72
C PRO D 178 -11.81 1.77 -45.12
N ASP D 179 -11.77 3.03 -45.51
CA ASP D 179 -12.27 3.44 -46.82
C ASP D 179 -11.14 3.63 -47.83
N HIS D 180 -9.91 3.35 -47.41
CA HIS D 180 -8.76 3.52 -48.30
C HIS D 180 -8.87 2.59 -49.52
N GLN D 181 -8.56 3.13 -50.70
CA GLN D 181 -8.60 2.33 -51.92
C GLN D 181 -7.21 2.23 -52.56
N TRP D 182 -6.78 1.00 -52.83
CA TRP D 182 -5.52 0.77 -53.52
C TRP D 182 -5.74 0.78 -55.04
N HIS D 183 -4.99 1.60 -55.75
CA HIS D 183 -5.15 1.70 -57.20
C HIS D 183 -3.86 1.37 -57.95
N THR D 184 -3.08 0.43 -57.42
CA THR D 184 -1.77 0.10 -57.97
C THR D 184 -1.80 -1.03 -59.00
N GLY D 185 -2.88 -1.80 -59.02
CA GLY D 185 -3.03 -2.87 -59.99
C GLY D 185 -3.75 -4.09 -59.43
N ILE E 3 -6.53 40.21 -0.58
CA ILE E 3 -7.45 39.71 -1.59
C ILE E 3 -6.73 38.74 -2.53
N GLU E 4 -5.40 38.84 -2.57
CA GLU E 4 -4.60 37.94 -3.40
C GLU E 4 -4.02 36.79 -2.57
N TYR E 5 -3.64 35.71 -3.26
CA TYR E 5 -3.02 34.56 -2.63
C TYR E 5 -1.64 34.27 -3.20
N ALA E 6 -0.80 33.61 -2.40
CA ALA E 6 0.41 33.01 -2.92
C ALA E 6 0.13 31.51 -3.12
N THR E 7 0.41 30.99 -4.31
CA THR E 7 0.24 29.55 -4.57
C THR E 7 1.55 28.91 -5.04
N ARG E 8 1.52 27.60 -5.20
CA ARG E 8 2.63 26.86 -5.84
C ARG E 8 2.96 27.39 -7.21
N HIS E 9 1.96 27.98 -7.86
CA HIS E 9 2.08 28.41 -9.25
C HIS E 9 2.49 29.87 -9.42
N ARG E 10 2.01 30.75 -8.53
CA ARG E 10 2.29 32.19 -8.63
C ARG E 10 2.52 32.82 -7.26
N ALA E 11 3.44 33.78 -7.20
CA ALA E 11 3.60 34.60 -6.00
C ALA E 11 2.31 35.36 -5.71
N ARG E 12 1.63 35.79 -6.77
CA ARG E 12 0.37 36.53 -6.66
C ARG E 12 -0.68 35.90 -7.55
N SER E 13 -1.77 35.45 -6.94
CA SER E 13 -2.81 34.77 -7.69
C SER E 13 -4.17 35.06 -7.05
N PHE E 14 -5.22 35.00 -7.85
CA PHE E 14 -6.59 35.09 -7.34
C PHE E 14 -7.24 33.71 -7.22
N ILE E 15 -6.51 32.67 -7.59
CA ILE E 15 -6.95 31.30 -7.33
C ILE E 15 -6.43 30.88 -5.94
N PRO E 16 -7.33 30.57 -4.99
CA PRO E 16 -6.90 30.15 -3.65
C PRO E 16 -6.02 28.89 -3.70
N PRO E 17 -4.98 28.84 -2.86
CA PRO E 17 -4.11 27.66 -2.90
C PRO E 17 -4.77 26.37 -2.41
N GLU E 18 -5.73 26.44 -1.49
CA GLU E 18 -6.33 25.21 -1.00
C GLU E 18 -7.65 24.90 -1.74
N PRO E 19 -7.83 23.64 -2.13
CA PRO E 19 -9.08 23.20 -2.77
C PRO E 19 -10.26 23.34 -1.82
N GLY E 20 -11.45 23.49 -2.38
CA GLY E 20 -12.67 23.44 -1.58
C GLY E 20 -13.24 24.80 -1.26
N LYS E 21 -12.58 25.85 -1.75
CA LYS E 21 -12.94 27.22 -1.40
C LYS E 21 -13.59 27.94 -2.58
N PRO E 22 -14.76 28.54 -2.34
CA PRO E 22 -15.33 29.36 -3.42
C PRO E 22 -14.50 30.62 -3.68
N TYR E 23 -14.50 31.08 -4.93
CA TYR E 23 -13.79 32.31 -5.27
C TYR E 23 -14.34 32.94 -6.56
N PHE E 24 -14.15 34.25 -6.67
CA PHE E 24 -14.43 34.99 -7.90
C PHE E 24 -13.16 35.62 -8.45
N ILE E 25 -13.12 35.76 -9.77
CA ILE E 25 -12.00 36.43 -10.44
C ILE E 25 -12.53 37.36 -11.50
N GLU E 26 -12.14 38.63 -11.45
CA GLU E 26 -12.57 39.59 -12.47
C GLU E 26 -11.87 39.35 -13.80
N LYS E 27 -12.51 39.81 -14.87
CA LYS E 27 -12.04 39.67 -16.26
C LYS E 27 -10.52 39.84 -16.38
N GLY E 28 -9.84 38.80 -16.84
CA GLY E 28 -8.43 38.95 -17.17
C GLY E 28 -7.48 38.57 -16.04
N LEU E 29 -7.99 38.34 -14.83
CA LEU E 29 -7.08 38.27 -13.68
C LEU E 29 -6.79 36.85 -13.21
N GLY E 30 -7.15 35.86 -14.02
CA GLY E 30 -6.66 34.50 -13.80
C GLY E 30 -5.13 34.43 -13.92
N ASP E 31 -4.56 33.25 -13.68
CA ASP E 31 -3.12 33.06 -13.81
C ASP E 31 -2.76 33.17 -15.29
N ARG E 32 -1.72 33.94 -15.62
CA ARG E 32 -1.46 34.25 -17.02
C ARG E 32 -0.19 33.60 -17.52
N ALA E 33 -0.19 33.25 -18.81
CA ALA E 33 1.00 32.70 -19.45
C ALA E 33 1.10 33.23 -20.87
N HIS E 34 2.33 33.33 -21.36
CA HIS E 34 2.60 33.71 -22.73
C HIS E 34 3.19 32.51 -23.46
N LEU E 35 2.72 32.30 -24.68
CA LEU E 35 3.20 31.25 -25.54
C LEU E 35 3.04 31.79 -26.96
N PHE E 36 4.17 31.91 -27.66
CA PHE E 36 4.25 32.71 -28.88
C PHE E 36 3.56 34.06 -28.68
N GLY E 37 2.66 34.47 -29.56
CA GLY E 37 2.00 35.77 -29.43
C GLY E 37 0.75 35.74 -28.54
N ASP E 38 0.47 34.56 -27.99
CA ASP E 38 -0.79 34.37 -27.27
C ASP E 38 -0.72 34.51 -25.75
N LEU E 39 -1.85 34.96 -25.21
CA LEU E 39 -2.03 35.06 -23.77
C LEU E 39 -3.02 34.00 -23.33
N ILE E 40 -2.58 33.15 -22.40
CA ILE E 40 -3.45 32.15 -21.81
C ILE E 40 -3.75 32.59 -20.39
N THR E 41 -5.02 32.48 -19.99
CA THR E 41 -5.44 32.91 -18.67
C THR E 41 -6.21 31.77 -18.02
N ILE E 42 -5.71 31.29 -16.89
CA ILE E 42 -6.33 30.17 -16.18
C ILE E 42 -7.19 30.65 -15.03
N TYR E 43 -8.47 30.25 -15.05
CA TYR E 43 -9.39 30.63 -13.98
C TYR E 43 -9.59 29.54 -12.96
N ALA E 44 -9.50 28.28 -13.41
CA ALA E 44 -9.58 27.13 -12.52
C ALA E 44 -8.69 26.02 -13.08
N GLY E 45 -7.95 25.34 -12.22
CA GLY E 45 -7.14 24.22 -12.68
C GLY E 45 -7.60 22.91 -12.05
N GLY E 46 -6.81 21.86 -12.29
CA GLY E 46 -7.11 20.56 -11.70
C GLY E 46 -7.17 20.60 -10.19
N GLU E 47 -6.36 21.45 -9.56
CA GLU E 47 -6.37 21.56 -8.10
C GLU E 47 -7.75 21.99 -7.58
N GLN E 48 -8.56 22.64 -8.41
CA GLN E 48 -9.86 23.16 -7.95
C GLN E 48 -10.98 22.14 -8.09
N THR E 49 -10.74 21.09 -8.87
CA THR E 49 -11.84 20.20 -9.29
C THR E 49 -11.54 18.73 -9.06
N GLU E 50 -10.61 18.43 -8.16
CA GLU E 50 -10.14 17.07 -7.94
C GLU E 50 -9.67 16.47 -9.26
N ASN E 51 -9.07 17.33 -10.08
CA ASN E 51 -8.35 16.92 -11.27
C ASN E 51 -9.31 16.37 -12.30
N THR E 52 -10.50 16.98 -12.36
CA THR E 52 -11.57 16.58 -13.25
C THR E 52 -11.66 17.50 -14.46
N PHE E 53 -11.69 18.80 -14.23
CA PHE E 53 -11.64 19.71 -15.37
C PHE E 53 -10.93 21.00 -15.03
N ASN E 54 -10.84 21.90 -16.00
CA ASN E 54 -10.22 23.19 -15.80
C ASN E 54 -11.00 24.22 -16.60
N PHE E 55 -10.52 25.47 -16.61
CA PHE E 55 -11.25 26.53 -17.32
C PHE E 55 -10.29 27.67 -17.59
N PHE E 56 -10.10 27.99 -18.86
CA PHE E 56 -9.10 28.99 -19.23
C PHE E 56 -9.50 29.67 -20.53
N THR E 57 -8.84 30.78 -20.83
CA THR E 57 -9.03 31.44 -22.11
C THR E 57 -7.71 31.52 -22.83
N CYS E 58 -7.81 31.66 -24.13
CA CYS E 58 -6.67 31.87 -25.01
CA CYS E 58 -6.66 31.89 -24.97
C CYS E 58 -6.98 33.05 -25.90
N GLU E 59 -6.11 34.04 -25.94
CA GLU E 59 -6.33 35.18 -26.83
C GLU E 59 -5.02 35.57 -27.50
N GLY E 60 -5.11 36.14 -28.69
CA GLY E 60 -3.88 36.38 -29.43
C GLY E 60 -4.13 37.21 -30.66
N PRO E 61 -3.05 37.56 -31.38
CA PRO E 61 -3.11 38.36 -32.59
C PRO E 61 -3.64 37.57 -33.78
N LYS E 62 -4.05 38.26 -34.83
CA LYS E 62 -4.42 37.59 -36.07
C LYS E 62 -3.17 36.88 -36.57
N GLY E 63 -3.26 35.59 -36.88
CA GLY E 63 -2.04 34.86 -37.16
C GLY E 63 -2.20 33.74 -38.16
N GLU E 64 -1.23 32.84 -38.21
CA GLU E 64 -1.36 31.65 -39.03
C GLU E 64 -1.69 30.45 -38.13
N VAL E 65 -1.99 29.31 -38.75
CA VAL E 65 -2.35 28.12 -37.95
C VAL E 65 -1.25 27.75 -36.98
N ILE E 66 -1.61 27.53 -35.72
CA ILE E 66 -0.66 27.05 -34.72
C ILE E 66 -0.19 25.66 -35.14
N PRO E 67 0.89 25.15 -34.52
CA PRO E 67 1.34 23.85 -35.02
C PRO E 67 0.36 22.73 -34.69
N ALA E 68 0.20 21.77 -35.60
CA ALA E 68 -0.75 20.68 -35.37
C ALA E 68 -0.24 19.79 -34.23
N HIS E 69 -1.17 19.24 -33.46
CA HIS E 69 -0.80 18.38 -32.34
C HIS E 69 -2.00 17.52 -31.94
N SER E 70 -1.75 16.53 -31.09
CA SER E 70 -2.85 15.75 -30.53
C SER E 70 -2.63 15.48 -29.04
N HIS E 71 -3.68 15.04 -28.38
CA HIS E 71 -3.61 14.64 -26.99
C HIS E 71 -4.13 13.22 -26.87
N ALA E 72 -3.36 12.36 -26.21
CA ALA E 72 -3.73 10.96 -26.16
C ALA E 72 -4.85 10.66 -25.15
N ASP E 73 -5.00 11.49 -24.13
CA ASP E 73 -5.98 11.20 -23.08
CA ASP E 73 -5.99 11.20 -23.09
C ASP E 73 -6.75 12.43 -22.66
N THR E 74 -6.71 13.48 -23.47
CA THR E 74 -7.32 14.74 -23.12
C THR E 74 -8.30 15.19 -24.20
N TYR E 75 -9.49 15.66 -23.78
CA TYR E 75 -10.52 16.19 -24.67
C TYR E 75 -10.51 17.71 -24.58
N GLU E 76 -10.71 18.42 -25.70
CA GLU E 76 -10.63 19.88 -25.69
C GLU E 76 -11.89 20.54 -26.25
N VAL E 77 -12.30 21.61 -25.60
CA VAL E 77 -13.39 22.47 -26.02
C VAL E 77 -12.82 23.76 -26.56
N PHE E 78 -13.39 24.25 -27.67
CA PHE E 78 -13.13 25.57 -28.18
C PHE E 78 -14.44 26.32 -28.17
N TYR E 79 -14.54 27.37 -27.37
CA TYR E 79 -15.76 28.15 -27.37
C TYR E 79 -15.39 29.60 -27.63
N ILE E 80 -15.80 30.16 -28.78
CA ILE E 80 -15.23 31.43 -29.19
C ILE E 80 -15.98 32.55 -28.48
N THR E 81 -15.23 33.50 -27.90
CA THR E 81 -15.87 34.62 -27.23
C THR E 81 -15.60 35.96 -27.92
N GLN E 82 -14.45 36.11 -28.59
CA GLN E 82 -14.13 37.32 -29.35
CA GLN E 82 -14.13 37.32 -29.35
C GLN E 82 -13.47 36.99 -30.69
N GLY E 83 -13.70 37.83 -31.70
CA GLY E 83 -13.04 37.64 -32.99
C GLY E 83 -13.57 36.44 -33.76
N ALA E 84 -12.69 35.71 -34.41
CA ALA E 84 -13.09 34.54 -35.20
C ALA E 84 -11.93 33.61 -35.32
N VAL E 85 -12.19 32.32 -35.14
CA VAL E 85 -11.12 31.35 -35.03
C VAL E 85 -11.45 30.16 -35.90
N ARG E 86 -10.54 29.84 -36.80
CA ARG E 86 -10.75 28.69 -37.69
C ARG E 86 -10.13 27.46 -37.07
N LEU E 87 -10.95 26.45 -36.82
CA LEU E 87 -10.51 25.22 -36.15
C LEU E 87 -10.37 24.09 -37.16
N PHE E 88 -9.19 23.46 -37.16
CA PHE E 88 -8.88 22.29 -38.00
C PHE E 88 -8.84 21.02 -37.18
N VAL E 89 -9.49 19.97 -37.65
CA VAL E 89 -9.41 18.71 -36.93
C VAL E 89 -9.45 17.51 -37.86
N GLU E 90 -8.56 16.56 -37.59
CA GLU E 90 -8.58 15.30 -38.30
C GLU E 90 -9.14 14.23 -37.37
N ASP E 91 -10.15 13.51 -37.84
CA ASP E 91 -10.74 12.50 -37.01
C ASP E 91 -9.92 11.19 -37.04
N LEU E 92 -10.43 10.19 -36.35
CA LEU E 92 -9.68 8.96 -36.13
C LEU E 92 -9.50 8.16 -37.42
N GLU E 93 -10.41 8.36 -38.37
CA GLU E 93 -10.39 7.62 -39.64
C GLU E 93 -9.63 8.40 -40.73
N GLY E 94 -9.09 9.55 -40.35
CA GLY E 94 -8.26 10.35 -41.24
C GLY E 94 -8.95 11.50 -41.98
N GLU E 95 -10.24 11.69 -41.81
CA GLU E 95 -10.87 12.77 -42.58
C GLU E 95 -10.78 14.09 -41.84
N GLN E 96 -10.41 15.12 -42.59
CA GLN E 96 -10.16 16.43 -42.02
C GLN E 96 -11.33 17.38 -42.19
N HIS E 97 -11.54 18.22 -41.19
CA HIS E 97 -12.62 19.19 -41.20
C HIS E 97 -12.09 20.53 -40.72
N GLU E 98 -12.68 21.62 -41.22
CA GLU E 98 -12.31 22.94 -40.76
C GLU E 98 -13.58 23.77 -40.64
N LYS E 99 -13.62 24.65 -39.65
CA LYS E 99 -14.74 25.58 -39.56
C LYS E 99 -14.30 26.90 -38.98
N LEU E 100 -14.81 27.97 -39.56
CA LEU E 100 -14.62 29.28 -38.95
C LEU E 100 -15.66 29.42 -37.83
N LEU E 101 -15.18 29.49 -36.60
CA LEU E 101 -16.02 29.65 -35.43
C LEU E 101 -16.09 31.13 -35.01
N THR E 102 -17.30 31.65 -34.91
CA THR E 102 -17.52 33.04 -34.49
C THR E 102 -18.07 33.05 -33.06
N PRO E 103 -18.16 34.24 -32.40
CA PRO E 103 -18.42 34.17 -30.96
C PRO E 103 -19.73 33.49 -30.61
N GLY E 104 -19.70 32.54 -29.68
CA GLY E 104 -20.85 31.72 -29.35
C GLY E 104 -20.86 30.36 -30.03
N ASP E 105 -19.99 30.17 -31.04
CA ASP E 105 -19.84 28.88 -31.72
C ASP E 105 -18.92 27.97 -30.93
N PHE E 106 -19.02 26.67 -31.20
CA PHE E 106 -18.43 25.65 -30.36
C PHE E 106 -17.72 24.60 -31.22
N GLY E 107 -16.49 24.23 -30.84
CA GLY E 107 -15.81 23.11 -31.47
C GLY E 107 -15.28 22.12 -30.45
N PHE E 108 -15.34 20.84 -30.78
CA PHE E 108 -14.95 19.82 -29.82
C PHE E 108 -13.91 18.90 -30.44
N VAL E 109 -12.79 18.74 -29.75
CA VAL E 109 -11.70 17.90 -30.25
C VAL E 109 -11.49 16.71 -29.31
N PRO E 110 -11.93 15.53 -29.73
CA PRO E 110 -11.75 14.34 -28.88
C PRO E 110 -10.28 13.95 -28.78
N LYS E 111 -9.95 13.08 -27.82
CA LYS E 111 -8.59 12.59 -27.67
C LYS E 111 -8.15 11.88 -28.96
N ASN E 112 -6.86 11.98 -29.26
CA ASN E 112 -6.19 11.31 -30.39
C ASN E 112 -6.52 11.92 -31.74
N CYS E 113 -7.27 13.02 -31.74
CA CYS E 113 -7.55 13.72 -32.99
C CYS E 113 -6.57 14.86 -33.18
N VAL E 114 -5.82 14.82 -34.28
CA VAL E 114 -4.89 15.92 -34.59
C VAL E 114 -5.67 17.19 -34.85
N HIS E 115 -5.19 18.31 -34.31
CA HIS E 115 -5.94 19.54 -34.46
C HIS E 115 -5.03 20.77 -34.49
N ALA E 116 -5.56 21.86 -35.01
CA ALA E 116 -4.85 23.13 -35.01
C ALA E 116 -5.87 24.24 -35.23
N TYR E 117 -5.48 25.47 -34.95
CA TYR E 117 -6.40 26.59 -35.16
C TYR E 117 -5.64 27.84 -35.61
N ARG E 118 -6.39 28.77 -36.20
CA ARG E 118 -5.85 30.04 -36.65
C ARG E 118 -6.75 31.18 -36.22
N MET E 119 -6.19 32.17 -35.54
CA MET E 119 -6.97 33.35 -35.23
C MET E 119 -7.10 34.27 -36.43
N GLU E 120 -8.34 34.60 -36.82
CA GLU E 120 -8.53 35.32 -38.06
C GLU E 120 -9.00 36.77 -37.83
N ARG E 121 -9.00 37.20 -36.59
CA ARG E 121 -9.21 38.60 -36.24
C ARG E 121 -8.19 38.96 -35.19
N HIS E 122 -7.84 40.24 -35.12
CA HIS E 122 -6.94 40.69 -34.08
C HIS E 122 -7.62 40.59 -32.71
N HIS E 123 -6.88 40.08 -31.74
CA HIS E 123 -7.34 39.85 -30.38
C HIS E 123 -8.61 39.00 -30.35
N SER E 124 -8.55 37.85 -31.01
CA SER E 124 -9.59 36.86 -30.88
C SER E 124 -9.42 36.18 -29.53
N GLN E 125 -10.48 35.56 -29.03
CA GLN E 125 -10.44 34.90 -27.73
C GLN E 125 -11.25 33.63 -27.76
N VAL E 126 -10.70 32.60 -27.14
CA VAL E 126 -11.33 31.31 -27.06
C VAL E 126 -11.42 30.91 -25.59
N VAL E 127 -12.59 30.46 -25.17
CA VAL E 127 -12.73 29.74 -23.90
C VAL E 127 -12.40 28.27 -24.12
N GLY E 128 -11.56 27.72 -23.25
CA GLY E 128 -11.12 26.33 -23.36
C GLY E 128 -11.36 25.55 -22.07
N VAL E 129 -11.63 24.25 -22.26
CA VAL E 129 -11.56 23.25 -21.22
C VAL E 129 -10.74 22.15 -21.87
N ALA E 130 -9.76 21.61 -21.15
CA ALA E 130 -8.94 20.54 -21.68
C ALA E 130 -8.57 19.57 -20.56
N ALA E 131 -9.19 18.39 -20.59
CA ALA E 131 -9.07 17.45 -19.51
C ALA E 131 -9.50 16.06 -19.97
N GLY E 132 -9.23 15.07 -19.14
CA GLY E 132 -9.66 13.73 -19.46
C GLY E 132 -9.48 12.85 -18.24
N PRO E 133 -9.70 11.55 -18.42
CA PRO E 133 -9.63 10.58 -17.32
C PRO E 133 -8.33 10.70 -16.52
N GLY E 134 -7.26 11.16 -17.17
CA GLY E 134 -5.95 11.22 -16.55
C GLY E 134 -5.59 12.51 -15.84
N GLY E 135 -6.43 13.53 -15.95
CA GLY E 135 -6.12 14.79 -15.33
C GLY E 135 -6.30 15.98 -16.27
N THR E 136 -5.83 17.14 -15.82
CA THR E 136 -6.09 18.37 -16.55
C THR E 136 -4.78 18.98 -17.08
N PHE E 137 -4.92 19.71 -18.18
CA PHE E 137 -3.84 20.09 -19.09
C PHE E 137 -3.28 21.51 -18.89
N GLU E 138 -3.92 22.31 -18.04
CA GLU E 138 -3.75 23.76 -18.15
C GLU E 138 -2.34 24.32 -17.85
N ARG E 139 -1.52 23.66 -17.04
CA ARG E 139 -0.20 24.22 -16.72
C ARG E 139 0.81 23.94 -17.86
N PHE E 140 0.34 23.30 -18.93
CA PHE E 140 1.15 23.11 -20.13
C PHE E 140 1.66 24.46 -20.67
N PHE E 141 0.76 25.44 -20.78
CA PHE E 141 1.08 26.67 -21.49
C PHE E 141 2.24 27.46 -20.88
N GLU E 142 2.26 27.57 -19.55
CA GLU E 142 3.36 28.26 -18.87
C GLU E 142 4.58 27.39 -18.77
N SER E 143 4.41 26.09 -19.05
CA SER E 143 5.56 25.18 -19.02
C SER E 143 6.31 25.22 -20.34
N LEU E 144 5.58 25.17 -21.46
CA LEU E 144 6.21 25.34 -22.76
C LEU E 144 6.55 26.82 -23.00
N GLY E 145 5.61 27.70 -22.70
CA GLY E 145 5.84 29.12 -22.74
C GLY E 145 6.37 29.63 -21.41
N THR E 146 5.74 30.67 -20.88
CA THR E 146 6.23 31.28 -19.64
C THR E 146 5.10 31.89 -18.85
N PRO E 147 5.18 31.81 -17.51
CA PRO E 147 4.18 32.53 -16.70
C PRO E 147 4.35 34.03 -16.94
N ALA E 148 3.28 34.80 -16.82
CA ALA E 148 3.40 36.24 -17.03
C ALA E 148 2.65 36.98 -15.93
N GLU E 149 3.25 38.04 -15.40
CA GLU E 149 2.55 38.79 -14.37
C GLU E 149 1.89 40.03 -14.97
N GLU E 150 2.33 40.43 -16.16
CA GLU E 150 1.69 41.55 -16.86
C GLU E 150 0.32 41.16 -17.39
N LEU E 151 -0.57 42.13 -17.48
CA LEU E 151 -1.83 41.99 -18.18
C LEU E 151 -1.62 42.15 -19.69
N GLY E 152 -2.54 41.64 -20.49
CA GLY E 152 -2.54 41.92 -21.92
C GLY E 152 -1.68 40.99 -22.76
N LEU E 153 -1.76 41.18 -24.07
CA LEU E 153 -1.01 40.36 -25.01
C LEU E 153 0.49 40.61 -24.82
N PRO E 154 1.31 39.58 -25.05
CA PRO E 154 2.75 39.80 -24.94
C PRO E 154 3.23 40.82 -25.97
N VAL E 155 4.07 41.74 -25.52
CA VAL E 155 4.69 42.71 -26.41
C VAL E 155 5.61 42.02 -27.41
N ARG E 156 6.41 41.08 -26.91
CA ARG E 156 7.28 40.26 -27.74
C ARG E 156 6.81 38.84 -27.64
N PRO E 157 6.70 38.13 -28.77
CA PRO E 157 6.29 36.73 -28.73
C PRO E 157 7.26 35.93 -27.86
N PHE E 158 6.73 34.95 -27.12
CA PHE E 158 7.61 34.09 -26.38
C PHE E 158 7.82 32.80 -27.15
N VAL E 159 9.01 32.66 -27.73
CA VAL E 159 9.38 31.47 -28.47
C VAL E 159 10.16 30.51 -27.58
N PRO E 160 9.60 29.34 -27.28
CA PRO E 160 10.25 28.37 -26.42
C PRO E 160 11.56 27.86 -27.02
N GLU E 161 12.53 27.55 -26.16
CA GLU E 161 13.79 26.94 -26.60
C GLU E 161 13.47 25.58 -27.19
N PRO E 162 14.16 25.20 -28.28
CA PRO E 162 13.94 23.92 -28.96
C PRO E 162 13.85 22.72 -28.01
N GLU E 163 14.58 22.77 -26.90
CA GLU E 163 14.62 21.63 -25.98
C GLU E 163 13.31 21.51 -25.20
N LYS E 164 12.57 22.60 -25.08
CA LYS E 164 11.28 22.55 -24.40
C LYS E 164 10.29 21.69 -25.19
N PHE E 165 10.41 21.70 -26.51
CA PHE E 165 9.47 20.96 -27.34
C PHE E 165 9.71 19.46 -27.20
N ARG E 166 10.90 19.11 -26.74
CA ARG E 166 11.26 17.71 -26.57
C ARG E 166 10.90 17.20 -25.19
N THR E 167 10.96 18.09 -24.19
CA THR E 167 10.77 17.70 -22.80
C THR E 167 9.33 17.94 -22.29
N VAL E 168 8.69 19.01 -22.73
CA VAL E 168 7.32 19.26 -22.29
C VAL E 168 6.38 18.06 -22.51
N PRO E 169 6.47 17.37 -23.68
CA PRO E 169 5.61 16.18 -23.84
C PRO E 169 5.90 15.05 -22.85
N GLU E 170 7.06 15.08 -22.20
CA GLU E 170 7.35 14.06 -21.20
C GLU E 170 6.51 14.27 -19.94
N GLN E 171 5.95 15.47 -19.80
CA GLN E 171 5.19 15.86 -18.62
C GLN E 171 3.71 16.18 -18.92
N TYR E 172 3.43 16.70 -20.11
CA TYR E 172 2.06 17.06 -20.46
C TYR E 172 1.63 16.22 -21.65
N ASP E 173 0.34 15.90 -21.67
CA ASP E 173 -0.25 15.05 -22.70
C ASP E 173 -0.37 15.85 -23.99
N VAL E 174 0.75 16.06 -24.66
CA VAL E 174 0.75 16.72 -25.96
C VAL E 174 1.75 16.00 -26.85
N ARG E 175 1.35 15.75 -28.09
CA ARG E 175 2.20 15.14 -29.09
C ARG E 175 2.18 16.03 -30.33
N PHE E 176 3.32 16.63 -30.62
CA PHE E 176 3.41 17.56 -31.74
C PHE E 176 3.49 16.80 -33.06
N ARG E 177 2.89 17.39 -34.08
CA ARG E 177 2.87 16.79 -35.41
C ARG E 177 3.37 17.82 -36.42
N PRO E 178 4.68 18.12 -36.39
CA PRO E 178 5.28 19.17 -37.24
C PRO E 178 5.13 18.94 -38.74
N ASP E 179 4.99 17.69 -39.17
CA ASP E 179 4.89 17.39 -40.60
C ASP E 179 3.46 17.35 -41.11
N HIS E 180 2.49 17.53 -40.22
CA HIS E 180 1.10 17.34 -40.60
C HIS E 180 0.66 18.36 -41.65
N GLN E 181 -0.03 17.88 -42.67
CA GLN E 181 -0.53 18.75 -43.72
C GLN E 181 -2.05 18.76 -43.71
N TRP E 182 -2.62 19.97 -43.75
CA TRP E 182 -4.07 20.15 -43.83
C TRP E 182 -4.52 20.25 -45.28
N HIS E 183 -5.47 19.41 -45.68
CA HIS E 183 -5.98 19.45 -47.05
C HIS E 183 -7.45 19.86 -47.10
N THR E 184 -7.83 20.81 -46.26
CA THR E 184 -9.21 21.31 -46.23
C THR E 184 -9.36 22.60 -47.03
N GLY E 185 -8.24 23.14 -47.49
CA GLY E 185 -8.25 24.38 -48.24
C GLY E 185 -8.71 25.57 -47.42
N ILE F 3 -25.10 18.19 -40.77
CA ILE F 3 -25.50 16.86 -40.34
C ILE F 3 -26.22 16.87 -38.99
N GLU F 4 -27.46 16.37 -38.97
CA GLU F 4 -28.17 16.19 -37.70
C GLU F 4 -28.07 14.74 -37.26
N TYR F 5 -28.10 14.51 -35.96
CA TYR F 5 -28.01 13.16 -35.42
C TYR F 5 -29.20 12.84 -34.52
N ALA F 6 -29.48 11.56 -34.38
CA ALA F 6 -30.41 11.09 -33.36
C ALA F 6 -29.60 10.50 -32.22
N THR F 7 -29.91 10.91 -31.00
CA THR F 7 -29.18 10.42 -29.84
C THR F 7 -30.15 9.88 -28.81
N ARG F 8 -29.63 9.33 -27.72
CA ARG F 8 -30.47 8.84 -26.65
C ARG F 8 -31.18 9.99 -25.96
N HIS F 9 -30.73 11.21 -26.27
CA HIS F 9 -31.23 12.42 -25.63
C HIS F 9 -32.20 13.22 -26.48
N ARG F 10 -32.05 13.16 -27.80
CA ARG F 10 -32.81 14.01 -28.71
C ARG F 10 -33.02 13.29 -30.03
N ALA F 11 -34.24 13.37 -30.56
CA ALA F 11 -34.48 12.89 -31.92
C ALA F 11 -33.59 13.65 -32.90
N ARG F 12 -33.36 14.93 -32.63
CA ARG F 12 -32.54 15.77 -33.49
C ARG F 12 -31.50 16.50 -32.65
N SER F 13 -30.25 16.26 -32.95
CA SER F 13 -29.18 16.89 -32.20
C SER F 13 -27.98 17.14 -33.11
N PHE F 14 -27.18 18.13 -32.75
CA PHE F 14 -25.91 18.35 -33.46
C PHE F 14 -24.73 17.72 -32.72
N ILE F 15 -25.01 17.14 -31.56
CA ILE F 15 -23.97 16.38 -30.84
C ILE F 15 -24.00 14.96 -31.37
N PRO F 16 -22.87 14.44 -31.90
CA PRO F 16 -22.80 13.05 -32.39
C PRO F 16 -23.03 12.04 -31.28
N PRO F 17 -23.77 10.95 -31.59
CA PRO F 17 -23.98 9.89 -30.60
C PRO F 17 -22.72 9.10 -30.23
N GLU F 18 -21.80 8.92 -31.17
CA GLU F 18 -20.62 8.09 -30.90
C GLU F 18 -19.52 8.89 -30.24
N PRO F 19 -18.85 8.29 -29.25
CA PRO F 19 -17.67 8.94 -28.65
C PRO F 19 -16.54 9.01 -29.67
N GLY F 20 -15.67 10.02 -29.53
CA GLY F 20 -14.49 10.08 -30.38
C GLY F 20 -14.66 10.82 -31.70
N LYS F 21 -15.84 11.42 -31.91
CA LYS F 21 -16.09 12.18 -33.14
C LYS F 21 -15.94 13.68 -32.91
N PRO F 22 -15.03 14.32 -33.66
CA PRO F 22 -14.95 15.79 -33.60
C PRO F 22 -16.21 16.40 -34.19
N TYR F 23 -16.61 17.55 -33.67
CA TYR F 23 -17.79 18.19 -34.22
C TYR F 23 -17.79 19.66 -33.90
N PHE F 24 -18.59 20.41 -34.66
CA PHE F 24 -18.77 21.84 -34.43
C PHE F 24 -20.24 22.11 -34.23
N ILE F 25 -20.58 23.10 -33.40
CA ILE F 25 -21.98 23.52 -33.29
C ILE F 25 -22.04 25.05 -33.32
N GLU F 26 -22.86 25.59 -34.21
CA GLU F 26 -23.09 27.03 -34.24
C GLU F 26 -23.85 27.52 -33.02
N LYS F 27 -23.65 28.81 -32.74
CA LYS F 27 -24.25 29.53 -31.64
C LYS F 27 -25.71 29.17 -31.47
N GLY F 28 -26.04 28.61 -30.30
CA GLY F 28 -27.45 28.36 -29.98
C GLY F 28 -27.97 26.95 -30.24
N LEU F 29 -27.25 26.20 -31.06
CA LEU F 29 -27.78 24.94 -31.59
C LEU F 29 -27.37 23.68 -30.82
N GLY F 30 -26.83 23.85 -29.62
CA GLY F 30 -26.67 22.70 -28.72
C GLY F 30 -28.02 22.17 -28.26
N ASP F 31 -28.03 21.04 -27.55
CA ASP F 31 -29.29 20.51 -27.00
C ASP F 31 -29.89 21.52 -26.02
N ARG F 32 -31.19 21.78 -26.13
CA ARG F 32 -31.81 22.82 -25.34
C ARG F 32 -32.77 22.30 -24.27
N ALA F 33 -32.82 23.01 -23.15
CA ALA F 33 -33.73 22.67 -22.05
C ALA F 33 -34.31 23.96 -21.48
N HIS F 34 -35.54 23.91 -20.98
CA HIS F 34 -36.10 25.05 -20.28
C HIS F 34 -36.32 24.73 -18.82
N LEU F 35 -35.90 25.64 -17.94
CA LEU F 35 -36.07 25.51 -16.50
C LEU F 35 -36.42 26.88 -15.96
N PHE F 36 -37.65 27.00 -15.44
CA PHE F 36 -38.26 28.29 -15.13
C PHE F 36 -38.16 29.19 -16.36
N GLY F 37 -37.66 30.41 -16.21
CA GLY F 37 -37.51 31.30 -17.34
C GLY F 37 -36.23 31.13 -18.14
N ASP F 38 -35.36 30.22 -17.71
CA ASP F 38 -34.03 30.10 -18.33
C ASP F 38 -33.93 29.06 -19.45
N LEU F 39 -33.03 29.32 -20.40
CA LEU F 39 -32.71 28.39 -21.46
C LEU F 39 -31.30 27.85 -21.23
N ILE F 40 -31.16 26.52 -21.19
CA ILE F 40 -29.84 25.85 -21.02
C ILE F 40 -29.50 25.16 -22.34
N THR F 41 -28.29 25.38 -22.83
CA THR F 41 -27.89 24.86 -24.13
C THR F 41 -26.64 24.02 -23.92
N ILE F 42 -26.73 22.72 -24.21
CA ILE F 42 -25.63 21.80 -23.96
C ILE F 42 -24.83 21.58 -25.22
N TYR F 43 -23.52 21.82 -25.16
CA TYR F 43 -22.68 21.65 -26.34
C TYR F 43 -21.86 20.38 -26.28
N ALA F 44 -21.56 19.94 -25.05
CA ALA F 44 -20.89 18.64 -24.83
C ALA F 44 -21.31 18.09 -23.48
N GLY F 45 -21.48 16.76 -23.43
CA GLY F 45 -21.92 16.09 -22.22
C GLY F 45 -20.94 14.98 -21.87
N GLY F 46 -21.27 14.20 -20.86
CA GLY F 46 -20.33 13.19 -20.38
C GLY F 46 -20.03 12.12 -21.43
N GLU F 47 -20.96 11.91 -22.36
CA GLU F 47 -20.74 10.89 -23.38
C GLU F 47 -19.62 11.32 -24.33
N GLN F 48 -19.28 12.60 -24.35
CA GLN F 48 -18.22 13.08 -25.24
C GLN F 48 -16.84 13.06 -24.56
N THR F 49 -16.84 12.92 -23.24
CA THR F 49 -15.60 13.11 -22.50
C THR F 49 -15.23 11.99 -21.54
N GLU F 50 -15.76 10.79 -21.77
CA GLU F 50 -15.60 9.67 -20.86
C GLU F 50 -16.07 10.07 -19.48
N ASN F 51 -17.16 10.83 -19.47
CA ASN F 51 -17.83 11.28 -18.26
C ASN F 51 -16.91 12.07 -17.35
N THR F 52 -16.12 12.92 -17.98
CA THR F 52 -15.15 13.73 -17.29
C THR F 52 -15.69 15.14 -17.10
N PHE F 53 -16.19 15.73 -18.17
CA PHE F 53 -16.74 17.08 -18.06
C PHE F 53 -17.78 17.35 -19.12
N ASN F 54 -18.34 18.55 -19.06
CA ASN F 54 -19.39 18.95 -19.99
C ASN F 54 -19.18 20.41 -20.33
N PHE F 55 -20.07 20.98 -21.13
CA PHE F 55 -19.96 22.38 -21.52
C PHE F 55 -21.33 22.87 -21.94
N PHE F 56 -21.82 23.92 -21.31
CA PHE F 56 -23.17 24.38 -21.58
C PHE F 56 -23.30 25.86 -21.26
N THR F 57 -24.35 26.49 -21.78
CA THR F 57 -24.66 27.87 -21.44
C THR F 57 -26.01 27.92 -20.74
N CYS F 58 -26.23 28.99 -19.99
CA CYS F 58 -27.50 29.20 -19.34
C CYS F 58 -27.84 30.66 -19.58
N GLU F 59 -29.06 30.93 -20.01
CA GLU F 59 -29.39 32.32 -20.30
C GLU F 59 -30.82 32.59 -19.93
N GLY F 60 -31.13 33.83 -19.59
CA GLY F 60 -32.48 34.06 -19.11
C GLY F 60 -32.81 35.50 -18.88
N PRO F 61 -34.06 35.77 -18.52
CA PRO F 61 -34.49 37.14 -18.29
C PRO F 61 -33.95 37.68 -16.99
N LYS F 62 -34.01 39.01 -16.85
CA LYS F 62 -33.77 39.65 -15.57
C LYS F 62 -34.76 39.05 -14.59
N GLY F 63 -34.28 38.54 -13.48
CA GLY F 63 -35.18 37.85 -12.58
C GLY F 63 -34.68 37.75 -11.16
N GLU F 64 -35.31 36.89 -10.38
CA GLU F 64 -34.90 36.70 -9.01
C GLU F 64 -33.94 35.53 -8.89
N VAL F 65 -33.42 35.35 -7.68
CA VAL F 65 -32.46 34.30 -7.40
C VAL F 65 -33.08 32.90 -7.62
N ILE F 66 -32.35 32.03 -8.33
CA ILE F 66 -32.78 30.66 -8.49
C ILE F 66 -32.76 29.98 -7.10
N PRO F 67 -33.34 28.77 -6.97
CA PRO F 67 -33.32 28.11 -5.66
C PRO F 67 -31.90 27.82 -5.12
N ALA F 68 -31.65 28.18 -3.87
CA ALA F 68 -30.38 27.84 -3.21
C ALA F 68 -30.22 26.32 -3.16
N HIS F 69 -29.02 25.83 -3.46
CA HIS F 69 -28.82 24.39 -3.53
C HIS F 69 -27.34 24.07 -3.42
N SER F 70 -27.03 22.78 -3.26
CA SER F 70 -25.65 22.27 -3.19
C SER F 70 -25.50 21.04 -4.06
N HIS F 71 -24.26 20.66 -4.33
CA HIS F 71 -23.94 19.43 -5.02
C HIS F 71 -22.90 18.71 -4.19
N ALA F 72 -23.11 17.42 -3.89
CA ALA F 72 -22.19 16.73 -2.99
C ALA F 72 -20.87 16.36 -3.63
N ASP F 73 -20.82 16.34 -4.95
CA ASP F 73 -19.62 15.83 -5.62
C ASP F 73 -19.43 16.42 -7.01
N THR F 74 -19.89 17.64 -7.18
CA THR F 74 -19.89 18.33 -8.47
C THR F 74 -19.37 19.73 -8.24
N TYR F 75 -18.46 20.15 -9.12
CA TYR F 75 -17.88 21.49 -9.09
C TYR F 75 -18.47 22.29 -10.21
N GLU F 76 -18.66 23.58 -9.99
CA GLU F 76 -19.33 24.39 -11.02
C GLU F 76 -18.61 25.69 -11.33
N VAL F 77 -18.54 26.00 -12.62
CA VAL F 77 -17.99 27.25 -13.11
C VAL F 77 -19.09 28.17 -13.62
N PHE F 78 -19.00 29.47 -13.28
CA PHE F 78 -19.81 30.53 -13.89
C PHE F 78 -18.89 31.49 -14.62
N TYR F 79 -19.02 31.54 -15.94
CA TYR F 79 -18.21 32.46 -16.71
C TYR F 79 -19.17 33.32 -17.52
N ILE F 80 -19.27 34.60 -17.19
CA ILE F 80 -20.36 35.39 -17.74
C ILE F 80 -19.99 35.81 -19.14
N THR F 81 -20.92 35.69 -20.08
CA THR F 81 -20.68 36.12 -21.46
C THR F 81 -21.58 37.26 -21.93
N GLN F 82 -22.76 37.40 -21.31
CA GLN F 82 -23.70 38.49 -21.61
C GLN F 82 -24.38 39.00 -20.33
N GLY F 83 -24.72 40.28 -20.31
CA GLY F 83 -25.50 40.83 -19.21
C GLY F 83 -24.67 40.87 -17.94
N ALA F 84 -25.29 40.57 -16.83
CA ALA F 84 -24.61 40.61 -15.53
C ALA F 84 -25.33 39.68 -14.59
N VAL F 85 -24.58 38.88 -13.85
CA VAL F 85 -25.13 37.83 -12.99
C VAL F 85 -24.54 37.91 -11.59
N ARG F 86 -25.41 37.97 -10.59
CA ARG F 86 -24.93 38.05 -9.22
C ARG F 86 -24.89 36.64 -8.67
N LEU F 87 -23.70 36.23 -8.22
CA LEU F 87 -23.48 34.89 -7.72
C LEU F 87 -23.37 34.90 -6.19
N PHE F 88 -24.17 34.08 -5.52
CA PHE F 88 -24.12 33.94 -4.06
C PHE F 88 -23.53 32.59 -3.70
N VAL F 89 -22.60 32.55 -2.76
CA VAL F 89 -22.02 31.26 -2.35
C VAL F 89 -21.64 31.25 -0.87
N GLU F 90 -21.89 30.13 -0.22
CA GLU F 90 -21.50 29.93 1.17
C GLU F 90 -20.39 28.89 1.22
N ASP F 91 -19.29 29.18 1.91
CA ASP F 91 -18.20 28.22 2.00
C ASP F 91 -18.47 27.18 3.10
N LEU F 92 -17.55 26.23 3.26
CA LEU F 92 -17.73 25.12 4.18
C LEU F 92 -17.72 25.60 5.62
N GLU F 93 -17.25 26.81 5.84
CA GLU F 93 -17.13 27.33 7.20
C GLU F 93 -18.35 28.17 7.55
N GLY F 94 -19.22 28.39 6.58
CA GLY F 94 -20.47 29.09 6.81
C GLY F 94 -20.45 30.56 6.42
N GLU F 95 -19.32 31.03 5.93
CA GLU F 95 -19.24 32.41 5.46
C GLU F 95 -19.83 32.55 4.07
N GLN F 96 -20.72 33.51 3.90
CA GLN F 96 -21.35 33.76 2.62
C GLN F 96 -20.64 34.86 1.84
N HIS F 97 -20.73 34.79 0.52
CA HIS F 97 -20.10 35.77 -0.35
C HIS F 97 -21.00 36.04 -1.54
N GLU F 98 -21.00 37.28 -2.02
CA GLU F 98 -21.75 37.58 -3.22
C GLU F 98 -20.92 38.47 -4.13
N LYS F 99 -21.11 38.34 -5.44
CA LYS F 99 -20.44 39.22 -6.36
C LYS F 99 -21.24 39.41 -7.64
N LEU F 100 -21.30 40.64 -8.14
CA LEU F 100 -21.88 40.89 -9.45
C LEU F 100 -20.82 40.59 -10.51
N LEU F 101 -21.08 39.56 -11.29
CA LEU F 101 -20.15 39.15 -12.34
C LEU F 101 -20.60 39.71 -13.69
N THR F 102 -19.68 40.37 -14.39
CA THR F 102 -19.96 40.97 -15.68
C THR F 102 -19.19 40.17 -16.75
N PRO F 103 -19.47 40.39 -18.06
CA PRO F 103 -18.90 39.50 -19.08
C PRO F 103 -17.38 39.36 -19.00
N GLY F 104 -16.89 38.13 -18.94
CA GLY F 104 -15.47 37.92 -18.79
C GLY F 104 -15.06 37.64 -17.34
N ASP F 105 -15.94 37.93 -16.38
CA ASP F 105 -15.70 37.60 -14.98
C ASP F 105 -16.05 36.14 -14.72
N PHE F 106 -15.49 35.61 -13.64
CA PHE F 106 -15.50 34.19 -13.36
C PHE F 106 -15.88 33.91 -11.91
N GLY F 107 -16.75 32.93 -11.69
CA GLY F 107 -17.05 32.47 -10.34
C GLY F 107 -16.91 30.95 -10.26
N PHE F 108 -16.47 30.44 -9.12
CA PHE F 108 -16.25 29.02 -8.96
C PHE F 108 -16.91 28.53 -7.69
N VAL F 109 -17.74 27.51 -7.81
CA VAL F 109 -18.45 26.94 -6.67
C VAL F 109 -18.01 25.51 -6.47
N PRO F 110 -17.22 25.25 -5.41
CA PRO F 110 -16.81 23.87 -5.17
C PRO F 110 -17.94 23.02 -4.60
N LYS F 111 -17.75 21.70 -4.60
CA LYS F 111 -18.74 20.77 -4.06
C LYS F 111 -19.05 21.12 -2.62
N ASN F 112 -20.29 20.82 -2.21
CA ASN F 112 -20.77 20.96 -0.84
C ASN F 112 -20.95 22.40 -0.41
N CYS F 113 -20.81 23.34 -1.33
CA CYS F 113 -21.07 24.73 -1.00
C CYS F 113 -22.44 25.18 -1.53
N VAL F 114 -23.25 25.76 -0.64
CA VAL F 114 -24.58 26.23 -1.01
C VAL F 114 -24.38 27.43 -1.89
N HIS F 115 -25.20 27.55 -2.94
CA HIS F 115 -25.07 28.68 -3.82
C HIS F 115 -26.36 28.95 -4.57
N ALA F 116 -26.39 30.09 -5.23
CA ALA F 116 -27.55 30.55 -5.97
C ALA F 116 -27.08 31.72 -6.83
N TYR F 117 -27.83 32.03 -7.90
CA TYR F 117 -27.46 33.15 -8.75
C TYR F 117 -28.71 33.92 -9.15
N ARG F 118 -28.52 35.19 -9.54
CA ARG F 118 -29.61 36.04 -10.00
C ARG F 118 -29.15 36.80 -11.23
N MET F 119 -29.96 36.76 -12.28
CA MET F 119 -29.63 37.49 -13.50
C MET F 119 -30.14 38.92 -13.39
N GLU F 120 -29.23 39.88 -13.62
CA GLU F 120 -29.57 41.29 -13.35
C GLU F 120 -29.62 42.16 -14.60
N ARG F 121 -29.54 41.51 -15.76
CA ARG F 121 -29.86 42.18 -17.03
C ARG F 121 -30.69 41.25 -17.88
N HIS F 122 -31.56 41.80 -18.72
CA HIS F 122 -32.34 40.95 -19.63
CA HIS F 122 -32.34 40.94 -19.59
C HIS F 122 -31.43 40.19 -20.59
N HIS F 123 -31.70 38.91 -20.73
CA HIS F 123 -30.94 38.00 -21.57
C HIS F 123 -29.46 38.00 -21.19
N SER F 124 -29.21 37.80 -19.91
CA SER F 124 -27.87 37.53 -19.42
C SER F 124 -27.51 36.10 -19.84
N GLN F 125 -26.21 35.80 -19.89
CA GLN F 125 -25.75 34.48 -20.32
C GLN F 125 -24.49 34.10 -19.57
N VAL F 126 -24.46 32.84 -19.15
CA VAL F 126 -23.37 32.25 -18.39
C VAL F 126 -22.88 31.02 -19.13
N VAL F 127 -21.56 30.87 -19.27
CA VAL F 127 -20.98 29.62 -19.73
C VAL F 127 -20.67 28.78 -18.52
N GLY F 128 -21.01 27.50 -18.58
CA GLY F 128 -20.89 26.63 -17.44
C GLY F 128 -20.17 25.32 -17.71
N VAL F 129 -19.53 24.82 -16.66
CA VAL F 129 -19.08 23.44 -16.58
C VAL F 129 -19.61 22.98 -15.25
N ALA F 130 -20.16 21.78 -15.19
CA ALA F 130 -20.68 21.24 -13.93
C ALA F 130 -20.39 19.76 -13.89
N ALA F 131 -19.34 19.40 -13.16
CA ALA F 131 -18.84 18.04 -13.19
C ALA F 131 -17.96 17.78 -11.99
N GLY F 132 -17.66 16.50 -11.76
CA GLY F 132 -16.75 16.11 -10.71
C GLY F 132 -16.52 14.62 -10.77
N PRO F 133 -15.94 14.06 -9.71
CA PRO F 133 -15.49 12.66 -9.66
C PRO F 133 -16.59 11.64 -9.99
N GLY F 134 -17.84 11.97 -9.68
CA GLY F 134 -18.94 11.04 -9.87
C GLY F 134 -19.61 11.12 -11.23
N GLY F 135 -19.24 12.11 -12.04
CA GLY F 135 -19.85 12.23 -13.35
C GLY F 135 -20.25 13.65 -13.71
N THR F 136 -21.08 13.78 -14.74
CA THR F 136 -21.40 15.10 -15.25
C THR F 136 -22.89 15.39 -15.11
N PHE F 137 -23.20 16.67 -14.92
CA PHE F 137 -24.47 17.13 -14.37
C PHE F 137 -25.48 17.61 -15.44
N GLU F 138 -25.06 17.66 -16.70
CA GLU F 138 -25.77 18.50 -17.68
C GLU F 138 -27.23 18.09 -17.97
N ARG F 139 -27.59 16.81 -17.76
CA ARG F 139 -28.96 16.42 -18.11
C ARG F 139 -29.92 16.67 -16.95
N PHE F 140 -29.42 17.27 -15.87
CA PHE F 140 -30.28 17.71 -14.78
C PHE F 140 -31.34 18.68 -15.29
N PHE F 141 -30.94 19.59 -16.18
CA PHE F 141 -31.82 20.69 -16.52
C PHE F 141 -33.08 20.25 -17.24
N GLU F 142 -32.95 19.30 -18.16
CA GLU F 142 -34.10 18.85 -18.93
C GLU F 142 -34.89 17.81 -18.14
N SER F 143 -34.26 17.33 -17.08
CA SER F 143 -34.90 16.37 -16.19
C SER F 143 -35.76 17.04 -15.13
N LEU F 144 -35.22 18.08 -14.49
CA LEU F 144 -36.05 18.88 -13.58
C LEU F 144 -37.01 19.74 -14.42
N GLY F 145 -36.46 20.36 -15.45
CA GLY F 145 -37.24 21.18 -16.36
C GLY F 145 -37.77 20.33 -17.51
N THR F 146 -37.52 20.76 -18.73
CA THR F 146 -38.00 20.01 -19.90
C THR F 146 -37.07 20.22 -21.09
N PRO F 147 -36.96 19.22 -21.97
CA PRO F 147 -36.19 19.49 -23.19
C PRO F 147 -36.98 20.45 -24.07
N ALA F 148 -36.29 21.16 -24.93
CA ALA F 148 -36.96 22.11 -25.82
C ALA F 148 -36.43 21.96 -27.24
N GLU F 149 -37.34 21.99 -28.21
CA GLU F 149 -36.93 21.91 -29.60
C GLU F 149 -36.74 23.29 -30.21
N GLU F 150 -37.40 24.29 -29.66
CA GLU F 150 -37.39 25.64 -30.23
C GLU F 150 -36.18 26.44 -29.78
N LEU F 151 -35.82 27.46 -30.57
CA LEU F 151 -34.74 28.36 -30.17
C LEU F 151 -35.27 29.49 -29.31
N GLY F 152 -34.40 30.09 -28.51
CA GLY F 152 -34.75 31.27 -27.75
C GLY F 152 -35.23 31.00 -26.34
N LEU F 153 -35.40 32.08 -25.58
CA LEU F 153 -35.90 31.99 -24.23
C LEU F 153 -37.32 31.37 -24.24
N PRO F 154 -37.67 30.55 -23.24
CA PRO F 154 -39.06 30.05 -23.17
C PRO F 154 -40.09 31.18 -23.08
N VAL F 155 -41.22 30.99 -23.75
CA VAL F 155 -42.25 32.01 -23.79
C VAL F 155 -42.98 32.07 -22.45
N ARG F 156 -43.18 30.88 -21.87
CA ARG F 156 -43.79 30.73 -20.55
C ARG F 156 -42.77 30.00 -19.71
N PRO F 157 -42.56 30.46 -18.47
CA PRO F 157 -41.59 29.75 -17.62
C PRO F 157 -42.03 28.30 -17.41
N PHE F 158 -41.08 27.37 -17.42
CA PHE F 158 -41.40 25.99 -17.09
C PHE F 158 -41.20 25.76 -15.59
N VAL F 159 -42.30 25.58 -14.88
CA VAL F 159 -42.23 25.37 -13.44
C VAL F 159 -42.42 23.90 -13.16
N PRO F 160 -41.36 23.24 -12.65
CA PRO F 160 -41.46 21.81 -12.37
C PRO F 160 -42.51 21.53 -11.31
N GLU F 161 -43.28 20.47 -11.47
CA GLU F 161 -44.21 20.00 -10.44
C GLU F 161 -43.40 19.58 -9.22
N PRO F 162 -43.99 19.69 -8.02
CA PRO F 162 -43.30 19.35 -6.77
C PRO F 162 -42.64 17.98 -6.81
N GLU F 163 -43.32 16.99 -7.36
CA GLU F 163 -42.76 15.63 -7.44
C GLU F 163 -41.38 15.56 -8.08
N LYS F 164 -41.13 16.40 -9.09
CA LYS F 164 -39.83 16.40 -9.75
C LYS F 164 -38.75 16.85 -8.77
N PHE F 165 -39.09 17.78 -7.89
CA PHE F 165 -38.10 18.29 -6.94
C PHE F 165 -37.67 17.24 -5.93
N ARG F 166 -38.48 16.20 -5.77
CA ARG F 166 -38.13 15.16 -4.82
C ARG F 166 -37.48 13.96 -5.50
N THR F 167 -37.75 13.75 -6.79
CA THR F 167 -37.20 12.60 -7.50
C THR F 167 -35.90 12.91 -8.24
N VAL F 168 -35.76 14.11 -8.78
CA VAL F 168 -34.54 14.44 -9.53
C VAL F 168 -33.25 14.26 -8.70
N PRO F 169 -33.24 14.66 -7.40
CA PRO F 169 -32.06 14.36 -6.58
C PRO F 169 -31.68 12.88 -6.47
N GLU F 170 -32.58 11.98 -6.84
CA GLU F 170 -32.29 10.56 -6.76
C GLU F 170 -31.45 10.11 -7.96
N GLN F 171 -31.39 10.96 -8.98
CA GLN F 171 -30.59 10.64 -10.17
C GLN F 171 -29.50 11.66 -10.46
N TYR F 172 -29.65 12.88 -9.95
CA TYR F 172 -28.65 13.93 -10.21
C TYR F 172 -28.13 14.51 -8.89
N ASP F 173 -26.85 14.83 -8.88
CA ASP F 173 -26.18 15.31 -7.67
C ASP F 173 -26.60 16.74 -7.30
N VAL F 174 -27.75 16.88 -6.65
CA VAL F 174 -28.22 18.21 -6.25
C VAL F 174 -29.03 18.07 -4.96
N ARG F 175 -28.84 19.02 -4.05
CA ARG F 175 -29.63 19.07 -2.83
C ARG F 175 -30.20 20.47 -2.68
N PHE F 176 -31.53 20.59 -2.70
CA PHE F 176 -32.14 21.90 -2.58
C PHE F 176 -32.16 22.37 -1.13
N ARG F 177 -32.00 23.67 -0.94
CA ARG F 177 -31.98 24.25 0.38
C ARG F 177 -33.03 25.33 0.48
N PRO F 178 -34.31 24.93 0.56
CA PRO F 178 -35.48 25.81 0.48
C PRO F 178 -35.52 26.86 1.58
N ASP F 179 -34.86 26.58 2.69
CA ASP F 179 -34.93 27.45 3.86
C ASP F 179 -33.60 28.18 4.08
N HIS F 180 -32.69 28.09 3.12
CA HIS F 180 -31.44 28.81 3.21
C HIS F 180 -31.71 30.31 3.15
N GLN F 181 -30.99 31.08 3.97
CA GLN F 181 -31.11 32.54 3.97
C GLN F 181 -29.78 33.23 3.66
N TRP F 182 -29.78 34.11 2.68
CA TRP F 182 -28.57 34.86 2.32
C TRP F 182 -28.43 36.12 3.18
N HIS F 183 -27.27 36.27 3.82
CA HIS F 183 -27.02 37.42 4.69
C HIS F 183 -26.38 38.56 3.91
N THR F 184 -25.87 38.26 2.74
CA THR F 184 -25.11 39.23 1.94
C THR F 184 -25.94 40.43 1.50
N GLY F 185 -27.11 40.17 0.90
CA GLY F 185 -27.99 41.22 0.46
C GLY F 185 -28.96 40.79 -0.62
N ILE G 3 -12.00 20.15 16.23
CA ILE G 3 -11.26 18.99 15.78
C ILE G 3 -12.04 18.19 14.72
N GLU G 4 -13.37 18.24 14.80
CA GLU G 4 -14.23 17.41 13.95
C GLU G 4 -14.76 18.14 12.71
N TYR G 5 -15.04 17.37 11.67
CA TYR G 5 -15.52 17.91 10.39
C TYR G 5 -16.90 17.37 10.03
N ALA G 6 -17.63 18.14 9.24
CA ALA G 6 -18.83 17.62 8.59
C ALA G 6 -18.49 17.29 7.14
N THR G 7 -18.87 16.09 6.70
CA THR G 7 -18.73 15.69 5.30
C THR G 7 -20.04 15.18 4.74
N ARG G 8 -20.03 14.79 3.46
CA ARG G 8 -21.21 14.24 2.82
C ARG G 8 -21.61 12.91 3.47
N HIS G 9 -20.65 12.24 4.09
CA HIS G 9 -20.88 10.91 4.66
C HIS G 9 -21.23 10.91 6.16
N ARG G 10 -20.78 11.92 6.90
CA ARG G 10 -20.96 11.94 8.35
C ARG G 10 -21.16 13.36 8.87
N ALA G 11 -22.10 13.55 9.80
CA ALA G 11 -22.23 14.82 10.50
C ALA G 11 -20.94 15.16 11.26
N ARG G 12 -20.25 14.13 11.74
CA ARG G 12 -19.02 14.28 12.51
C ARG G 12 -17.98 13.28 12.02
N SER G 13 -16.84 13.78 11.57
CA SER G 13 -15.80 12.93 10.99
C SER G 13 -14.44 13.57 11.24
N PHE G 14 -13.39 12.76 11.22
CA PHE G 14 -12.03 13.27 11.28
C PHE G 14 -11.41 13.28 9.90
N ILE G 15 -12.17 12.87 8.89
CA ILE G 15 -11.71 13.03 7.51
C ILE G 15 -12.19 14.38 7.03
N PRO G 16 -11.26 15.27 6.63
CA PRO G 16 -11.72 16.60 6.19
C PRO G 16 -12.49 16.54 4.87
N PRO G 17 -13.48 17.43 4.73
CA PRO G 17 -14.35 17.48 3.54
C PRO G 17 -13.65 17.97 2.27
N GLU G 18 -12.58 18.73 2.41
CA GLU G 18 -12.00 19.29 1.21
C GLU G 18 -10.82 18.44 0.76
N PRO G 19 -10.67 18.27 -0.56
CA PRO G 19 -9.53 17.51 -1.04
C PRO G 19 -8.23 18.29 -0.86
N GLY G 20 -7.11 17.58 -0.90
CA GLY G 20 -5.81 18.23 -0.92
C GLY G 20 -5.32 18.65 0.45
N LYS G 21 -6.03 18.22 1.50
CA LYS G 21 -5.65 18.62 2.85
C LYS G 21 -5.00 17.45 3.58
N PRO G 22 -3.81 17.66 4.14
CA PRO G 22 -3.21 16.60 4.96
C PRO G 22 -3.96 16.44 6.27
N TYR G 23 -4.00 15.23 6.80
CA TYR G 23 -4.64 15.03 8.10
C TYR G 23 -4.12 13.77 8.79
N PHE G 24 -4.40 13.70 10.08
CA PHE G 24 -4.06 12.56 10.89
C PHE G 24 -5.32 12.07 11.59
N ILE G 25 -5.43 10.77 11.77
CA ILE G 25 -6.52 10.19 12.57
C ILE G 25 -5.93 9.18 13.54
N GLU G 26 -6.25 9.31 14.82
CA GLU G 26 -5.80 8.32 15.80
C GLU G 26 -6.55 6.99 15.64
N LYS G 27 -5.91 5.93 16.13
CA LYS G 27 -6.44 4.57 16.15
C LYS G 27 -7.94 4.52 16.42
N GLY G 28 -8.70 3.95 15.48
CA GLY G 28 -10.12 3.69 15.67
C GLY G 28 -11.09 4.77 15.23
N LEU G 29 -10.58 5.95 14.93
CA LEU G 29 -11.45 7.12 14.76
C LEU G 29 -11.76 7.53 13.31
N GLY G 30 -11.50 6.62 12.37
CA GLY G 30 -11.98 6.81 11.01
C GLY G 30 -13.49 6.67 11.00
N ASP G 31 -14.11 6.89 9.83
CA ASP G 31 -15.56 6.72 9.70
C ASP G 31 -15.90 5.27 9.96
N ARG G 32 -16.93 5.01 10.74
CA ARG G 32 -17.25 3.65 11.15
C ARG G 32 -18.55 3.12 10.55
N ALA G 33 -18.55 1.81 10.33
CA ALA G 33 -19.73 1.09 9.82
C ALA G 33 -19.80 -0.30 10.44
N HIS G 34 -21.03 -0.80 10.59
CA HIS G 34 -21.27 -2.17 11.05
C HIS G 34 -21.87 -3.01 9.91
N LEU G 35 -21.37 -4.22 9.77
CA LEU G 35 -21.89 -5.17 8.81
C LEU G 35 -21.72 -6.57 9.40
N PHE G 36 -22.85 -7.24 9.63
CA PHE G 36 -22.90 -8.44 10.46
C PHE G 36 -22.21 -8.14 11.79
N GLY G 37 -21.27 -8.97 12.23
CA GLY G 37 -20.60 -8.71 13.51
C GLY G 37 -19.36 -7.83 13.40
N ASP G 38 -19.04 -7.39 12.18
CA ASP G 38 -17.80 -6.67 11.90
C ASP G 38 -17.90 -5.15 11.99
N LEU G 39 -16.79 -4.54 12.38
CA LEU G 39 -16.62 -3.09 12.38
C LEU G 39 -15.66 -2.72 11.28
N ILE G 40 -16.10 -1.83 10.40
CA ILE G 40 -15.25 -1.32 9.31
C ILE G 40 -14.94 0.13 9.61
N THR G 41 -13.68 0.51 9.44
CA THR G 41 -13.26 1.85 9.83
C THR G 41 -12.52 2.43 8.64
N ILE G 42 -13.02 3.53 8.10
CA ILE G 42 -12.47 4.15 6.89
C ILE G 42 -11.54 5.31 7.26
N TYR G 43 -10.27 5.24 6.83
CA TYR G 43 -9.33 6.33 7.10
C TYR G 43 -9.15 7.27 5.90
N ALA G 44 -9.24 6.72 4.68
CA ALA G 44 -9.24 7.53 3.46
C ALA G 44 -10.18 6.92 2.44
N GLY G 45 -10.90 7.77 1.71
CA GLY G 45 -11.79 7.28 0.67
C GLY G 45 -11.44 7.90 -0.67
N GLY G 46 -12.28 7.65 -1.67
CA GLY G 46 -12.10 8.23 -3.00
C GLY G 46 -11.97 9.75 -2.98
N GLU G 47 -12.69 10.38 -2.06
CA GLU G 47 -12.62 11.84 -1.92
C GLU G 47 -11.22 12.36 -1.59
N GLN G 48 -10.38 11.51 -1.00
CA GLN G 48 -9.03 11.92 -0.66
C GLN G 48 -8.04 11.68 -1.79
N THR G 49 -8.40 10.83 -2.75
CA THR G 49 -7.42 10.33 -3.71
C THR G 49 -7.80 10.42 -5.19
N GLU G 50 -8.68 11.35 -5.56
CA GLU G 50 -9.19 11.42 -6.93
C GLU G 50 -9.78 10.10 -7.36
N ASN G 51 -10.43 9.41 -6.43
CA ASN G 51 -11.08 8.12 -6.69
C ASN G 51 -10.12 7.05 -7.16
N THR G 52 -8.89 7.11 -6.65
CA THR G 52 -7.83 6.19 -7.05
C THR G 52 -7.74 5.05 -6.06
N PHE G 53 -7.71 5.37 -4.78
CA PHE G 53 -7.66 4.30 -3.79
C PHE G 53 -8.27 4.71 -2.46
N ASN G 54 -8.25 3.77 -1.53
CA ASN G 54 -8.84 3.99 -0.21
C ASN G 54 -7.98 3.29 0.83
N PHE G 55 -8.40 3.38 2.10
CA PHE G 55 -7.65 2.71 3.15
C PHE G 55 -8.59 2.51 4.32
N PHE G 56 -8.82 1.25 4.69
CA PHE G 56 -9.75 0.98 5.79
C PHE G 56 -9.32 -0.25 6.57
N THR G 57 -9.92 -0.45 7.74
CA THR G 57 -9.72 -1.67 8.49
C THR G 57 -11.06 -2.37 8.69
N CYS G 58 -10.99 -3.68 8.90
CA CYS G 58 -12.16 -4.48 9.20
CA CYS G 58 -12.16 -4.50 9.20
C CYS G 58 -11.82 -5.34 10.40
N GLU G 59 -12.68 -5.32 11.41
CA GLU G 59 -12.39 -6.10 12.60
C GLU G 59 -13.65 -6.74 13.17
N GLY G 60 -13.49 -7.87 13.85
CA GLY G 60 -14.67 -8.58 14.27
C GLY G 60 -14.42 -9.78 15.14
N PRO G 61 -15.50 -10.42 15.59
CA PRO G 61 -15.40 -11.56 16.51
C PRO G 61 -15.01 -12.79 15.75
N LYS G 62 -14.59 -13.82 16.49
CA LYS G 62 -14.35 -15.11 15.87
C LYS G 62 -15.70 -15.50 15.25
N GLY G 63 -15.72 -15.90 13.99
CA GLY G 63 -17.01 -16.15 13.36
C GLY G 63 -16.96 -17.10 12.20
N GLU G 64 -18.04 -17.14 11.42
CA GLU G 64 -18.12 -17.94 10.21
C GLU G 64 -17.75 -17.10 8.98
N VAL G 65 -17.54 -17.77 7.85
CA VAL G 65 -17.20 -17.06 6.61
C VAL G 65 -18.22 -15.98 6.27
N ILE G 66 -17.74 -14.83 5.78
CA ILE G 66 -18.66 -13.84 5.24
C ILE G 66 -19.24 -14.35 3.91
N PRO G 67 -20.30 -13.70 3.40
CA PRO G 67 -20.85 -14.20 2.13
C PRO G 67 -19.84 -14.22 0.99
N ALA G 68 -19.74 -15.35 0.29
CA ALA G 68 -18.89 -15.45 -0.89
C ALA G 68 -19.36 -14.46 -1.96
N HIS G 69 -18.39 -13.81 -2.61
CA HIS G 69 -18.71 -12.75 -3.57
C HIS G 69 -17.52 -12.47 -4.50
N SER G 70 -17.77 -11.70 -5.56
CA SER G 70 -16.71 -11.22 -6.42
C SER G 70 -16.89 -9.74 -6.72
N HIS G 71 -15.88 -9.14 -7.34
CA HIS G 71 -15.96 -7.76 -7.80
C HIS G 71 -15.51 -7.75 -9.23
N ALA G 72 -16.24 -7.06 -10.10
CA ALA G 72 -15.93 -7.10 -11.53
C ALA G 72 -14.78 -6.17 -11.92
N ASP G 73 -14.52 -5.16 -11.12
CA ASP G 73 -13.61 -4.08 -11.52
C ASP G 73 -12.76 -3.56 -10.36
N THR G 74 -12.72 -4.33 -9.28
CA THR G 74 -12.09 -3.89 -8.04
C THR G 74 -11.10 -4.95 -7.58
N TYR G 75 -9.93 -4.50 -7.13
CA TYR G 75 -8.89 -5.37 -6.58
C TYR G 75 -8.82 -5.15 -5.08
N GLU G 76 -8.60 -6.22 -4.30
CA GLU G 76 -8.61 -6.10 -2.84
C GLU G 76 -7.39 -6.69 -2.16
N VAL G 77 -6.91 -5.94 -1.17
CA VAL G 77 -5.83 -6.34 -0.27
C VAL G 77 -6.38 -6.75 1.09
N PHE G 78 -5.83 -7.84 1.63
CA PHE G 78 -6.10 -8.25 3.00
C PHE G 78 -4.76 -8.28 3.71
N TYR G 79 -4.50 -7.32 4.59
CA TYR G 79 -3.25 -7.32 5.35
C TYR G 79 -3.57 -7.44 6.82
N ILE G 80 -3.20 -8.57 7.43
CA ILE G 80 -3.65 -8.86 8.80
C ILE G 80 -2.86 -8.09 9.81
N THR G 81 -3.54 -7.47 10.78
CA THR G 81 -2.84 -6.74 11.81
C THR G 81 -3.10 -7.32 13.20
N GLN G 82 -4.23 -7.99 13.38
CA GLN G 82 -4.55 -8.64 14.66
CA GLN G 82 -4.55 -8.63 14.67
C GLN G 82 -5.24 -9.98 14.46
N GLY G 83 -5.02 -10.91 15.39
CA GLY G 83 -5.73 -12.19 15.34
C GLY G 83 -5.26 -13.08 14.19
N ALA G 84 -6.20 -13.75 13.54
CA ALA G 84 -5.89 -14.63 12.41
C ALA G 84 -7.13 -14.77 11.55
N VAL G 85 -6.92 -14.66 10.24
CA VAL G 85 -8.02 -14.65 9.29
C VAL G 85 -7.78 -15.63 8.15
N ARG G 86 -8.71 -16.54 7.93
CA ARG G 86 -8.58 -17.50 6.84
C ARG G 86 -9.19 -16.88 5.61
N LEU G 87 -8.39 -16.77 4.56
CA LEU G 87 -8.85 -16.20 3.31
C LEU G 87 -9.11 -17.31 2.32
N PHE G 88 -10.28 -17.29 1.67
CA PHE G 88 -10.64 -18.26 0.62
C PHE G 88 -10.74 -17.53 -0.71
N VAL G 89 -10.19 -18.13 -1.77
CA VAL G 89 -10.29 -17.51 -3.07
C VAL G 89 -10.26 -18.55 -4.20
N GLU G 90 -11.16 -18.37 -5.16
CA GLU G 90 -11.19 -19.23 -6.33
C GLU G 90 -10.58 -18.44 -7.50
N ASP G 91 -9.58 -18.99 -8.18
CA ASP G 91 -8.98 -18.23 -9.26
C ASP G 91 -9.84 -18.31 -10.50
N LEU G 92 -9.41 -17.65 -11.57
CA LEU G 92 -10.21 -17.62 -12.79
C LEU G 92 -10.31 -19.00 -13.44
N GLU G 93 -9.43 -19.93 -13.07
CA GLU G 93 -9.45 -21.25 -13.68
C GLU G 93 -10.33 -22.22 -12.90
N GLY G 94 -10.87 -21.75 -11.78
CA GLY G 94 -11.79 -22.53 -10.99
C GLY G 94 -11.14 -23.25 -9.81
N GLU G 95 -9.83 -23.07 -9.66
CA GLU G 95 -9.14 -23.70 -8.55
C GLU G 95 -9.31 -22.86 -7.29
N GLN G 96 -9.58 -23.54 -6.16
CA GLN G 96 -9.80 -22.85 -4.90
C GLN G 96 -8.54 -22.86 -4.05
N HIS G 97 -8.33 -21.78 -3.31
CA HIS G 97 -7.17 -21.63 -2.45
C HIS G 97 -7.61 -21.11 -1.10
N GLU G 98 -6.97 -21.57 -0.03
CA GLU G 98 -7.27 -21.02 1.29
C GLU G 98 -5.98 -20.89 2.08
N LYS G 99 -5.88 -19.84 2.87
CA LYS G 99 -4.71 -19.69 3.72
C LYS G 99 -5.07 -18.99 5.00
N LEU G 100 -4.54 -19.49 6.12
CA LEU G 100 -4.66 -18.78 7.39
C LEU G 100 -3.62 -17.67 7.43
N LEU G 101 -4.08 -16.43 7.41
CA LEU G 101 -3.18 -15.30 7.46
C LEU G 101 -3.06 -14.78 8.91
N THR G 102 -1.82 -14.64 9.38
CA THR G 102 -1.57 -14.13 10.72
C THR G 102 -0.97 -12.70 10.59
N PRO G 103 -0.82 -11.94 11.70
CA PRO G 103 -0.48 -10.53 11.51
C PRO G 103 0.83 -10.30 10.77
N GLY G 104 0.76 -9.48 9.71
CA GLY G 104 1.92 -9.22 8.87
C GLY G 104 1.83 -10.00 7.57
N ASP G 105 0.96 -11.02 7.54
CA ASP G 105 0.75 -11.77 6.30
C ASP G 105 -0.18 -11.00 5.35
N PHE G 106 -0.10 -11.34 4.07
CA PHE G 106 -0.78 -10.58 3.01
C PHE G 106 -1.56 -11.49 2.07
N GLY G 107 -2.77 -11.07 1.71
CA GLY G 107 -3.52 -11.75 0.69
C GLY G 107 -4.02 -10.76 -0.33
N PHE G 108 -4.08 -11.21 -1.58
CA PHE G 108 -4.51 -10.36 -2.70
C PHE G 108 -5.55 -11.05 -3.53
N VAL G 109 -6.67 -10.37 -3.75
CA VAL G 109 -7.76 -10.92 -4.53
C VAL G 109 -7.99 -10.01 -5.75
N PRO G 110 -7.66 -10.51 -6.96
CA PRO G 110 -7.89 -9.75 -8.18
C PRO G 110 -9.36 -9.71 -8.55
N LYS G 111 -9.72 -8.80 -9.44
CA LYS G 111 -11.09 -8.72 -9.90
C LYS G 111 -11.58 -10.05 -10.49
N ASN G 112 -12.88 -10.31 -10.37
CA ASN G 112 -13.57 -11.48 -10.91
C ASN G 112 -13.26 -12.80 -10.19
N CYS G 113 -12.45 -12.76 -9.13
CA CYS G 113 -12.19 -13.95 -8.34
C CYS G 113 -13.11 -14.00 -7.14
N VAL G 114 -13.87 -15.08 -7.06
CA VAL G 114 -14.78 -15.29 -5.92
C VAL G 114 -13.94 -15.46 -4.66
N HIS G 115 -14.36 -14.86 -3.55
CA HIS G 115 -13.57 -14.91 -2.34
C HIS G 115 -14.46 -14.76 -1.10
N ALA G 116 -13.90 -15.11 0.06
CA ALA G 116 -14.57 -14.93 1.35
C ALA G 116 -13.49 -15.01 2.41
N TYR G 117 -13.81 -14.63 3.64
CA TYR G 117 -12.84 -14.77 4.72
C TYR G 117 -13.60 -15.17 5.97
N ARG G 118 -12.87 -15.69 6.96
CA ARG G 118 -13.43 -16.09 8.24
C ARG G 118 -12.47 -15.61 9.29
N MET G 119 -12.95 -14.90 10.29
CA MET G 119 -12.06 -14.53 11.39
C MET G 119 -11.96 -15.68 12.39
N GLU G 120 -10.74 -16.08 12.74
CA GLU G 120 -10.55 -17.28 13.56
C GLU G 120 -9.97 -16.98 14.94
N ARG G 121 -9.89 -15.69 15.30
CA ARG G 121 -9.63 -15.28 16.68
C ARG G 121 -10.57 -14.13 16.99
N HIS G 122 -10.92 -13.96 18.27
CA HIS G 122 -11.73 -12.82 18.62
CA HIS G 122 -11.72 -12.80 18.67
C HIS G 122 -10.98 -11.50 18.43
N HIS G 123 -11.68 -10.53 17.86
CA HIS G 123 -11.18 -9.22 17.55
C HIS G 123 -9.98 -9.32 16.61
N SER G 124 -10.11 -10.10 15.55
CA SER G 124 -9.10 -10.08 14.50
C SER G 124 -9.26 -8.77 13.74
N GLN G 125 -8.20 -8.33 13.08
CA GLN G 125 -8.26 -7.10 12.30
C GLN G 125 -7.51 -7.26 11.00
N VAL G 126 -8.11 -6.74 9.94
CA VAL G 126 -7.52 -6.68 8.60
C VAL G 126 -7.43 -5.23 8.12
N VAL G 127 -6.30 -4.85 7.55
CA VAL G 127 -6.19 -3.62 6.77
C VAL G 127 -6.53 -3.94 5.32
N GLY G 128 -7.40 -3.12 4.72
CA GLY G 128 -7.85 -3.34 3.35
C GLY G 128 -7.64 -2.12 2.47
N VAL G 129 -7.47 -2.40 1.18
CA VAL G 129 -7.61 -1.43 0.11
C VAL G 129 -8.50 -2.14 -0.89
N ALA G 130 -9.51 -1.47 -1.42
CA ALA G 130 -10.39 -2.11 -2.37
C ALA G 130 -10.73 -1.08 -3.42
N ALA G 131 -10.10 -1.20 -4.59
CA ALA G 131 -10.21 -0.18 -5.61
C ALA G 131 -9.82 -0.74 -6.97
N GLY G 132 -10.09 0.02 -8.00
CA GLY G 132 -9.68 -0.39 -9.32
C GLY G 132 -10.04 0.67 -10.32
N PRO G 133 -9.95 0.32 -11.60
CA PRO G 133 -10.38 1.25 -12.65
C PRO G 133 -11.83 1.58 -12.37
N GLY G 134 -12.25 2.81 -12.60
CA GLY G 134 -13.62 3.15 -12.24
C GLY G 134 -13.95 3.27 -10.76
N GLY G 135 -12.97 3.23 -9.86
CA GLY G 135 -13.24 3.77 -8.53
C GLY G 135 -13.00 2.96 -7.26
N THR G 136 -13.51 3.47 -6.15
CA THR G 136 -13.21 2.88 -4.85
C THR G 136 -14.47 2.37 -4.14
N PHE G 137 -14.25 1.35 -3.31
CA PHE G 137 -15.33 0.48 -2.84
C PHE G 137 -15.81 0.80 -1.41
N GLU G 138 -15.13 1.71 -0.70
CA GLU G 138 -15.24 1.77 0.77
C GLU G 138 -16.64 2.10 1.33
N ARG G 139 -17.50 2.80 0.59
CA ARG G 139 -18.80 3.16 1.17
C ARG G 139 -19.82 2.02 1.02
N PHE G 140 -19.40 0.93 0.39
CA PHE G 140 -20.19 -0.28 0.36
C PHE G 140 -20.63 -0.73 1.74
N PHE G 141 -19.70 -0.73 2.70
CA PHE G 141 -19.96 -1.36 4.00
C PHE G 141 -21.11 -0.69 4.75
N GLU G 142 -21.14 0.64 4.76
CA GLU G 142 -22.22 1.32 5.45
C GLU G 142 -23.52 1.35 4.64
N SER G 143 -23.44 0.91 3.39
CA SER G 143 -24.58 0.90 2.48
C SER G 143 -25.34 -0.41 2.57
N LEU G 144 -24.60 -1.52 2.57
CA LEU G 144 -25.21 -2.81 2.85
C LEU G 144 -25.50 -2.88 4.33
N GLY G 145 -24.52 -2.48 5.12
CA GLY G 145 -24.66 -2.44 6.57
C GLY G 145 -25.20 -1.10 7.00
N THR G 146 -24.62 -0.52 8.04
CA THR G 146 -25.09 0.77 8.55
C THR G 146 -23.92 1.59 9.07
N PRO G 147 -24.00 2.92 8.94
CA PRO G 147 -22.94 3.69 9.59
C PRO G 147 -23.06 3.58 11.10
N ALA G 148 -21.95 3.84 11.79
CA ALA G 148 -21.90 3.71 13.24
C ALA G 148 -21.24 4.93 13.88
N GLU G 149 -21.79 5.43 14.97
CA GLU G 149 -21.15 6.55 15.67
C GLU G 149 -20.38 6.08 16.91
N GLU G 150 -20.78 4.95 17.49
CA GLU G 150 -20.08 4.37 18.65
C GLU G 150 -18.76 3.73 18.27
N LEU G 151 -17.86 3.63 19.23
CA LEU G 151 -16.61 2.91 19.01
C LEU G 151 -16.84 1.44 19.30
N GLY G 152 -15.94 0.59 18.80
CA GLY G 152 -15.94 -0.81 19.18
C GLY G 152 -16.76 -1.71 18.28
N LEU G 153 -16.65 -3.00 18.53
CA LEU G 153 -17.41 -3.99 17.79
C LEU G 153 -18.90 -3.77 18.03
N PRO G 154 -19.73 -4.03 17.02
CA PRO G 154 -21.18 -3.96 17.27
C PRO G 154 -21.62 -4.91 18.38
N VAL G 155 -22.54 -4.44 19.23
CA VAL G 155 -23.09 -5.26 20.28
C VAL G 155 -24.01 -6.35 19.69
N ARG G 156 -24.76 -5.96 18.66
CA ARG G 156 -25.62 -6.90 17.93
C ARG G 156 -25.24 -6.88 16.46
N PRO G 157 -25.17 -8.07 15.83
CA PRO G 157 -24.82 -8.12 14.40
C PRO G 157 -25.82 -7.33 13.59
N PHE G 158 -25.37 -6.59 12.59
CA PHE G 158 -26.27 -5.94 11.65
C PHE G 158 -26.53 -6.86 10.47
N VAL G 159 -27.74 -7.38 10.40
CA VAL G 159 -28.08 -8.29 9.32
C VAL G 159 -28.91 -7.55 8.29
N PRO G 160 -28.32 -7.28 7.12
CA PRO G 160 -29.06 -6.53 6.10
C PRO G 160 -30.31 -7.26 5.66
N GLU G 161 -31.42 -6.55 5.53
CA GLU G 161 -32.63 -7.07 4.91
C GLU G 161 -32.31 -7.54 3.49
N PRO G 162 -33.00 -8.58 3.02
CA PRO G 162 -32.75 -9.12 1.68
C PRO G 162 -32.75 -8.05 0.59
N GLU G 163 -33.67 -7.10 0.68
CA GLU G 163 -33.76 -6.01 -0.30
C GLU G 163 -32.42 -5.30 -0.52
N LYS G 164 -31.65 -5.12 0.56
CA LYS G 164 -30.37 -4.42 0.44
C LYS G 164 -29.35 -5.25 -0.34
N PHE G 165 -29.42 -6.57 -0.23
CA PHE G 165 -28.55 -7.43 -1.04
C PHE G 165 -28.90 -7.32 -2.51
N ARG G 166 -30.15 -6.98 -2.81
CA ARG G 166 -30.58 -6.82 -4.20
C ARG G 166 -30.16 -5.48 -4.78
N THR G 167 -30.21 -4.43 -3.96
CA THR G 167 -30.02 -3.07 -4.46
C THR G 167 -28.59 -2.53 -4.32
N VAL G 168 -27.84 -3.01 -3.32
CA VAL G 168 -26.46 -2.53 -3.15
C VAL G 168 -25.58 -2.81 -4.39
N PRO G 169 -25.69 -4.00 -5.03
CA PRO G 169 -24.92 -4.21 -6.27
C PRO G 169 -25.21 -3.24 -7.41
N GLU G 170 -26.36 -2.56 -7.39
CA GLU G 170 -26.64 -1.54 -8.40
C GLU G 170 -25.72 -0.35 -8.24
N GLN G 171 -25.15 -0.19 -7.05
CA GLN G 171 -24.40 1.01 -6.71
C GLN G 171 -22.92 0.71 -6.43
N TYR G 172 -22.63 -0.50 -5.97
CA TYR G 172 -21.26 -0.86 -5.60
C TYR G 172 -20.86 -2.10 -6.38
N ASP G 173 -19.56 -2.20 -6.66
CA ASP G 173 -19.05 -3.27 -7.50
C ASP G 173 -18.97 -4.56 -6.70
N VAL G 174 -20.10 -5.24 -6.56
CA VAL G 174 -20.10 -6.49 -5.80
C VAL G 174 -21.18 -7.41 -6.34
N ARG G 175 -20.83 -8.67 -6.49
CA ARG G 175 -21.74 -9.68 -6.95
C ARG G 175 -21.71 -10.80 -5.94
N PHE G 176 -22.83 -11.05 -5.28
CA PHE G 176 -22.89 -12.09 -4.26
C PHE G 176 -23.06 -13.45 -4.91
N ARG G 177 -22.42 -14.45 -4.31
CA ARG G 177 -22.46 -15.79 -4.84
C ARG G 177 -22.91 -16.80 -3.78
N PRO G 178 -24.19 -16.70 -3.34
CA PRO G 178 -24.70 -17.62 -2.31
C PRO G 178 -24.68 -19.08 -2.72
N ASP G 179 -24.53 -19.34 -4.02
CA ASP G 179 -24.47 -20.70 -4.54
C ASP G 179 -23.08 -21.32 -4.36
N HIS G 180 -22.08 -20.48 -4.16
CA HIS G 180 -20.70 -20.94 -4.13
C HIS G 180 -20.42 -21.84 -2.93
N GLN G 181 -19.80 -22.99 -3.18
CA GLN G 181 -19.31 -23.85 -2.09
C GLN G 181 -17.78 -23.92 -2.08
N TRP G 182 -17.17 -23.94 -0.90
CA TRP G 182 -15.71 -24.07 -0.79
C TRP G 182 -15.27 -25.54 -0.64
N HIS G 183 -14.29 -25.94 -1.46
CA HIS G 183 -13.88 -27.34 -1.58
C HIS G 183 -12.54 -27.65 -0.92
N THR G 184 -11.83 -26.61 -0.49
CA THR G 184 -10.48 -26.77 0.05
C THR G 184 -10.46 -27.52 1.38
N GLY G 185 -11.61 -27.62 2.03
CA GLY G 185 -11.72 -28.32 3.30
C GLY G 185 -13.15 -28.60 3.69
N ILE H 3 4.85 -20.52 -3.82
CA ILE H 3 5.92 -20.85 -4.76
C ILE H 3 6.55 -19.59 -5.33
N GLU H 4 7.83 -19.67 -5.68
CA GLU H 4 8.58 -18.51 -6.12
C GLU H 4 8.55 -18.34 -7.63
N TYR H 5 8.63 -17.09 -8.08
CA TYR H 5 8.61 -16.73 -9.49
C TYR H 5 9.78 -15.84 -9.83
N ALA H 6 10.27 -15.97 -11.06
CA ALA H 6 10.99 -14.89 -11.69
C ALA H 6 9.97 -13.85 -12.17
N THR H 7 10.27 -12.58 -11.97
CA THR H 7 9.43 -11.49 -12.45
C THR H 7 10.32 -10.45 -13.12
N ARG H 8 9.72 -9.39 -13.65
CA ARG H 8 10.46 -8.26 -14.19
C ARG H 8 11.38 -7.59 -13.16
N HIS H 9 11.07 -7.78 -11.88
CA HIS H 9 11.77 -7.06 -10.82
C HIS H 9 12.73 -7.90 -10.00
N ARG H 10 12.50 -9.21 -9.95
CA ARG H 10 13.27 -10.09 -9.05
C ARG H 10 13.49 -11.44 -9.70
N ALA H 11 14.66 -12.05 -9.46
CA ALA H 11 14.87 -13.42 -9.86
C ALA H 11 13.97 -14.38 -9.07
N ARG H 12 13.69 -14.01 -7.82
CA ARG H 12 12.83 -14.79 -6.91
C ARG H 12 11.85 -13.87 -6.23
N SER H 13 10.56 -14.13 -6.43
CA SER H 13 9.52 -13.27 -5.88
C SER H 13 8.29 -14.08 -5.55
N PHE H 14 7.50 -13.62 -4.59
CA PHE H 14 6.22 -14.27 -4.31
C PHE H 14 5.09 -13.50 -4.96
N ILE H 15 5.41 -12.40 -5.64
CA ILE H 15 4.38 -11.71 -6.43
C ILE H 15 4.34 -12.34 -7.81
N PRO H 16 3.20 -12.94 -8.18
CA PRO H 16 3.11 -13.59 -9.49
C PRO H 16 3.29 -12.59 -10.63
N PRO H 17 3.96 -12.99 -11.70
CA PRO H 17 4.06 -12.09 -12.86
C PRO H 17 2.75 -11.92 -13.62
N GLU H 18 1.89 -12.93 -13.64
CA GLU H 18 0.65 -12.86 -14.42
C GLU H 18 -0.40 -12.01 -13.70
N PRO H 19 -0.98 -11.02 -14.40
CA PRO H 19 -2.06 -10.30 -13.73
C PRO H 19 -3.29 -11.19 -13.61
N GLY H 20 -4.17 -10.90 -12.64
CA GLY H 20 -5.40 -11.66 -12.49
C GLY H 20 -5.27 -12.86 -11.58
N LYS H 21 -4.10 -13.03 -10.96
CA LYS H 21 -3.76 -14.18 -10.13
C LYS H 21 -3.90 -13.86 -8.66
N PRO H 22 -4.72 -14.62 -7.93
CA PRO H 22 -4.73 -14.42 -6.48
C PRO H 22 -3.47 -14.97 -5.86
N TYR H 23 -3.00 -14.37 -4.78
CA TYR H 23 -1.83 -14.90 -4.12
C TYR H 23 -1.77 -14.52 -2.65
N PHE H 24 -0.98 -15.27 -1.87
CA PHE H 24 -0.71 -14.92 -0.48
C PHE H 24 0.79 -14.74 -0.29
N ILE H 25 1.18 -13.84 0.61
CA ILE H 25 2.60 -13.70 0.97
C ILE H 25 2.73 -13.67 2.49
N GLU H 26 3.53 -14.58 3.04
CA GLU H 26 3.77 -14.52 4.48
C GLU H 26 4.62 -13.33 4.90
N LYS H 27 4.43 -12.93 6.15
CA LYS H 27 5.10 -11.78 6.78
C LYS H 27 6.55 -11.61 6.35
N GLY H 28 6.85 -10.48 5.69
CA GLY H 28 8.21 -10.11 5.33
C GLY H 28 8.73 -10.59 3.99
N LEU H 29 7.96 -11.43 3.30
CA LEU H 29 8.48 -12.05 2.11
C LEU H 29 8.04 -11.36 0.81
N GLY H 30 7.55 -10.11 0.91
CA GLY H 30 7.35 -9.34 -0.31
C GLY H 30 8.69 -8.92 -0.91
N ASP H 31 8.68 -8.27 -2.07
CA ASP H 31 9.94 -7.79 -2.69
C ASP H 31 10.61 -6.75 -1.78
N ARG H 32 11.89 -6.92 -1.49
CA ARG H 32 12.59 -6.08 -0.49
C ARG H 32 13.56 -5.10 -1.14
N ALA H 33 13.66 -3.91 -0.53
CA ALA H 33 14.61 -2.91 -0.94
C ALA H 33 15.19 -2.23 0.29
N HIS H 34 16.43 -1.77 0.17
CA HIS H 34 17.13 -1.01 1.19
C HIS H 34 17.36 0.42 0.71
N LEU H 35 17.05 1.38 1.58
CA LEU H 35 17.32 2.77 1.29
C LEU H 35 17.71 3.42 2.62
N PHE H 36 18.98 3.86 2.73
CA PHE H 36 19.58 4.23 3.98
C PHE H 36 19.46 3.06 4.95
N GLY H 37 18.94 3.30 6.14
CA GLY H 37 18.84 2.24 7.12
C GLY H 37 17.52 1.49 7.07
N ASP H 38 16.67 1.85 6.12
CA ASP H 38 15.32 1.31 6.06
C ASP H 38 15.15 0.13 5.11
N LEU H 39 14.18 -0.72 5.45
CA LEU H 39 13.78 -1.84 4.64
C LEU H 39 12.37 -1.61 4.13
N ILE H 40 12.21 -1.64 2.82
CA ILE H 40 10.89 -1.48 2.19
C ILE H 40 10.49 -2.83 1.63
N THR H 41 9.26 -3.25 1.88
CA THR H 41 8.79 -4.54 1.42
C THR H 41 7.53 -4.33 0.62
N ILE H 42 7.51 -4.77 -0.64
CA ILE H 42 6.35 -4.55 -1.50
C ILE H 42 5.54 -5.82 -1.59
N TYR H 43 4.24 -5.72 -1.30
CA TYR H 43 3.35 -6.87 -1.41
C TYR H 43 2.51 -6.85 -2.67
N ALA H 44 2.16 -5.66 -3.16
CA ALA H 44 1.51 -5.54 -4.46
C ALA H 44 1.99 -4.27 -5.15
N GLY H 45 2.20 -4.37 -6.46
CA GLY H 45 2.56 -3.21 -7.25
C GLY H 45 1.51 -2.84 -8.28
N GLY H 46 1.81 -1.84 -9.11
CA GLY H 46 0.86 -1.44 -10.13
C GLY H 46 0.52 -2.55 -11.09
N GLU H 47 1.43 -3.51 -11.27
CA GLU H 47 1.16 -4.64 -12.17
C GLU H 47 -0.03 -5.49 -11.71
N GLN H 48 -0.30 -5.46 -10.40
CA GLN H 48 -1.34 -6.28 -9.81
C GLN H 48 -2.72 -5.60 -9.86
N THR H 49 -2.73 -4.30 -10.13
CA THR H 49 -3.96 -3.52 -9.92
C THR H 49 -4.35 -2.63 -11.10
N GLU H 50 -3.90 -2.98 -12.30
CA GLU H 50 -4.03 -2.11 -13.48
C GLU H 50 -3.52 -0.70 -13.16
N ASN H 51 -2.43 -0.67 -12.39
CA ASN H 51 -1.75 0.56 -12.04
C ASN H 51 -2.62 1.51 -11.25
N THR H 52 -3.46 0.95 -10.39
CA THR H 52 -4.37 1.75 -9.61
C THR H 52 -3.78 2.01 -8.23
N PHE H 53 -3.24 0.97 -7.60
CA PHE H 53 -2.64 1.18 -6.27
C PHE H 53 -1.58 0.14 -6.00
N ASN H 54 -0.94 0.28 -4.84
CA ASN H 54 0.11 -0.64 -4.41
C ASN H 54 -0.05 -0.91 -2.94
N PHE H 55 0.87 -1.67 -2.37
CA PHE H 55 0.80 -1.94 -0.93
C PHE H 55 2.20 -2.37 -0.47
N PHE H 56 2.74 -1.63 0.48
CA PHE H 56 4.10 -1.90 0.93
C PHE H 56 4.28 -1.49 2.38
N THR H 57 5.37 -1.96 2.99
CA THR H 57 5.72 -1.57 4.34
C THR H 57 7.10 -0.93 4.33
N CYS H 58 7.32 -0.05 5.29
CA CYS H 58 8.63 0.56 5.48
CA CYS H 58 8.62 0.59 5.50
C CYS H 58 9.02 0.38 6.95
N GLU H 59 10.22 -0.14 7.21
CA GLU H 59 10.61 -0.32 8.60
C GLU H 59 12.08 0.03 8.77
N GLY H 60 12.45 0.48 9.94
CA GLY H 60 13.81 0.95 10.11
C GLY H 60 14.17 1.24 11.53
N PRO H 61 15.44 1.64 11.75
CA PRO H 61 15.95 1.96 13.08
C PRO H 61 15.44 3.32 13.55
N LYS H 62 15.54 3.55 14.85
CA LYS H 62 15.28 4.88 15.37
C LYS H 62 16.24 5.83 14.67
N GLY H 63 15.71 6.92 14.14
CA GLY H 63 16.54 7.75 13.29
C GLY H 63 16.17 9.21 13.29
N GLU H 64 16.78 9.95 12.37
CA GLU H 64 16.43 11.35 12.20
C GLU H 64 15.46 11.47 11.04
N VAL H 65 14.95 12.67 10.84
CA VAL H 65 13.90 12.87 9.85
C VAL H 65 14.45 12.62 8.45
N ILE H 66 13.68 11.92 7.62
CA ILE H 66 14.10 11.67 6.25
C ILE H 66 14.06 13.00 5.48
N PRO H 67 14.70 13.06 4.30
CA PRO H 67 14.71 14.41 3.71
C PRO H 67 13.30 14.80 3.24
N ALA H 68 12.94 16.06 3.46
CA ALA H 68 11.67 16.57 2.97
C ALA H 68 11.57 16.38 1.46
N HIS H 69 10.37 16.02 0.99
CA HIS H 69 10.11 15.88 -0.44
C HIS H 69 8.62 16.03 -0.71
N SER H 70 8.26 16.10 -1.98
CA SER H 70 6.85 16.12 -2.35
C SER H 70 6.64 15.24 -3.58
N HIS H 71 5.38 14.90 -3.84
CA HIS H 71 5.02 14.19 -5.05
C HIS H 71 3.99 15.03 -5.78
N ALA H 72 4.17 15.23 -7.07
CA ALA H 72 3.26 16.07 -7.83
C ALA H 72 1.94 15.37 -8.17
N ASP H 73 1.97 14.05 -8.26
CA ASP H 73 0.87 13.25 -8.78
C ASP H 73 0.44 12.09 -7.88
N THR H 74 1.05 11.96 -6.72
CA THR H 74 0.86 10.76 -5.92
C THR H 74 0.37 11.13 -4.52
N TYR H 75 -0.65 10.41 -4.03
CA TYR H 75 -1.15 10.54 -2.67
C TYR H 75 -0.52 9.43 -1.84
N GLU H 76 -0.28 9.70 -0.56
CA GLU H 76 0.44 8.72 0.27
CA GLU H 76 0.49 8.82 0.30
C GLU H 76 -0.21 8.51 1.64
N VAL H 77 -0.34 7.23 1.97
CA VAL H 77 -0.88 6.77 3.26
C VAL H 77 0.27 6.37 4.18
N PHE H 78 0.21 6.79 5.45
CA PHE H 78 1.09 6.29 6.52
C PHE H 78 0.23 5.63 7.57
N TYR H 79 0.34 4.32 7.72
CA TYR H 79 -0.46 3.64 8.73
C TYR H 79 0.50 2.85 9.62
N ILE H 80 0.63 3.24 10.88
CA ILE H 80 1.71 2.68 11.70
C ILE H 80 1.34 1.33 12.23
N THR H 81 2.27 0.39 12.13
CA THR H 81 2.01 -0.94 12.65
C THR H 81 2.93 -1.31 13.80
N GLN H 82 4.11 -0.67 13.88
CA GLN H 82 5.07 -0.95 14.99
C GLN H 82 5.80 0.31 15.36
N GLY H 83 6.18 0.41 16.63
CA GLY H 83 6.97 1.53 17.09
C GLY H 83 6.20 2.82 17.13
N ALA H 84 6.85 3.90 16.70
CA ALA H 84 6.25 5.21 16.74
C ALA H 84 6.95 6.05 15.71
N VAL H 85 6.17 6.75 14.90
CA VAL H 85 6.71 7.51 13.79
C VAL H 85 6.13 8.91 13.78
N ARG H 86 7.00 9.92 13.75
CA ARG H 86 6.55 11.31 13.72
C ARG H 86 6.46 11.76 12.27
N LEU H 87 5.27 12.19 11.86
CA LEU H 87 5.00 12.63 10.49
C LEU H 87 4.93 14.15 10.42
N PHE H 88 5.68 14.73 9.49
CA PHE H 88 5.70 16.17 9.29
C PHE H 88 5.07 16.44 7.94
N VAL H 89 4.18 17.44 7.86
CA VAL H 89 3.59 17.78 6.58
C VAL H 89 3.26 19.28 6.48
N GLU H 90 3.58 19.87 5.35
CA GLU H 90 3.19 21.24 5.07
C GLU H 90 1.97 21.23 4.15
N ASP H 91 0.89 21.92 4.52
CA ASP H 91 -0.29 21.90 3.67
C ASP H 91 -0.12 22.92 2.54
N LEU H 92 -1.14 23.02 1.67
CA LEU H 92 -1.02 23.88 0.49
C LEU H 92 -1.07 25.37 0.80
N GLU H 93 -1.44 25.72 2.03
CA GLU H 93 -1.46 27.12 2.45
C GLU H 93 -0.14 27.51 3.10
N GLY H 94 0.72 26.53 3.32
CA GLY H 94 2.03 26.80 3.88
C GLY H 94 2.14 26.48 5.36
N GLU H 95 1.04 26.10 5.98
CA GLU H 95 1.05 25.73 7.40
C GLU H 95 1.65 24.34 7.61
N GLN H 96 2.53 24.22 8.60
CA GLN H 96 3.17 22.94 8.89
C GLN H 96 2.49 22.23 10.06
N HIS H 97 2.43 20.91 9.98
CA HIS H 97 1.80 20.08 10.99
C HIS H 97 2.69 18.90 11.30
N GLU H 98 2.68 18.46 12.56
CA GLU H 98 3.43 17.27 12.91
C GLU H 98 2.64 16.46 13.92
N LYS H 99 2.73 15.14 13.83
CA LYS H 99 2.08 14.30 14.84
C LYS H 99 2.87 13.02 15.04
N LEU H 100 3.03 12.63 16.29
CA LEU H 100 3.57 11.31 16.60
C LEU H 100 2.46 10.28 16.41
N LEU H 101 2.67 9.39 15.46
CA LEU H 101 1.72 8.35 15.13
C LEU H 101 2.17 7.03 15.76
N THR H 102 1.28 6.43 16.53
CA THR H 102 1.58 5.15 17.19
C THR H 102 0.79 4.03 16.47
N PRO H 103 1.04 2.75 16.80
CA PRO H 103 0.41 1.72 15.98
C PRO H 103 -1.13 1.78 15.92
N GLY H 104 -1.63 1.73 14.69
CA GLY H 104 -3.05 1.90 14.43
C GLY H 104 -3.46 3.32 14.07
N ASP H 105 -2.56 4.28 14.30
CA ASP H 105 -2.79 5.67 13.86
C ASP H 105 -2.49 5.82 12.36
N PHE H 106 -3.03 6.90 11.79
CA PHE H 106 -3.07 7.09 10.33
C PHE H 106 -2.66 8.53 9.97
N GLY H 107 -1.83 8.68 8.94
CA GLY H 107 -1.50 9.99 8.39
C GLY H 107 -1.72 9.97 6.90
N PHE H 108 -2.18 11.07 6.34
CA PHE H 108 -2.43 11.12 4.90
C PHE H 108 -1.77 12.36 4.31
N VAL H 109 -1.00 12.14 3.24
CA VAL H 109 -0.30 13.24 2.58
C VAL H 109 -0.77 13.36 1.14
N PRO H 110 -1.53 14.42 0.83
CA PRO H 110 -2.03 14.65 -0.52
C PRO H 110 -0.88 15.07 -1.43
N LYS H 111 -1.06 14.95 -2.74
CA LYS H 111 -0.01 15.38 -3.65
C LYS H 111 0.32 16.86 -3.46
N ASN H 112 1.55 17.23 -3.84
CA ASN H 112 2.07 18.59 -3.73
C ASN H 112 2.31 19.10 -2.30
N CYS H 113 2.08 18.26 -1.29
CA CYS H 113 2.38 18.67 0.08
C CYS H 113 3.75 18.13 0.49
N VAL H 114 4.62 19.03 0.92
CA VAL H 114 5.95 18.65 1.39
C VAL H 114 5.80 17.87 2.69
N HIS H 115 6.52 16.75 2.82
CA HIS H 115 6.40 15.89 3.99
C HIS H 115 7.74 15.19 4.29
N ALA H 116 7.82 14.64 5.50
CA ALA H 116 8.96 13.85 5.94
C ALA H 116 8.53 13.09 7.18
N TYR H 117 9.28 12.06 7.55
CA TYR H 117 8.93 11.33 8.77
C TYR H 117 10.20 11.02 9.55
N ARG H 118 10.03 10.75 10.84
CA ARG H 118 11.12 10.31 11.69
C ARG H 118 10.69 9.07 12.46
N MET H 119 11.49 8.00 12.40
CA MET H 119 11.16 6.87 13.26
C MET H 119 11.72 7.08 14.68
N GLU H 120 10.83 6.99 15.68
CA GLU H 120 11.22 7.33 17.05
C GLU H 120 11.30 6.14 17.99
N ARG H 121 11.18 4.93 17.45
CA ARG H 121 11.43 3.69 18.17
C ARG H 121 12.23 2.78 17.27
N HIS H 122 13.11 1.95 17.83
CA HIS H 122 13.84 0.99 17.00
CA HIS H 122 13.85 1.01 17.00
C HIS H 122 12.92 -0.02 16.35
N HIS H 123 13.12 -0.23 15.05
CA HIS H 123 12.30 -1.12 14.25
C HIS H 123 10.83 -0.75 14.28
N SER H 124 10.57 0.52 14.00
CA SER H 124 9.21 0.97 13.70
C SER H 124 8.82 0.48 12.32
N GLN H 125 7.53 0.45 12.05
CA GLN H 125 7.05 -0.06 10.78
C GLN H 125 5.82 0.72 10.35
N VAL H 126 5.77 1.04 9.07
CA VAL H 126 4.65 1.77 8.47
C VAL H 126 4.13 0.97 7.30
N VAL H 127 2.80 0.87 7.19
CA VAL H 127 2.13 0.40 5.99
C VAL H 127 1.90 1.60 5.11
N GLY H 128 2.32 1.51 3.85
CA GLY H 128 2.04 2.55 2.88
C GLY H 128 1.24 2.13 1.67
N VAL H 129 0.55 3.13 1.11
CA VAL H 129 0.00 3.06 -0.23
C VAL H 129 0.44 4.37 -0.84
N ALA H 130 0.98 4.32 -2.05
CA ALA H 130 1.44 5.53 -2.73
C ALA H 130 1.04 5.47 -4.20
N ALA H 131 -0.02 6.19 -4.57
CA ALA H 131 -0.54 6.11 -5.93
C ALA H 131 -1.36 7.35 -6.26
N GLY H 132 -1.79 7.44 -7.51
CA GLY H 132 -2.55 8.58 -7.96
C GLY H 132 -2.64 8.59 -9.45
N PRO H 133 -3.03 9.72 -10.03
CA PRO H 133 -3.11 9.85 -11.49
C PRO H 133 -1.79 9.53 -12.22
N GLY H 134 -0.64 9.71 -11.57
CA GLY H 134 0.62 9.42 -12.25
C GLY H 134 1.09 7.97 -12.17
N GLY H 135 0.24 7.07 -11.71
CA GLY H 135 0.60 5.66 -11.60
C GLY H 135 1.07 5.30 -10.20
N THR H 136 1.69 4.13 -10.04
CA THR H 136 2.08 3.73 -8.69
C THR H 136 3.59 3.82 -8.50
N PHE H 137 3.96 4.00 -7.25
CA PHE H 137 5.23 4.61 -6.86
C PHE H 137 6.27 3.62 -6.33
N GLU H 138 5.89 2.36 -6.18
CA GLU H 138 6.62 1.48 -5.26
C GLU H 138 8.07 1.14 -5.67
N ARG H 139 8.37 1.19 -6.96
CA ARG H 139 9.70 0.76 -7.39
C ARG H 139 10.73 1.89 -7.24
N PHE H 140 10.27 3.04 -6.78
CA PHE H 140 11.17 4.12 -6.41
C PHE H 140 12.24 3.68 -5.40
N PHE H 141 11.84 2.96 -4.37
CA PHE H 141 12.75 2.62 -3.27
C PHE H 141 13.98 1.82 -3.70
N GLU H 142 13.78 0.81 -4.53
CA GLU H 142 14.88 -0.02 -5.01
C GLU H 142 15.66 0.64 -6.13
N SER H 143 15.05 1.68 -6.72
CA SER H 143 15.67 2.42 -7.79
C SER H 143 16.62 3.47 -7.23
N LEU H 144 16.20 4.19 -6.20
CA LEU H 144 17.09 5.10 -5.52
C LEU H 144 18.02 4.33 -4.59
N GLY H 145 17.45 3.39 -3.84
CA GLY H 145 18.25 2.51 -3.02
C GLY H 145 18.70 1.30 -3.82
N THR H 146 18.46 0.12 -3.27
CA THR H 146 18.87 -1.13 -3.91
C THR H 146 17.86 -2.23 -3.58
N PRO H 147 17.58 -3.12 -4.56
CA PRO H 147 16.82 -4.33 -4.21
C PRO H 147 17.64 -5.19 -3.26
N ALA H 148 16.97 -5.96 -2.40
CA ALA H 148 17.67 -6.76 -1.40
C ALA H 148 17.14 -8.18 -1.42
N GLU H 149 18.03 -9.17 -1.36
CA GLU H 149 17.58 -10.56 -1.36
C GLU H 149 17.45 -11.11 0.06
N GLU H 150 18.22 -10.56 0.99
CA GLU H 150 18.19 -11.04 2.38
C GLU H 150 16.97 -10.50 3.12
N LEU H 151 16.62 -11.18 4.19
CA LEU H 151 15.57 -10.69 5.10
C LEU H 151 16.20 -9.74 6.10
N GLY H 152 15.38 -8.86 6.69
CA GLY H 152 15.82 -8.06 7.82
C GLY H 152 16.25 -6.63 7.51
N LEU H 153 16.48 -5.83 8.56
CA LEU H 153 17.02 -4.49 8.34
C LEU H 153 18.40 -4.60 7.70
N PRO H 154 18.75 -3.62 6.86
CA PRO H 154 20.11 -3.61 6.30
C PRO H 154 21.15 -3.51 7.40
N VAL H 155 22.25 -4.25 7.26
CA VAL H 155 23.32 -4.19 8.23
C VAL H 155 24.09 -2.87 8.14
N ARG H 156 24.35 -2.44 6.91
CA ARG H 156 24.96 -1.14 6.65
C ARG H 156 23.94 -0.35 5.87
N PRO H 157 23.75 0.94 6.22
CA PRO H 157 22.83 1.79 5.47
C PRO H 157 23.21 1.85 3.98
N PHE H 158 22.23 1.83 3.08
CA PHE H 158 22.52 2.01 1.68
C PHE H 158 22.40 3.48 1.35
N VAL H 159 23.53 4.13 1.10
CA VAL H 159 23.51 5.54 0.78
C VAL H 159 23.62 5.73 -0.72
N PRO H 160 22.56 6.29 -1.33
CA PRO H 160 22.61 6.42 -2.79
C PRO H 160 23.73 7.36 -3.24
N GLU H 161 24.37 7.02 -4.35
CA GLU H 161 25.33 7.91 -4.96
C GLU H 161 24.60 9.21 -5.30
N PRO H 162 25.31 10.35 -5.22
CA PRO H 162 24.77 11.66 -5.60
C PRO H 162 24.05 11.67 -6.95
N GLU H 163 24.57 10.92 -7.91
CA GLU H 163 24.00 10.88 -9.25
C GLU H 163 22.57 10.35 -9.25
N LYS H 164 22.31 9.35 -8.42
CA LYS H 164 20.97 8.76 -8.34
C LYS H 164 19.92 9.77 -7.90
N PHE H 165 20.29 10.68 -6.99
CA PHE H 165 19.36 11.70 -6.51
C PHE H 165 18.90 12.65 -7.60
N ARG H 166 19.71 12.76 -8.66
CA ARG H 166 19.41 13.65 -9.77
C ARG H 166 18.62 12.95 -10.87
N THR H 167 18.82 11.66 -11.02
CA THR H 167 18.19 10.90 -12.12
C THR H 167 16.91 10.16 -11.71
N VAL H 168 16.81 9.68 -10.47
CA VAL H 168 15.56 8.98 -10.09
C VAL H 168 14.26 9.80 -10.23
N PRO H 169 14.27 11.16 -10.07
CA PRO H 169 13.00 11.86 -10.30
C PRO H 169 12.57 11.94 -11.75
N GLU H 170 13.50 11.74 -12.68
CA GLU H 170 13.15 11.72 -14.09
C GLU H 170 12.29 10.50 -14.40
N GLN H 171 12.26 9.53 -13.48
CA GLN H 171 11.44 8.32 -13.64
C GLN H 171 10.36 8.13 -12.56
N TYR H 172 10.58 8.67 -11.36
CA TYR H 172 9.62 8.51 -10.29
C TYR H 172 9.15 9.87 -9.84
N ASP H 173 7.89 9.92 -9.40
CA ASP H 173 7.25 11.18 -9.04
C ASP H 173 7.70 11.65 -7.66
N VAL H 174 8.88 12.28 -7.62
CA VAL H 174 9.41 12.73 -6.35
C VAL H 174 10.29 13.95 -6.56
N ARG H 175 10.13 14.93 -5.68
CA ARG H 175 10.91 16.14 -5.72
C ARG H 175 11.49 16.39 -4.34
N PHE H 176 12.81 16.30 -4.24
CA PHE H 176 13.47 16.55 -2.96
C PHE H 176 13.54 18.04 -2.68
N ARG H 177 13.40 18.39 -1.41
CA ARG H 177 13.45 19.78 -0.98
C ARG H 177 14.47 19.95 0.13
N PRO H 178 15.78 19.89 -0.20
CA PRO H 178 16.84 20.03 0.81
C PRO H 178 16.76 21.38 1.50
N ASP H 179 16.14 22.33 0.81
CA ASP H 179 15.96 23.70 1.28
C ASP H 179 14.98 23.79 2.46
N HIS H 180 14.04 22.85 2.51
CA HIS H 180 12.91 22.93 3.43
C HIS H 180 13.31 22.93 4.91
N GLN H 181 12.65 23.77 5.68
CA GLN H 181 12.87 23.82 7.12
C GLN H 181 11.56 23.57 7.88
N TRP H 182 11.60 22.68 8.87
CA TRP H 182 10.44 22.41 9.71
C TRP H 182 10.47 23.30 10.94
N HIS H 183 9.36 23.96 11.23
CA HIS H 183 9.31 24.87 12.38
C HIS H 183 8.21 24.53 13.38
N THR H 184 7.77 23.27 13.39
CA THR H 184 6.80 22.82 14.38
C THR H 184 7.48 22.12 15.56
N GLY H 185 8.81 22.11 15.55
CA GLY H 185 9.58 21.46 16.61
C GLY H 185 10.35 22.45 17.46
N ILE I 3 70.60 -14.11 7.87
CA ILE I 3 71.56 -14.67 6.92
C ILE I 3 71.44 -14.00 5.55
N GLU I 4 72.56 -13.50 5.05
CA GLU I 4 72.63 -12.87 3.74
C GLU I 4 72.95 -13.90 2.65
N TYR I 5 72.44 -13.66 1.46
CA TYR I 5 72.65 -14.57 0.33
C TYR I 5 73.19 -13.84 -0.89
N ALA I 6 73.93 -14.57 -1.71
CA ALA I 6 74.26 -14.13 -3.06
C ALA I 6 73.23 -14.71 -4.03
N THR I 7 72.65 -13.86 -4.86
CA THR I 7 71.69 -14.31 -5.87
C THR I 7 72.07 -13.76 -7.23
N ARG I 8 71.33 -14.15 -8.26
CA ARG I 8 71.56 -13.62 -9.60
C ARG I 8 71.35 -12.11 -9.70
N HIS I 9 70.56 -11.53 -8.80
CA HIS I 9 70.30 -10.09 -8.84
C HIS I 9 71.19 -9.24 -7.91
N ARG I 10 71.70 -9.84 -6.83
CA ARG I 10 72.49 -9.10 -5.84
C ARG I 10 73.57 -9.98 -5.24
N ALA I 11 74.77 -9.42 -5.02
CA ALA I 11 75.79 -10.13 -4.27
C ALA I 11 75.42 -10.31 -2.79
N ARG I 12 74.62 -9.38 -2.27
CA ARG I 12 74.09 -9.46 -0.93
C ARG I 12 72.58 -9.27 -0.96
N SER I 13 71.83 -10.28 -0.53
CA SER I 13 70.38 -10.22 -0.53
C SER I 13 69.82 -11.01 0.65
N PHE I 14 68.65 -10.60 1.16
CA PHE I 14 67.96 -11.40 2.16
C PHE I 14 66.91 -12.29 1.53
N ILE I 15 66.81 -12.24 0.20
CA ILE I 15 66.00 -13.17 -0.57
C ILE I 15 66.84 -14.40 -0.96
N PRO I 16 66.43 -15.59 -0.51
CA PRO I 16 67.18 -16.81 -0.87
C PRO I 16 67.19 -17.07 -2.38
N PRO I 17 68.31 -17.60 -2.90
CA PRO I 17 68.34 -17.95 -4.33
C PRO I 17 67.51 -19.20 -4.65
N GLU I 18 67.42 -20.14 -3.71
CA GLU I 18 66.72 -21.39 -3.98
C GLU I 18 65.22 -21.20 -3.76
N PRO I 19 64.41 -21.50 -4.79
CA PRO I 19 62.95 -21.47 -4.64
C PRO I 19 62.49 -22.49 -3.60
N GLY I 20 61.30 -22.31 -3.04
CA GLY I 20 60.76 -23.26 -2.08
C GLY I 20 61.28 -23.10 -0.66
N LYS I 21 61.99 -22.00 -0.40
CA LYS I 21 62.55 -21.73 0.92
C LYS I 21 61.85 -20.57 1.62
N PRO I 22 61.33 -20.80 2.84
CA PRO I 22 60.73 -19.73 3.64
C PRO I 22 61.77 -18.75 4.14
N TYR I 23 61.40 -17.48 4.24
CA TYR I 23 62.35 -16.50 4.75
C TYR I 23 61.63 -15.29 5.35
N PHE I 24 62.35 -14.56 6.20
CA PHE I 24 61.86 -13.31 6.75
C PHE I 24 62.80 -12.20 6.32
N ILE I 25 62.26 -11.00 6.19
CA ILE I 25 63.09 -9.84 5.90
C ILE I 25 62.64 -8.65 6.76
N GLU I 26 63.56 -8.03 7.50
CA GLU I 26 63.18 -6.88 8.34
C GLU I 26 62.93 -5.67 7.48
N LYS I 27 62.12 -4.75 8.00
CA LYS I 27 61.79 -3.49 7.35
C LYS I 27 62.98 -2.87 6.60
N GLY I 28 62.80 -2.64 5.30
CA GLY I 28 63.76 -1.92 4.48
C GLY I 28 64.86 -2.76 3.82
N LEU I 29 64.94 -4.04 4.15
CA LEU I 29 66.10 -4.83 3.71
C LEU I 29 65.84 -5.77 2.51
N GLY I 30 64.76 -5.51 1.77
CA GLY I 30 64.58 -6.18 0.49
C GLY I 30 65.59 -5.64 -0.52
N ASP I 31 65.64 -6.21 -1.72
CA ASP I 31 66.53 -5.70 -2.78
C ASP I 31 66.16 -4.26 -3.10
N ARG I 32 67.13 -3.35 -3.13
CA ARG I 32 66.80 -1.94 -3.32
C ARG I 32 67.17 -1.39 -4.69
N ALA I 33 66.38 -0.43 -5.17
CA ALA I 33 66.67 0.27 -6.42
C ALA I 33 66.29 1.74 -6.32
N HIS I 34 66.97 2.58 -7.11
CA HIS I 34 66.66 4.00 -7.14
C HIS I 34 66.13 4.35 -8.51
N LEU I 35 65.06 5.14 -8.56
CA LEU I 35 64.56 5.62 -9.85
C LEU I 35 64.00 7.02 -9.64
N PHE I 36 64.65 8.00 -10.26
CA PHE I 36 64.46 9.41 -9.88
C PHE I 36 64.66 9.53 -8.37
N GLY I 37 63.73 10.17 -7.68
CA GLY I 37 63.89 10.34 -6.24
C GLY I 37 63.35 9.19 -5.39
N ASP I 38 62.80 8.17 -6.05
CA ASP I 38 62.13 7.09 -5.34
C ASP I 38 63.03 5.90 -5.04
N LEU I 39 62.76 5.27 -3.91
CA LEU I 39 63.39 4.02 -3.51
C LEU I 39 62.40 2.88 -3.67
N ILE I 40 62.77 1.87 -4.46
CA ILE I 40 61.95 0.66 -4.60
C ILE I 40 62.62 -0.49 -3.86
N THR I 41 61.85 -1.23 -3.07
CA THR I 41 62.40 -2.32 -2.25
C THR I 41 61.64 -3.62 -2.50
N ILE I 42 62.35 -4.63 -3.00
CA ILE I 42 61.72 -5.88 -3.43
C ILE I 42 61.84 -6.96 -2.37
N TYR I 43 60.70 -7.52 -1.95
CA TYR I 43 60.74 -8.51 -0.88
C TYR I 43 60.56 -9.93 -1.42
N ALA I 44 59.85 -10.04 -2.53
CA ALA I 44 59.70 -11.31 -3.25
C ALA I 44 59.62 -11.04 -4.74
N GLY I 45 60.29 -11.85 -5.55
CA GLY I 45 60.16 -11.73 -6.99
C GLY I 45 59.61 -13.00 -7.63
N GLY I 46 59.59 -13.00 -8.96
CA GLY I 46 59.06 -14.13 -9.71
C GLY I 46 59.76 -15.43 -9.37
N GLU I 47 61.04 -15.37 -9.01
CA GLU I 47 61.79 -16.57 -8.65
C GLU I 47 61.22 -17.27 -7.41
N GLN I 48 60.52 -16.51 -6.56
CA GLN I 48 59.99 -17.04 -5.30
C GLN I 48 58.63 -17.70 -5.49
N THR I 49 57.97 -17.44 -6.61
CA THR I 49 56.56 -17.78 -6.75
C THR I 49 56.25 -18.50 -8.06
N GLU I 50 57.25 -19.13 -8.66
CA GLU I 50 57.11 -19.71 -10.00
C GLU I 50 56.56 -18.68 -10.97
N ASN I 51 57.04 -17.44 -10.82
CA ASN I 51 56.78 -16.36 -11.76
C ASN I 51 55.31 -15.95 -11.76
N THR I 52 54.66 -16.07 -10.61
CA THR I 52 53.24 -15.78 -10.47
C THR I 52 53.02 -14.37 -9.99
N PHE I 53 53.72 -13.98 -8.94
CA PHE I 53 53.62 -12.60 -8.46
C PHE I 53 54.89 -12.14 -7.77
N ASN I 54 54.84 -10.92 -7.28
CA ASN I 54 55.95 -10.36 -6.56
C ASN I 54 55.41 -9.51 -5.42
N PHE I 55 56.31 -8.83 -4.74
CA PHE I 55 55.89 -7.96 -3.65
C PHE I 55 56.96 -6.95 -3.39
N PHE I 56 56.63 -5.67 -3.48
CA PHE I 56 57.65 -4.63 -3.31
C PHE I 56 57.04 -3.36 -2.72
N THR I 57 57.88 -2.46 -2.26
CA THR I 57 57.43 -1.15 -1.85
C THR I 57 58.09 -0.05 -2.65
N CYS I 58 57.42 1.10 -2.71
CA CYS I 58 57.95 2.25 -3.39
C CYS I 58 57.76 3.47 -2.49
N GLU I 59 58.85 4.16 -2.21
CA GLU I 59 58.76 5.30 -1.32
C GLU I 59 59.60 6.45 -1.85
N GLY I 60 59.22 7.68 -1.48
CA GLY I 60 59.87 8.84 -2.06
C GLY I 60 59.47 10.18 -1.49
N PRO I 61 60.13 11.24 -1.97
CA PRO I 61 59.84 12.57 -1.45
C PRO I 61 58.57 13.08 -2.12
N LYS I 62 58.05 14.19 -1.62
CA LYS I 62 56.92 14.84 -2.25
C LYS I 62 57.43 15.32 -3.60
N GLY I 63 56.74 14.98 -4.68
CA GLY I 63 57.23 15.30 -6.00
C GLY I 63 56.15 15.51 -7.05
N GLU I 64 56.58 15.45 -8.30
CA GLU I 64 55.69 15.64 -9.43
C GLU I 64 55.21 14.27 -9.92
N VAL I 65 54.22 14.26 -10.80
CA VAL I 65 53.72 13.00 -11.34
C VAL I 65 54.86 12.28 -12.05
N ILE I 66 54.93 10.97 -11.86
CA ILE I 66 55.88 10.17 -12.62
C ILE I 66 55.38 10.12 -14.08
N PRO I 67 56.24 9.72 -15.02
CA PRO I 67 55.79 9.70 -16.41
C PRO I 67 54.59 8.78 -16.63
N ALA I 68 53.61 9.23 -17.40
CA ALA I 68 52.45 8.41 -17.70
C ALA I 68 52.92 7.19 -18.49
N HIS I 69 52.36 6.03 -18.17
CA HIS I 69 52.75 4.80 -18.87
C HIS I 69 51.63 3.77 -18.82
N SER I 70 51.82 2.67 -19.54
CA SER I 70 50.90 1.53 -19.48
C SER I 70 51.69 0.23 -19.52
N HIS I 71 51.04 -0.86 -19.13
CA HIS I 71 51.62 -2.19 -19.25
C HIS I 71 50.66 -3.06 -20.00
N ALA I 72 51.17 -3.79 -20.98
CA ALA I 72 50.29 -4.53 -21.88
C ALA I 72 49.80 -5.85 -21.28
N ASP I 73 50.55 -6.38 -20.31
CA ASP I 73 50.26 -7.72 -19.78
C ASP I 73 50.41 -7.81 -18.27
N THR I 74 50.44 -6.67 -17.62
CA THR I 74 50.74 -6.62 -16.21
C THR I 74 49.67 -5.83 -15.46
N TYR I 75 49.19 -6.39 -14.36
CA TYR I 75 48.24 -5.70 -13.47
C TYR I 75 48.98 -5.12 -12.29
N GLU I 76 48.56 -3.95 -11.81
CA GLU I 76 49.31 -3.30 -10.72
C GLU I 76 48.43 -2.89 -9.56
N VAL I 77 48.93 -3.17 -8.35
CA VAL I 77 48.29 -2.73 -7.13
C VAL I 77 49.04 -1.53 -6.56
N PHE I 78 48.29 -0.58 -6.04
CA PHE I 78 48.79 0.52 -5.20
C PHE I 78 48.12 0.44 -3.85
N TYR I 79 48.88 0.13 -2.81
CA TYR I 79 48.32 0.11 -1.47
C TYR I 79 49.17 1.02 -0.60
N ILE I 80 48.57 2.11 -0.15
CA ILE I 80 49.36 3.16 0.44
C ILE I 80 49.59 2.83 1.92
N THR I 81 50.84 2.91 2.37
CA THR I 81 51.14 2.62 3.78
C THR I 81 51.66 3.84 4.53
N GLN I 82 52.22 4.83 3.82
CA GLN I 82 52.62 6.08 4.47
CA GLN I 82 52.64 6.09 4.46
C GLN I 82 52.34 7.29 3.57
N GLY I 83 52.15 8.45 4.20
CA GLY I 83 51.93 9.67 3.45
C GLY I 83 50.62 9.72 2.69
N ALA I 84 50.66 10.28 1.49
CA ALA I 84 49.46 10.38 0.66
C ALA I 84 49.89 10.36 -0.77
N VAL I 85 49.22 9.56 -1.59
CA VAL I 85 49.70 9.39 -2.95
C VAL I 85 48.52 9.55 -3.90
N ARG I 86 48.67 10.44 -4.88
CA ARG I 86 47.59 10.66 -5.83
C ARG I 86 47.76 9.80 -7.05
N LEU I 87 46.76 8.97 -7.34
CA LEU I 87 46.84 8.04 -8.45
C LEU I 87 45.98 8.55 -9.58
N PHE I 88 46.56 8.55 -10.79
CA PHE I 88 45.87 8.93 -12.01
C PHE I 88 45.74 7.71 -12.89
N VAL I 89 44.53 7.46 -13.39
CA VAL I 89 44.35 6.34 -14.30
C VAL I 89 43.32 6.67 -15.36
N GLU I 90 43.58 6.21 -16.58
CA GLU I 90 42.64 6.29 -17.69
C GLU I 90 42.14 4.89 -18.01
N ASP I 91 40.83 4.70 -18.04
CA ASP I 91 40.30 3.37 -18.28
C ASP I 91 40.33 3.06 -19.77
N LEU I 92 39.90 1.86 -20.13
CA LEU I 92 39.97 1.38 -21.52
C LEU I 92 39.04 2.15 -22.46
N GLU I 93 38.11 2.90 -21.90
CA GLU I 93 37.17 3.66 -22.72
C GLU I 93 37.56 5.13 -22.80
N GLY I 94 38.70 5.47 -22.22
CA GLY I 94 39.23 6.82 -22.34
C GLY I 94 38.87 7.76 -21.22
N GLU I 95 38.13 7.27 -20.23
CA GLU I 95 37.76 8.12 -19.10
C GLU I 95 38.86 8.15 -18.04
N GLN I 96 39.17 9.36 -17.57
CA GLN I 96 40.25 9.51 -16.60
C GLN I 96 39.74 9.74 -15.18
N HIS I 97 40.50 9.21 -14.22
CA HIS I 97 40.14 9.33 -12.81
C HIS I 97 41.36 9.63 -11.99
N GLU I 98 41.17 10.36 -10.90
CA GLU I 98 42.26 10.58 -9.97
C GLU I 98 41.72 10.42 -8.58
N LYS I 99 42.54 9.89 -7.68
CA LYS I 99 42.14 9.80 -6.28
C LYS I 99 43.35 10.01 -5.37
N LEU I 100 43.18 10.82 -4.33
CA LEU I 100 44.24 10.91 -3.32
C LEU I 100 44.08 9.72 -2.40
N LEU I 101 45.06 8.83 -2.42
CA LEU I 101 45.00 7.64 -1.60
C LEU I 101 45.82 7.85 -0.31
N THR I 102 45.19 7.60 0.83
CA THR I 102 45.83 7.76 2.11
C THR I 102 46.08 6.37 2.70
N PRO I 103 46.89 6.27 3.77
CA PRO I 103 47.32 4.94 4.20
C PRO I 103 46.17 3.99 4.48
N GLY I 104 46.22 2.80 3.87
CA GLY I 104 45.15 1.82 3.97
C GLY I 104 44.22 1.84 2.77
N ASP I 105 44.29 2.90 1.94
CA ASP I 105 43.48 2.99 0.72
C ASP I 105 44.18 2.17 -0.38
N PHE I 106 43.39 1.76 -1.37
CA PHE I 106 43.84 0.81 -2.36
C PHE I 106 43.49 1.31 -3.76
N GLY I 107 44.41 1.14 -4.71
CA GLY I 107 44.14 1.45 -6.10
C GLY I 107 44.57 0.29 -7.00
N PHE I 108 43.85 0.09 -8.10
CA PHE I 108 44.13 -1.03 -8.98
C PHE I 108 44.12 -0.58 -10.44
N VAL I 109 45.20 -0.89 -11.13
CA VAL I 109 45.38 -0.47 -12.51
C VAL I 109 45.49 -1.70 -13.39
N PRO I 110 44.43 -2.00 -14.16
CA PRO I 110 44.47 -3.16 -15.06
C PRO I 110 45.42 -2.90 -16.20
N LYS I 111 45.89 -3.98 -16.82
CA LYS I 111 46.72 -3.89 -18.00
C LYS I 111 46.07 -2.99 -19.04
N ASN I 112 46.91 -2.31 -19.82
CA ASN I 112 46.54 -1.44 -20.93
C ASN I 112 45.90 -0.13 -20.50
N CYS I 113 45.89 0.13 -19.19
CA CYS I 113 45.36 1.39 -18.70
C CYS I 113 46.50 2.36 -18.40
N VAL I 114 46.47 3.51 -19.05
CA VAL I 114 47.48 4.54 -18.80
C VAL I 114 47.34 5.06 -17.37
N HIS I 115 48.45 5.22 -16.68
CA HIS I 115 48.41 5.61 -15.29
C HIS I 115 49.68 6.33 -14.91
N ALA I 116 49.61 7.05 -13.80
CA ALA I 116 50.74 7.74 -13.20
C ALA I 116 50.39 8.03 -11.74
N TYR I 117 51.39 8.34 -10.94
CA TYR I 117 51.12 8.72 -9.56
C TYR I 117 52.00 9.88 -9.15
N ARG I 118 51.59 10.56 -8.08
CA ARG I 118 52.31 11.67 -7.51
C ARG I 118 52.32 11.51 -6.02
N MET I 119 53.50 11.52 -5.41
CA MET I 119 53.56 11.50 -3.95
C MET I 119 53.36 12.90 -3.38
N GLU I 120 52.40 13.06 -2.46
CA GLU I 120 52.04 14.40 -2.01
C GLU I 120 52.36 14.64 -0.53
N ARG I 121 53.10 13.70 0.07
CA ARG I 121 53.73 13.94 1.36
C ARG I 121 55.16 13.45 1.30
N HIS I 122 56.06 14.08 2.06
CA HIS I 122 57.41 13.59 2.04
CA HIS I 122 57.43 13.60 2.15
C HIS I 122 57.50 12.19 2.68
N HIS I 123 58.27 11.34 1.99
CA HIS I 123 58.44 9.95 2.36
C HIS I 123 57.09 9.23 2.44
N SER I 124 56.30 9.36 1.37
CA SER I 124 55.12 8.51 1.21
C SER I 124 55.64 7.13 0.80
N GLN I 125 54.79 6.13 0.98
CA GLN I 125 55.16 4.74 0.72
C GLN I 125 53.95 3.98 0.19
N VAL I 126 54.22 3.17 -0.83
CA VAL I 126 53.22 2.39 -1.53
C VAL I 126 53.67 0.93 -1.49
N VAL I 127 52.77 0.03 -1.12
CA VAL I 127 52.98 -1.40 -1.34
C VAL I 127 52.48 -1.75 -2.74
N GLY I 128 53.29 -2.48 -3.50
CA GLY I 128 52.93 -2.87 -4.85
C GLY I 128 53.00 -4.36 -5.16
N VAL I 129 52.12 -4.79 -6.06
CA VAL I 129 52.26 -6.03 -6.79
C VAL I 129 52.11 -5.65 -8.23
N ALA I 130 52.92 -6.26 -9.09
CA ALA I 130 52.96 -5.91 -10.49
C ALA I 130 53.23 -7.17 -11.27
N ALA I 131 52.18 -7.83 -11.72
CA ALA I 131 52.30 -9.14 -12.35
C ALA I 131 51.12 -9.44 -13.27
N GLY I 132 51.23 -10.50 -14.04
CA GLY I 132 50.15 -10.90 -14.92
C GLY I 132 50.56 -12.12 -15.68
N PRO I 133 49.79 -12.47 -16.72
CA PRO I 133 50.10 -13.65 -17.53
C PRO I 133 51.51 -13.62 -18.10
N GLY I 134 52.07 -12.43 -18.28
CA GLY I 134 53.37 -12.30 -18.93
C GLY I 134 54.56 -12.39 -17.99
N GLY I 135 54.30 -12.61 -16.70
CA GLY I 135 55.39 -12.72 -15.74
C GLY I 135 55.32 -11.61 -14.71
N THR I 136 56.40 -11.45 -13.96
CA THR I 136 56.44 -10.43 -12.92
C THR I 136 57.38 -9.29 -13.32
N PHE I 137 57.12 -8.11 -12.79
CA PHE I 137 57.64 -6.84 -13.32
C PHE I 137 58.81 -6.23 -12.52
N GLU I 138 59.11 -6.80 -11.35
CA GLU I 138 59.84 -6.09 -10.31
C GLU I 138 61.26 -5.66 -10.70
N ARG I 139 61.90 -6.36 -11.64
CA ARG I 139 63.28 -5.98 -11.93
C ARG I 139 63.36 -4.79 -12.89
N PHE I 140 62.20 -4.30 -13.32
CA PHE I 140 62.15 -3.10 -14.15
C PHE I 140 62.84 -1.90 -13.49
N PHE I 141 62.58 -1.72 -12.20
CA PHE I 141 63.03 -0.54 -11.50
C PHE I 141 64.57 -0.40 -11.50
N GLU I 142 65.30 -1.48 -11.25
CA GLU I 142 66.75 -1.39 -11.22
C GLU I 142 67.34 -1.40 -12.62
N SER I 143 66.49 -1.66 -13.60
CA SER I 143 66.94 -1.74 -14.98
C SER I 143 66.84 -0.38 -15.66
N LEU I 144 65.72 0.30 -15.49
CA LEU I 144 65.60 1.70 -15.90
C LEU I 144 66.39 2.59 -14.94
N GLY I 145 66.21 2.33 -13.64
CA GLY I 145 66.97 3.03 -12.62
C GLY I 145 68.28 2.31 -12.35
N THR I 146 68.56 2.05 -11.07
CA THR I 146 69.82 1.41 -10.70
C THR I 146 69.61 0.54 -9.46
N PRO I 147 70.28 -0.60 -9.39
CA PRO I 147 70.22 -1.28 -8.09
C PRO I 147 70.94 -0.42 -7.05
N ALA I 148 70.60 -0.53 -5.76
CA ALA I 148 71.34 0.30 -4.80
C ALA I 148 71.67 -0.50 -3.56
N GLU I 149 72.87 -0.31 -3.03
CA GLU I 149 73.24 -0.97 -1.78
C GLU I 149 72.86 -0.16 -0.55
N GLU I 150 72.85 1.18 -0.67
CA GLU I 150 72.46 2.10 0.40
C GLU I 150 71.09 1.80 0.97
N LEU I 151 70.87 2.17 2.23
CA LEU I 151 69.51 2.22 2.78
C LEU I 151 69.00 3.63 2.66
N GLY I 152 67.67 3.81 2.64
CA GLY I 152 67.07 5.13 2.67
C GLY I 152 66.71 5.69 1.30
N LEU I 153 66.02 6.83 1.28
CA LEU I 153 65.75 7.56 0.06
C LEU I 153 67.07 7.93 -0.62
N PRO I 154 67.08 7.98 -1.97
CA PRO I 154 68.29 8.47 -2.63
C PRO I 154 68.52 9.93 -2.30
N VAL I 155 69.78 10.25 -2.00
CA VAL I 155 70.14 11.58 -1.58
C VAL I 155 69.89 12.54 -2.71
N ARG I 156 70.16 12.05 -3.91
CA ARG I 156 69.93 12.80 -5.12
C ARG I 156 69.23 11.83 -6.05
N PRO I 157 68.30 12.34 -6.88
CA PRO I 157 67.56 11.47 -7.81
C PRO I 157 68.49 10.74 -8.78
N PHE I 158 68.18 9.50 -9.10
CA PHE I 158 68.82 8.81 -10.20
C PHE I 158 68.04 9.04 -11.50
N VAL I 159 68.59 9.89 -12.37
CA VAL I 159 67.94 10.17 -13.65
C VAL I 159 68.55 9.27 -14.72
N PRO I 160 67.74 8.35 -15.26
CA PRO I 160 68.19 7.42 -16.30
C PRO I 160 68.62 8.14 -17.58
N GLU I 161 69.65 7.62 -18.26
CA GLU I 161 69.99 8.10 -19.58
C GLU I 161 68.81 7.88 -20.53
N PRO I 162 68.60 8.80 -21.48
CA PRO I 162 67.51 8.69 -22.45
C PRO I 162 67.49 7.37 -23.22
N GLU I 163 68.67 6.82 -23.51
CA GLU I 163 68.76 5.55 -24.22
C GLU I 163 68.04 4.43 -23.47
N LYS I 164 68.10 4.48 -22.14
CA LYS I 164 67.44 3.49 -21.30
C LYS I 164 65.92 3.51 -21.46
N PHE I 165 65.36 4.67 -21.75
CA PHE I 165 63.92 4.75 -21.98
C PHE I 165 63.54 4.05 -23.27
N ARG I 166 64.50 3.92 -24.18
CA ARG I 166 64.22 3.28 -25.46
C ARG I 166 64.44 1.77 -25.42
N THR I 167 65.34 1.34 -24.55
CA THR I 167 65.71 -0.08 -24.50
C THR I 167 64.98 -0.87 -23.41
N VAL I 168 64.71 -0.26 -22.26
CA VAL I 168 64.05 -1.00 -21.18
C VAL I 168 62.70 -1.63 -21.61
N PRO I 169 61.87 -0.91 -22.41
CA PRO I 169 60.64 -1.57 -22.92
C PRO I 169 60.85 -2.85 -23.72
N GLU I 170 62.04 -3.01 -24.28
CA GLU I 170 62.37 -4.22 -25.03
C GLU I 170 62.51 -5.43 -24.11
N GLN I 171 62.62 -5.18 -22.80
CA GLN I 171 62.82 -6.24 -21.83
C GLN I 171 61.71 -6.31 -20.79
N TYR I 172 61.14 -5.16 -20.43
CA TYR I 172 60.10 -5.15 -19.43
C TYR I 172 58.81 -4.61 -20.05
N ASP I 173 57.68 -5.03 -19.48
CA ASP I 173 56.36 -4.71 -20.02
C ASP I 173 55.93 -3.31 -19.62
N VAL I 174 56.43 -2.32 -20.35
CA VAL I 174 56.09 -0.94 -20.05
C VAL I 174 56.11 -0.11 -21.33
N ARG I 175 55.11 0.74 -21.47
CA ARG I 175 54.99 1.65 -22.61
C ARG I 175 54.82 3.07 -22.11
N PHE I 176 55.82 3.91 -22.35
CA PHE I 176 55.77 5.29 -21.88
C PHE I 176 54.91 6.15 -22.79
N ARG I 177 54.24 7.14 -22.21
CA ARG I 177 53.33 8.00 -22.96
C ARG I 177 53.67 9.46 -22.72
N PRO I 178 54.77 9.94 -23.32
CA PRO I 178 55.30 11.28 -23.05
C PRO I 178 54.31 12.41 -23.36
N ASP I 179 53.44 12.19 -24.35
CA ASP I 179 52.50 13.24 -24.76
C ASP I 179 51.11 13.05 -24.14
N HIS I 180 51.05 12.26 -23.08
CA HIS I 180 49.78 12.05 -22.39
C HIS I 180 49.48 13.25 -21.48
N GLN I 181 48.22 13.66 -21.46
CA GLN I 181 47.81 14.79 -20.63
C GLN I 181 46.72 14.38 -19.64
N TRP I 182 46.86 14.82 -18.39
CA TRP I 182 45.86 14.56 -17.38
C TRP I 182 44.92 15.74 -17.21
N HIS I 183 43.64 15.54 -17.52
CA HIS I 183 42.65 16.59 -17.38
C HIS I 183 41.73 16.33 -16.19
N THR I 184 42.31 16.29 -14.99
CA THR I 184 41.55 16.07 -13.77
C THR I 184 41.96 17.07 -12.69
N GLY I 185 43.26 17.32 -12.59
CA GLY I 185 43.79 18.25 -11.61
C GLY I 185 45.31 18.27 -11.64
N ILE J 3 29.91 4.65 -4.97
CA ILE J 3 29.32 3.78 -6.00
C ILE J 3 29.70 2.31 -5.78
N GLU J 4 28.71 1.52 -5.38
CA GLU J 4 28.94 0.10 -5.12
C GLU J 4 28.52 -0.71 -6.34
N TYR J 5 28.97 -1.97 -6.39
CA TYR J 5 28.62 -2.89 -7.46
C TYR J 5 28.05 -4.18 -6.88
N ALA J 6 27.29 -4.90 -7.69
CA ALA J 6 26.91 -6.27 -7.34
C ALA J 6 27.86 -7.24 -8.04
N THR J 7 28.30 -8.28 -7.33
CA THR J 7 29.22 -9.25 -7.92
C THR J 7 28.78 -10.66 -7.56
N ARG J 8 29.42 -11.64 -8.18
CA ARG J 8 29.16 -13.03 -7.84
C ARG J 8 29.47 -13.34 -6.37
N HIS J 9 30.23 -12.47 -5.72
CA HIS J 9 30.67 -12.70 -4.34
C HIS J 9 29.91 -11.89 -3.30
N ARG J 10 29.49 -10.69 -3.65
CA ARG J 10 28.76 -9.81 -2.74
C ARG J 10 27.67 -9.07 -3.47
N ALA J 11 26.54 -8.85 -2.81
CA ALA J 11 25.49 -7.99 -3.34
C ALA J 11 25.94 -6.51 -3.37
N ARG J 12 26.79 -6.15 -2.41
CA ARG J 12 27.33 -4.81 -2.35
C ARG J 12 28.85 -4.90 -2.24
N SER J 13 29.55 -4.45 -3.28
CA SER J 13 31.02 -4.51 -3.28
C SER J 13 31.58 -3.25 -3.93
N PHE J 14 32.80 -2.87 -3.55
CA PHE J 14 33.52 -1.80 -4.23
C PHE J 14 34.50 -2.34 -5.26
N ILE J 15 34.57 -3.67 -5.41
CA ILE J 15 35.29 -4.32 -6.52
C ILE J 15 34.36 -4.51 -7.72
N PRO J 16 34.71 -3.93 -8.88
CA PRO J 16 33.87 -4.01 -10.09
C PRO J 16 33.74 -5.44 -10.58
N PRO J 17 32.59 -5.79 -11.16
CA PRO J 17 32.39 -7.15 -11.69
C PRO J 17 33.19 -7.39 -12.97
N GLU J 18 33.35 -6.34 -13.78
CA GLU J 18 33.97 -6.46 -15.09
C GLU J 18 35.49 -6.45 -14.99
N PRO J 19 36.16 -7.36 -15.70
CA PRO J 19 37.63 -7.28 -15.80
C PRO J 19 38.06 -6.06 -16.61
N GLY J 20 39.27 -5.56 -16.37
CA GLY J 20 39.82 -4.46 -17.13
C GLY J 20 39.45 -3.07 -16.65
N LYS J 21 38.74 -3.00 -15.52
CA LYS J 21 38.29 -1.73 -14.97
C LYS J 21 39.17 -1.24 -13.82
N PRO J 22 39.69 -0.01 -13.93
CA PRO J 22 40.47 0.54 -12.82
C PRO J 22 39.54 0.89 -11.68
N TYR J 23 40.01 0.84 -10.44
CA TYR J 23 39.12 1.22 -9.35
C TYR J 23 39.93 1.59 -8.14
N PHE J 24 39.30 2.34 -7.23
CA PHE J 24 39.92 2.70 -5.95
C PHE J 24 39.01 2.21 -4.85
N ILE J 25 39.60 1.80 -3.72
CA ILE J 25 38.81 1.42 -2.55
C ILE J 25 39.39 2.05 -1.32
N GLU J 26 38.56 2.79 -0.61
CA GLU J 26 38.98 3.42 0.65
C GLU J 26 39.26 2.38 1.72
N LYS J 27 40.16 2.74 2.64
CA LYS J 27 40.52 1.90 3.78
C LYS J 27 39.33 1.15 4.39
N GLY J 28 39.45 -0.17 4.45
CA GLY J 28 38.46 -1.02 5.09
C GLY J 28 37.25 -1.46 4.28
N LEU J 29 37.10 -0.97 3.04
CA LEU J 29 35.90 -1.25 2.25
C LEU J 29 36.06 -2.32 1.17
N GLY J 30 37.16 -3.08 1.20
CA GLY J 30 37.21 -4.30 0.41
C GLY J 30 36.17 -5.31 0.88
N ASP J 31 36.04 -6.45 0.18
CA ASP J 31 35.10 -7.49 0.57
C ASP J 31 35.50 -8.04 1.92
N ARG J 32 34.55 -8.17 2.85
CA ARG J 32 34.95 -8.53 4.21
C ARG J 32 34.50 -9.96 4.56
N ALA J 33 35.32 -10.62 5.38
CA ALA J 33 35.01 -11.93 5.93
C ALA J 33 35.46 -12.03 7.37
N HIS J 34 34.79 -12.89 8.15
CA HIS J 34 35.24 -13.18 9.49
C HIS J 34 35.70 -14.62 9.57
N LEU J 35 36.86 -14.85 10.16
CA LEU J 35 37.31 -16.19 10.44
C LEU J 35 37.93 -16.14 11.82
N PHE J 36 37.33 -16.87 12.76
CA PHE J 36 37.62 -16.71 14.18
C PHE J 36 37.50 -15.25 14.58
N GLY J 37 38.48 -14.73 15.29
CA GLY J 37 38.48 -13.34 15.70
C GLY J 37 38.95 -12.39 14.61
N ASP J 38 39.44 -12.95 13.50
CA ASP J 38 40.07 -12.10 12.49
C ASP J 38 39.09 -11.56 11.45
N LEU J 39 39.41 -10.38 10.96
CA LEU J 39 38.73 -9.76 9.83
C LEU J 39 39.62 -9.82 8.60
N ILE J 40 39.12 -10.42 7.54
CA ILE J 40 39.87 -10.47 6.29
C ILE J 40 39.19 -9.52 5.31
N THR J 41 39.97 -8.69 4.66
CA THR J 41 39.42 -7.71 3.71
C THR J 41 40.07 -7.86 2.33
N ILE J 42 39.26 -8.14 1.31
CA ILE J 42 39.79 -8.42 -0.03
C ILE J 42 39.68 -7.19 -0.93
N TYR J 43 40.81 -6.71 -1.48
CA TYR J 43 40.80 -5.56 -2.36
C TYR J 43 40.88 -5.94 -3.82
N ALA J 44 41.51 -7.08 -4.11
CA ALA J 44 41.59 -7.59 -5.47
C ALA J 44 41.58 -9.10 -5.46
N GLY J 45 40.85 -9.70 -6.39
CA GLY J 45 40.79 -11.15 -6.45
C GLY J 45 41.22 -11.67 -7.79
N GLY J 46 41.14 -12.98 -7.96
CA GLY J 46 41.58 -13.61 -9.20
C GLY J 46 40.82 -13.09 -10.42
N GLU J 47 39.58 -12.66 -10.20
CA GLU J 47 38.78 -12.06 -11.28
C GLU J 47 39.41 -10.78 -11.83
N GLN J 48 40.22 -10.11 -11.02
CA GLN J 48 40.82 -8.84 -11.42
C GLN J 48 42.15 -9.00 -12.16
N THR J 49 42.76 -10.17 -12.05
CA THR J 49 44.15 -10.34 -12.50
C THR J 49 44.35 -11.50 -13.46
N GLU J 50 43.26 -11.92 -14.12
CA GLU J 50 43.29 -13.12 -14.95
C GLU J 50 43.80 -14.32 -14.15
N ASN J 51 43.36 -14.39 -12.90
CA ASN J 51 43.67 -15.50 -11.99
C ASN J 51 45.16 -15.60 -11.67
N THR J 52 45.83 -14.46 -11.65
CA THR J 52 47.25 -14.43 -11.36
C THR J 52 47.56 -14.16 -9.89
N PHE J 53 47.01 -13.10 -9.32
CA PHE J 53 47.23 -12.85 -7.92
C PHE J 53 46.04 -12.19 -7.25
N ASN J 54 46.20 -11.88 -5.96
CA ASN J 54 45.15 -11.22 -5.21
C ASN J 54 45.80 -10.22 -4.27
N PHE J 55 44.99 -9.52 -3.50
CA PHE J 55 45.49 -8.59 -2.50
C PHE J 55 44.46 -8.42 -1.38
N PHE J 56 44.89 -8.68 -0.15
CA PHE J 56 43.97 -8.67 0.98
C PHE J 56 44.69 -8.35 2.27
N THR J 57 43.94 -7.94 3.28
CA THR J 57 44.49 -7.71 4.59
C THR J 57 43.81 -8.64 5.58
N CYS J 58 44.50 -8.88 6.67
CA CYS J 58 43.97 -9.70 7.74
C CYS J 58 44.27 -8.98 9.04
N GLU J 59 43.26 -8.73 9.86
CA GLU J 59 43.51 -8.01 11.11
C GLU J 59 42.68 -8.61 12.24
N GLY J 60 43.16 -8.47 13.48
CA GLY J 60 42.41 -9.02 14.61
C GLY J 60 43.01 -8.78 15.98
N PRO J 61 42.35 -9.31 17.02
CA PRO J 61 42.78 -9.09 18.41
C PRO J 61 44.04 -9.88 18.73
N LYS J 62 44.70 -9.52 19.82
CA LYS J 62 45.75 -10.37 20.38
C LYS J 62 45.15 -11.75 20.62
N GLY J 63 45.79 -12.79 20.11
CA GLY J 63 45.18 -14.11 20.21
C GLY J 63 46.18 -15.25 20.20
N GLU J 64 45.65 -16.47 20.09
CA GLU J 64 46.48 -17.67 20.03
C GLU J 64 46.85 -17.99 18.60
N VAL J 65 47.80 -18.90 18.42
CA VAL J 65 48.27 -19.23 17.09
C VAL J 65 47.12 -19.85 16.29
N ILE J 66 46.99 -19.49 15.03
CA ILE J 66 45.92 -20.02 14.19
C ILE J 66 46.28 -21.45 13.80
N PRO J 67 45.28 -22.23 13.32
CA PRO J 67 45.57 -23.64 12.98
C PRO J 67 46.73 -23.82 12.01
N ALA J 68 47.67 -24.72 12.34
CA ALA J 68 48.76 -25.05 11.44
C ALA J 68 48.23 -25.65 10.15
N HIS J 69 48.74 -25.16 9.02
CA HIS J 69 48.23 -25.61 7.72
C HIS J 69 49.30 -25.48 6.65
N SER J 70 48.99 -26.04 5.49
CA SER J 70 49.88 -26.05 4.35
C SER J 70 49.11 -25.71 3.07
N HIS J 71 49.83 -25.26 2.05
CA HIS J 71 49.23 -25.00 0.74
C HIS J 71 50.07 -25.75 -0.31
N ALA J 72 49.41 -26.57 -1.12
CA ALA J 72 50.11 -27.45 -2.03
C ALA J 72 50.60 -26.72 -3.28
N ASP J 73 49.88 -25.68 -3.68
CA ASP J 73 50.21 -24.97 -4.92
C ASP J 73 50.17 -23.46 -4.79
N THR J 74 50.17 -22.97 -3.55
CA THR J 74 50.01 -21.55 -3.28
C THR J 74 51.18 -21.00 -2.46
N TYR J 75 51.71 -19.84 -2.88
CA TYR J 75 52.73 -19.13 -2.13
C TYR J 75 52.06 -18.01 -1.35
N GLU J 76 52.53 -17.74 -0.13
CA GLU J 76 51.92 -16.67 0.68
C GLU J 76 52.89 -15.64 1.22
N VAL J 77 52.48 -14.38 1.09
CA VAL J 77 53.16 -13.21 1.69
C VAL J 77 52.50 -12.77 2.98
N PHE J 78 53.33 -12.47 3.99
CA PHE J 78 52.91 -11.79 5.21
C PHE J 78 53.67 -10.47 5.32
N TYR J 79 52.98 -9.35 5.15
CA TYR J 79 53.64 -8.06 5.27
C TYR J 79 52.92 -7.29 6.36
N ILE J 80 53.60 -7.03 7.47
CA ILE J 80 52.90 -6.52 8.66
C ILE J 80 52.71 -5.01 8.52
N THR J 81 51.50 -4.51 8.76
CA THR J 81 51.28 -3.05 8.69
C THR J 81 50.90 -2.43 10.02
N GLN J 82 50.36 -3.22 10.94
CA GLN J 82 49.97 -2.74 12.26
CA GLN J 82 49.94 -2.75 12.26
C GLN J 82 50.27 -3.79 13.31
N GLY J 83 50.58 -3.34 14.52
CA GLY J 83 50.83 -4.26 15.62
C GLY J 83 52.09 -5.11 15.49
N ALA J 84 51.99 -6.36 15.91
CA ALA J 84 53.12 -7.27 15.84
C ALA J 84 52.61 -8.69 15.67
N VAL J 85 53.16 -9.42 14.70
CA VAL J 85 52.64 -10.74 14.37
C VAL J 85 53.78 -11.76 14.33
N ARG J 86 53.64 -12.83 15.10
CA ARG J 86 54.66 -13.87 15.14
C ARG J 86 54.31 -14.93 14.10
N LEU J 87 55.23 -15.15 13.17
CA LEU J 87 55.02 -16.07 12.07
C LEU J 87 55.83 -17.35 12.26
N PHE J 88 55.15 -18.49 12.18
CA PHE J 88 55.80 -19.79 12.36
C PHE J 88 55.84 -20.52 11.03
N VAL J 89 57.00 -21.06 10.67
CA VAL J 89 57.09 -21.79 9.42
C VAL J 89 58.09 -22.92 9.53
N GLU J 90 57.73 -24.05 8.94
CA GLU J 90 58.61 -25.20 8.88
C GLU J 90 59.00 -25.43 7.42
N ASP J 91 60.31 -25.54 7.17
CA ASP J 91 60.79 -25.64 5.80
C ASP J 91 60.59 -27.05 5.28
N LEU J 92 60.92 -27.29 4.02
CA LEU J 92 60.69 -28.59 3.40
C LEU J 92 61.52 -29.71 4.04
N GLU J 93 62.62 -29.34 4.70
CA GLU J 93 63.50 -30.33 5.33
C GLU J 93 63.19 -30.47 6.81
N GLY J 94 62.05 -29.93 7.23
CA GLY J 94 61.52 -30.18 8.55
C GLY J 94 61.97 -29.23 9.65
N GLU J 95 62.82 -28.27 9.32
CA GLU J 95 63.30 -27.32 10.31
C GLU J 95 62.28 -26.21 10.49
N GLN J 96 61.96 -25.91 11.75
CA GLN J 96 60.99 -24.87 12.08
C GLN J 96 61.65 -23.54 12.39
N HIS J 97 60.98 -22.44 12.03
CA HIS J 97 61.48 -21.12 12.31
C HIS J 97 60.35 -20.24 12.85
N GLU J 98 60.69 -19.29 13.70
CA GLU J 98 59.69 -18.33 14.18
C GLU J 98 60.30 -16.94 14.18
N LYS J 99 59.48 -15.92 13.95
CA LYS J 99 59.95 -14.56 13.99
C LYS J 99 58.80 -13.61 14.28
N LEU J 100 59.03 -12.68 15.20
CA LEU J 100 58.07 -11.61 15.48
C LEU J 100 58.24 -10.54 14.43
N LEU J 101 57.22 -10.37 13.60
CA LEU J 101 57.28 -9.42 12.50
C LEU J 101 56.56 -8.16 12.95
N THR J 102 57.23 -7.03 12.82
CA THR J 102 56.69 -5.72 13.23
C THR J 102 56.39 -4.93 11.94
N PRO J 103 55.71 -3.76 12.03
CA PRO J 103 55.27 -3.16 10.77
C PRO J 103 56.39 -2.78 9.79
N GLY J 104 56.23 -3.23 8.55
CA GLY J 104 57.26 -3.01 7.55
C GLY J 104 58.10 -4.27 7.37
N ASP J 105 57.98 -5.22 8.30
CA ASP J 105 58.67 -6.50 8.17
C ASP J 105 57.88 -7.44 7.25
N PHE J 106 58.55 -8.48 6.77
CA PHE J 106 58.07 -9.30 5.69
C PHE J 106 58.35 -10.76 5.97
N GLY J 107 57.35 -11.61 5.76
CA GLY J 107 57.58 -13.05 5.77
C GLY J 107 57.05 -13.74 4.52
N PHE J 108 57.73 -14.80 4.10
CA PHE J 108 57.33 -15.52 2.89
C PHE J 108 57.26 -17.02 3.12
N VAL J 109 56.13 -17.61 2.77
CA VAL J 109 55.92 -19.04 2.97
C VAL J 109 55.67 -19.71 1.64
N PRO J 110 56.64 -20.50 1.16
CA PRO J 110 56.45 -21.22 -0.11
C PRO J 110 55.45 -22.36 0.04
N LYS J 111 55.00 -22.89 -1.09
CA LYS J 111 54.08 -24.01 -1.06
C LYS J 111 54.69 -25.20 -0.31
N ASN J 112 53.81 -26.02 0.25
CA ASN J 112 54.16 -27.26 0.96
C ASN J 112 54.87 -27.01 2.29
N CYS J 113 55.02 -25.74 2.68
CA CYS J 113 55.56 -25.47 4.00
C CYS J 113 54.44 -25.21 4.98
N VAL J 114 54.46 -25.94 6.10
CA VAL J 114 53.45 -25.73 7.12
C VAL J 114 53.79 -24.45 7.84
N HIS J 115 52.75 -23.70 8.19
CA HIS J 115 52.95 -22.39 8.79
C HIS J 115 51.76 -22.03 9.66
N ALA J 116 51.92 -20.96 10.42
CA ALA J 116 50.90 -20.48 11.33
C ALA J 116 51.34 -19.11 11.79
N TYR J 117 50.41 -18.29 12.24
CA TYR J 117 50.76 -16.99 12.78
C TYR J 117 50.03 -16.75 14.08
N ARG J 118 50.48 -15.76 14.82
CA ARG J 118 49.83 -15.37 16.07
C ARG J 118 49.92 -13.86 16.23
N MET J 119 48.78 -13.22 16.39
CA MET J 119 48.81 -11.78 16.60
C MET J 119 49.12 -11.46 18.04
N GLU J 120 50.14 -10.63 18.26
CA GLU J 120 50.60 -10.38 19.62
C GLU J 120 50.39 -8.92 20.09
N ARG J 121 49.67 -8.13 19.30
CA ARG J 121 49.13 -6.83 19.75
C ARG J 121 47.67 -6.74 19.36
N HIS J 122 46.86 -6.02 20.13
CA HIS J 122 45.47 -5.80 19.72
C HIS J 122 45.37 -5.09 18.38
N HIS J 123 44.51 -5.63 17.52
CA HIS J 123 44.27 -5.08 16.19
C HIS J 123 45.56 -5.00 15.37
N SER J 124 46.27 -6.11 15.29
CA SER J 124 47.42 -6.18 14.37
C SER J 124 46.86 -6.32 12.97
N GLN J 125 47.68 -6.04 11.96
CA GLN J 125 47.22 -6.14 10.59
C GLN J 125 48.33 -6.61 9.67
N VAL J 126 47.97 -7.50 8.76
CA VAL J 126 48.90 -8.14 7.82
C VAL J 126 48.38 -7.91 6.42
N VAL J 127 49.27 -7.51 5.52
CA VAL J 127 48.92 -7.48 4.11
C VAL J 127 49.32 -8.82 3.54
N GLY J 128 48.46 -9.44 2.75
CA GLY J 128 48.74 -10.75 2.19
C GLY J 128 48.52 -10.85 0.69
N VAL J 129 49.32 -11.70 0.07
CA VAL J 129 49.08 -12.19 -1.27
C VAL J 129 49.16 -13.70 -1.15
N ALA J 130 48.22 -14.41 -1.77
CA ALA J 130 48.16 -15.86 -1.67
C ALA J 130 47.78 -16.43 -3.01
N ALA J 131 48.78 -16.77 -3.83
CA ALA J 131 48.50 -17.28 -5.16
C ALA J 131 49.58 -18.28 -5.61
N GLY J 132 49.33 -18.90 -6.76
CA GLY J 132 50.30 -19.81 -7.32
C GLY J 132 49.81 -20.30 -8.66
N PRO J 133 50.50 -21.29 -9.23
CA PRO J 133 50.13 -21.82 -10.55
C PRO J 133 48.69 -22.32 -10.56
N GLY J 134 48.17 -22.74 -9.42
CA GLY J 134 46.80 -23.21 -9.33
C GLY J 134 45.73 -22.13 -9.18
N GLY J 135 46.12 -20.87 -9.23
CA GLY J 135 45.14 -19.79 -9.08
C GLY J 135 45.28 -19.05 -7.77
N THR J 136 44.18 -18.44 -7.32
CA THR J 136 44.24 -17.53 -6.18
C THR J 136 43.29 -17.98 -5.05
N PHE J 137 43.62 -17.59 -3.83
CA PHE J 137 43.20 -18.28 -2.62
C PHE J 137 42.15 -17.51 -1.80
N GLU J 138 41.85 -16.28 -2.21
CA GLU J 138 41.26 -15.31 -1.31
C GLU J 138 39.83 -15.62 -0.85
N ARG J 139 39.08 -16.42 -1.60
CA ARG J 139 37.70 -16.70 -1.16
C ARG J 139 37.65 -17.86 -0.15
N PHE J 140 38.81 -18.43 0.15
CA PHE J 140 38.90 -19.40 1.24
C PHE J 140 38.30 -18.86 2.54
N PHE J 141 38.70 -17.65 2.92
CA PHE J 141 38.35 -17.10 4.23
C PHE J 141 36.85 -17.03 4.48
N GLU J 142 36.08 -16.63 3.46
CA GLU J 142 34.64 -16.50 3.64
C GLU J 142 33.93 -17.84 3.50
N SER J 143 34.66 -18.84 3.00
CA SER J 143 34.10 -20.18 2.86
C SER J 143 34.26 -20.96 4.15
N LEU J 144 35.44 -20.93 4.73
CA LEU J 144 35.65 -21.55 6.02
C LEU J 144 34.96 -20.72 7.11
N GLY J 145 35.18 -19.41 7.04
CA GLY J 145 34.54 -18.49 7.97
C GLY J 145 33.22 -18.05 7.42
N THR J 146 33.02 -16.74 7.31
CA THR J 146 31.77 -16.22 6.79
C THR J 146 32.01 -14.90 6.10
N PRO J 147 31.26 -14.60 5.04
CA PRO J 147 31.27 -13.22 4.53
C PRO J 147 30.63 -12.28 5.55
N ALA J 148 31.01 -11.01 5.55
CA ALA J 148 30.43 -10.06 6.50
C ALA J 148 30.10 -8.72 5.84
N GLU J 149 28.91 -8.20 6.10
CA GLU J 149 28.56 -6.87 5.62
C GLU J 149 29.04 -5.78 6.57
N GLU J 150 29.11 -6.09 7.86
CA GLU J 150 29.54 -5.12 8.87
C GLU J 150 30.96 -4.64 8.61
N LEU J 151 31.28 -3.47 9.14
CA LEU J 151 32.66 -3.01 9.18
C LEU J 151 33.27 -3.42 10.51
N GLY J 152 34.59 -3.50 10.58
CA GLY J 152 35.26 -3.61 11.87
C GLY J 152 35.59 -5.05 12.22
N LEU J 153 36.31 -5.23 13.33
CA LEU J 153 36.63 -6.57 13.82
C LEU J 153 35.33 -7.25 14.22
N PRO J 154 35.25 -8.57 14.10
CA PRO J 154 34.06 -9.24 14.63
C PRO J 154 33.93 -9.05 16.12
N VAL J 155 32.71 -8.73 16.56
CA VAL J 155 32.40 -8.58 17.98
C VAL J 155 32.74 -9.87 18.69
N ARG J 156 32.36 -10.96 18.04
CA ARG J 156 32.55 -12.31 18.55
C ARG J 156 33.24 -13.08 17.47
N PRO J 157 34.12 -14.01 17.84
CA PRO J 157 34.82 -14.81 16.83
C PRO J 157 33.85 -15.69 16.04
N PHE J 158 33.98 -15.74 14.71
CA PHE J 158 33.19 -16.69 13.94
C PHE J 158 33.89 -18.04 13.93
N VAL J 159 33.32 -18.97 14.70
CA VAL J 159 33.90 -20.29 14.87
C VAL J 159 33.23 -21.29 13.92
N PRO J 160 33.97 -21.75 12.91
CA PRO J 160 33.38 -22.55 11.83
C PRO J 160 32.90 -23.91 12.30
N GLU J 161 31.77 -24.38 11.78
CA GLU J 161 31.32 -25.75 12.03
C GLU J 161 32.42 -26.74 11.66
N PRO J 162 32.56 -27.82 12.43
CA PRO J 162 33.58 -28.84 12.20
C PRO J 162 33.57 -29.36 10.76
N GLU J 163 32.39 -29.49 10.17
CA GLU J 163 32.21 -29.96 8.80
C GLU J 163 33.00 -29.14 7.78
N LYS J 164 33.00 -27.82 7.93
CA LYS J 164 33.61 -26.93 6.95
C LYS J 164 35.12 -27.17 6.89
N PHE J 165 35.71 -27.52 8.02
CA PHE J 165 37.12 -27.89 8.08
C PHE J 165 37.47 -29.10 7.19
N ARG J 166 36.46 -29.83 6.74
CA ARG J 166 36.74 -30.99 5.90
C ARG J 166 36.27 -30.80 4.46
N THR J 167 35.29 -29.93 4.23
CA THR J 167 34.79 -29.69 2.88
C THR J 167 35.54 -28.55 2.18
N VAL J 168 35.99 -27.55 2.95
CA VAL J 168 36.76 -26.44 2.39
C VAL J 168 38.04 -26.89 1.65
N PRO J 169 38.83 -27.83 2.23
CA PRO J 169 40.03 -28.26 1.49
C PRO J 169 39.70 -28.84 0.11
N GLU J 170 38.47 -29.32 -0.06
CA GLU J 170 38.04 -29.87 -1.33
C GLU J 170 37.83 -28.77 -2.37
N GLN J 171 37.75 -27.52 -1.93
CA GLN J 171 37.51 -26.42 -2.85
C GLN J 171 38.67 -25.42 -2.91
N TYR J 172 39.44 -25.34 -1.83
CA TYR J 172 40.54 -24.37 -1.74
C TYR J 172 41.83 -25.07 -1.35
N ASP J 173 42.94 -24.56 -1.87
CA ASP J 173 44.24 -25.19 -1.69
C ASP J 173 44.76 -25.02 -0.27
N VAL J 174 44.22 -25.79 0.66
CA VAL J 174 44.68 -25.73 2.04
C VAL J 174 44.57 -27.11 2.67
N ARG J 175 45.59 -27.48 3.41
CA ARG J 175 45.64 -28.77 4.09
C ARG J 175 45.96 -28.49 5.55
N PHE J 176 45.03 -28.85 6.43
CA PHE J 176 45.21 -28.58 7.85
C PHE J 176 46.05 -29.65 8.52
N ARG J 177 46.90 -29.22 9.45
CA ARG J 177 47.77 -30.15 10.16
C ARG J 177 47.46 -30.03 11.65
N PRO J 178 46.34 -30.65 12.08
CA PRO J 178 45.74 -30.53 13.41
C PRO J 178 46.74 -30.53 14.56
N ASP J 179 47.31 -31.67 14.91
CA ASP J 179 48.27 -31.69 16.02
C ASP J 179 49.72 -31.63 15.52
N HIS J 180 49.97 -30.76 14.55
CA HIS J 180 51.33 -30.32 14.27
C HIS J 180 51.81 -29.61 15.52
N GLN J 181 53.09 -29.77 15.85
CA GLN J 181 53.61 -29.13 17.06
C GLN J 181 54.76 -28.16 16.73
N TRP J 182 54.68 -26.94 17.24
CA TRP J 182 55.78 -25.99 17.08
C TRP J 182 56.73 -26.12 18.26
N HIS J 183 57.99 -26.45 17.98
CA HIS J 183 58.96 -26.63 19.05
C HIS J 183 59.93 -25.44 19.17
N THR J 184 59.65 -24.35 18.46
CA THR J 184 60.35 -23.10 18.72
C THR J 184 59.60 -22.33 19.79
N GLY J 185 58.42 -22.82 20.17
CA GLY J 185 57.58 -22.20 21.17
C GLY J 185 56.16 -22.71 21.13
N ILE K 3 -11.39 -26.42 25.30
CA ILE K 3 -12.37 -27.02 26.17
C ILE K 3 -12.47 -26.27 27.51
N GLU K 4 -13.70 -26.01 27.95
CA GLU K 4 -13.94 -25.16 29.11
C GLU K 4 -13.95 -25.96 30.41
N TYR K 5 -13.29 -25.45 31.44
CA TYR K 5 -13.29 -26.06 32.76
C TYR K 5 -14.13 -25.25 33.71
N ALA K 6 -14.52 -25.86 34.82
CA ALA K 6 -15.06 -25.13 35.95
C ALA K 6 -13.94 -24.98 36.97
N THR K 7 -13.78 -23.79 37.53
CA THR K 7 -12.74 -23.56 38.53
C THR K 7 -13.32 -22.85 39.74
N ARG K 8 -12.49 -22.61 40.75
CA ARG K 8 -12.93 -21.88 41.93
C ARG K 8 -13.27 -20.43 41.59
N HIS K 9 -12.82 -19.96 40.43
CA HIS K 9 -13.03 -18.57 40.03
C HIS K 9 -14.13 -18.36 38.99
N ARG K 10 -14.37 -19.37 38.15
CA ARG K 10 -15.36 -19.28 37.07
C ARG K 10 -16.08 -20.60 36.80
N ALA K 11 -17.37 -20.54 36.53
CA ALA K 11 -18.10 -21.71 36.07
C ALA K 11 -17.59 -22.14 34.69
N ARG K 12 -17.12 -21.16 33.93
CA ARG K 12 -16.57 -21.41 32.59
C ARG K 12 -15.21 -20.71 32.50
N SER K 13 -14.15 -21.49 32.30
CA SER K 13 -12.78 -20.94 32.18
C SER K 13 -11.94 -21.79 31.26
N PHE K 14 -10.89 -21.20 30.67
CA PHE K 14 -9.94 -21.99 29.88
C PHE K 14 -8.66 -22.23 30.68
N ILE K 15 -8.65 -21.75 31.91
CA ILE K 15 -7.59 -22.14 32.85
C ILE K 15 -7.98 -23.41 33.60
N PRO K 16 -7.16 -24.47 33.50
CA PRO K 16 -7.45 -25.72 34.25
C PRO K 16 -7.45 -25.50 35.76
N PRO K 17 -8.32 -26.20 36.50
CA PRO K 17 -8.36 -26.06 37.96
C PRO K 17 -7.17 -26.71 38.65
N GLU K 18 -6.54 -27.71 38.03
CA GLU K 18 -5.49 -28.43 38.72
C GLU K 18 -4.11 -27.99 38.27
N PRO K 19 -3.20 -27.79 39.24
CA PRO K 19 -1.84 -27.34 38.92
C PRO K 19 -1.05 -28.40 38.15
N GLY K 20 0.00 -27.96 37.45
CA GLY K 20 0.90 -28.84 36.72
C GLY K 20 0.39 -29.27 35.35
N LYS K 21 -0.71 -28.67 34.91
CA LYS K 21 -1.30 -28.97 33.61
C LYS K 21 -0.93 -27.88 32.61
N PRO K 22 -0.33 -28.28 31.48
CA PRO K 22 -0.11 -27.29 30.41
C PRO K 22 -1.40 -26.94 29.72
N TYR K 23 -1.51 -25.73 29.21
CA TYR K 23 -2.71 -25.34 28.52
C TYR K 23 -2.43 -24.20 27.58
N PHE K 24 -3.31 -24.04 26.60
CA PHE K 24 -3.28 -22.91 25.68
C PHE K 24 -4.57 -22.12 25.82
N ILE K 25 -4.52 -20.81 25.60
CA ILE K 25 -5.74 -20.00 25.55
C ILE K 25 -5.65 -19.07 24.36
N GLU K 26 -6.67 -19.06 23.52
CA GLU K 26 -6.69 -18.14 22.37
C GLU K 26 -6.91 -16.73 22.85
N LYS K 27 -6.42 -15.77 22.06
CA LYS K 27 -6.59 -14.33 22.30
C LYS K 27 -7.96 -13.95 22.88
N GLY K 28 -7.94 -13.33 24.05
CA GLY K 28 -9.15 -12.79 24.62
C GLY K 28 -9.93 -13.71 25.54
N LEU K 29 -9.58 -14.99 25.62
CA LEU K 29 -10.42 -15.96 26.36
C LEU K 29 -9.92 -16.35 27.76
N GLY K 30 -8.98 -15.59 28.32
CA GLY K 30 -8.60 -15.77 29.71
C GLY K 30 -9.79 -15.36 30.59
N ASP K 31 -9.69 -15.46 31.91
CA ASP K 31 -10.79 -15.04 32.79
C ASP K 31 -10.92 -13.52 32.68
N ARG K 32 -12.16 -13.03 32.53
CA ARG K 32 -12.34 -11.61 32.29
C ARG K 32 -12.97 -10.87 33.46
N ALA K 33 -12.58 -9.61 33.58
CA ALA K 33 -13.14 -8.74 34.61
C ALA K 33 -13.27 -7.33 34.04
N HIS K 34 -14.24 -6.59 34.55
CA HIS K 34 -14.45 -5.19 34.19
C HIS K 34 -14.14 -4.32 35.39
N LEU K 35 -13.47 -3.20 35.14
CA LEU K 35 -13.20 -2.24 36.19
C LEU K 35 -13.12 -0.87 35.55
N PHE K 36 -14.07 0.00 35.89
CA PHE K 36 -14.32 1.24 35.15
C PHE K 36 -14.50 0.85 33.68
N GLY K 37 -13.79 1.53 32.80
CA GLY K 37 -13.94 1.26 31.38
C GLY K 37 -13.04 0.15 30.87
N ASP K 38 -12.20 -0.42 31.75
CA ASP K 38 -11.19 -1.38 31.31
C ASP K 38 -11.61 -2.83 31.44
N LEU K 39 -11.05 -3.64 30.55
CA LEU K 39 -11.23 -5.08 30.57
C LEU K 39 -9.92 -5.72 30.98
N ILE K 40 -9.99 -6.56 32.00
CA ILE K 40 -8.82 -7.28 32.45
C ILE K 40 -9.01 -8.76 32.11
N THR K 41 -7.99 -9.37 31.50
CA THR K 41 -8.10 -10.76 31.07
C THR K 41 -6.97 -11.53 31.70
N ILE K 42 -7.28 -12.56 32.48
CA ILE K 42 -6.24 -13.29 33.23
C ILE K 42 -5.89 -14.59 32.53
N TYR K 43 -4.61 -14.81 32.24
CA TYR K 43 -4.26 -16.02 31.50
C TYR K 43 -3.65 -17.06 32.40
N ALA K 44 -3.00 -16.60 33.48
CA ALA K 44 -2.44 -17.48 34.50
C ALA K 44 -2.52 -16.75 35.83
N GLY K 45 -2.82 -17.49 36.89
CA GLY K 45 -2.87 -16.90 38.22
C GLY K 45 -1.95 -17.62 39.17
N GLY K 46 -2.04 -17.26 40.44
CA GLY K 46 -1.23 -17.86 41.49
C GLY K 46 -1.35 -19.37 41.57
N GLU K 47 -2.54 -19.89 41.25
CA GLU K 47 -2.77 -21.34 41.32
C GLU K 47 -1.97 -22.10 40.26
N GLN K 48 -1.51 -21.42 39.21
CA GLN K 48 -0.74 -22.08 38.16
C GLN K 48 0.76 -22.13 38.44
N THR K 49 1.24 -21.25 39.32
CA THR K 49 2.68 -20.99 39.51
C THR K 49 3.17 -21.11 40.96
N GLU K 50 2.49 -21.91 41.77
CA GLU K 50 2.80 -21.98 43.21
C GLU K 50 2.86 -20.58 43.80
N ASN K 51 1.91 -19.76 43.38
CA ASN K 51 1.73 -18.39 43.83
C ASN K 51 2.98 -17.55 43.70
N THR K 52 3.70 -17.77 42.61
CA THR K 52 4.90 -17.01 42.32
C THR K 52 4.60 -15.80 41.42
N PHE K 53 3.85 -16.00 40.34
CA PHE K 53 3.54 -14.88 39.45
C PHE K 53 2.23 -15.11 38.72
N ASN K 54 1.85 -14.12 37.92
CA ASN K 54 0.62 -14.22 37.15
C ASN K 54 0.88 -13.65 35.78
N PHE K 55 -0.15 -13.62 34.95
CA PHE K 55 -0.02 -13.03 33.62
C PHE K 55 -1.38 -12.56 33.15
N PHE K 56 -1.51 -11.26 32.86
CA PHE K 56 -2.82 -10.75 32.45
C PHE K 56 -2.66 -9.62 31.49
N THR K 57 -3.78 -9.24 30.88
CA THR K 57 -3.77 -8.06 30.09
C THR K 57 -4.83 -7.11 30.61
N CYS K 58 -4.65 -5.86 30.23
CA CYS K 58 -5.57 -4.81 30.60
C CYS K 58 -5.76 -3.95 29.36
N GLU K 59 -7.01 -3.75 28.96
CA GLU K 59 -7.30 -2.96 27.76
C GLU K 59 -8.51 -2.08 27.95
N GLY K 60 -8.53 -0.94 27.27
CA GLY K 60 -9.62 0.00 27.50
C GLY K 60 -9.67 1.17 26.55
N PRO K 61 -10.73 1.99 26.68
CA PRO K 61 -10.89 3.16 25.84
C PRO K 61 -9.92 4.25 26.24
N LYS K 62 -9.85 5.27 25.41
CA LYS K 62 -9.12 6.48 25.71
C LYS K 62 -9.82 7.08 26.93
N GLY K 63 -9.08 7.35 27.99
CA GLY K 63 -9.71 7.81 29.21
C GLY K 63 -8.79 8.63 30.08
N GLU K 64 -9.21 8.85 31.32
CA GLU K 64 -8.41 9.62 32.27
C GLU K 64 -7.57 8.68 33.15
N VAL K 65 -6.67 9.27 33.94
CA VAL K 65 -5.85 8.50 34.88
C VAL K 65 -6.70 7.61 35.80
N ILE K 66 -6.26 6.38 36.00
CA ILE K 66 -6.90 5.53 36.99
C ILE K 66 -6.53 6.06 38.37
N PRO K 67 -7.21 5.59 39.43
CA PRO K 67 -6.81 6.11 40.75
C PRO K 67 -5.34 5.85 41.11
N ALA K 68 -4.64 6.88 41.61
CA ALA K 68 -3.29 6.71 42.13
C ALA K 68 -3.28 5.72 43.27
N HIS K 69 -2.31 4.80 43.29
CA HIS K 69 -2.27 3.77 44.32
C HIS K 69 -0.87 3.22 44.51
N SER K 70 -0.69 2.43 45.56
CA SER K 70 0.54 1.70 45.77
C SER K 70 0.28 0.26 46.22
N HIS K 71 1.31 -0.57 46.11
CA HIS K 71 1.27 -1.94 46.61
C HIS K 71 2.47 -2.11 47.52
N ALA K 72 2.25 -2.69 48.70
CA ALA K 72 3.29 -2.80 49.71
C ALA K 72 4.24 -3.97 49.50
N ASP K 73 3.75 -5.02 48.83
CA ASP K 73 4.52 -6.26 48.71
C ASP K 73 4.57 -6.79 47.29
N THR K 74 4.04 -6.01 46.36
CA THR K 74 3.81 -6.48 45.00
C THR K 74 4.53 -5.60 43.98
N TYR K 75 5.20 -6.24 43.01
CA TYR K 75 5.88 -5.53 41.92
C TYR K 75 5.06 -5.66 40.65
N GLU K 76 5.06 -4.63 39.80
CA GLU K 76 4.21 -4.58 38.61
C GLU K 76 4.95 -4.23 37.33
N VAL K 77 4.65 -5.01 36.30
CA VAL K 77 5.06 -4.75 34.92
C VAL K 77 3.95 -4.10 34.12
N PHE K 78 4.32 -3.11 33.30
CA PHE K 78 3.46 -2.56 32.24
C PHE K 78 4.16 -2.71 30.91
N TYR K 79 3.67 -3.62 30.08
CA TYR K 79 4.31 -3.80 28.75
C TYR K 79 3.28 -3.55 27.70
N ILE K 80 3.47 -2.50 26.91
CA ILE K 80 2.38 -2.05 26.05
C ILE K 80 2.32 -2.91 24.78
N THR K 81 1.12 -3.36 24.41
CA THR K 81 0.97 -4.14 23.17
C THR K 81 0.08 -3.47 22.13
N GLN K 82 -0.79 -2.57 22.56
CA GLN K 82 -1.61 -1.77 21.62
C GLN K 82 -1.79 -0.35 22.10
N GLY K 83 -1.96 0.55 21.14
CA GLY K 83 -2.24 1.94 21.44
C GLY K 83 -1.06 2.62 22.12
N ALA K 84 -1.37 3.41 23.13
CA ALA K 84 -0.36 4.24 23.79
C ALA K 84 -0.82 4.52 25.20
N VAL K 85 0.03 4.26 26.18
CA VAL K 85 -0.40 4.35 27.56
C VAL K 85 0.60 5.18 28.31
N ARG K 86 0.14 6.24 28.97
CA ARG K 86 1.03 7.08 29.76
C ARG K 86 1.09 6.57 31.20
N LEU K 87 2.29 6.21 31.65
CA LEU K 87 2.51 5.72 33.00
C LEU K 87 3.11 6.80 33.88
N PHE K 88 2.54 6.97 35.07
CA PHE K 88 2.99 7.94 36.08
C PHE K 88 3.53 7.16 37.25
N VAL K 89 4.69 7.56 37.76
CA VAL K 89 5.21 6.88 38.92
C VAL K 89 6.05 7.83 39.76
N GLU K 90 5.90 7.68 41.07
CA GLU K 90 6.66 8.45 42.02
C GLU K 90 7.58 7.47 42.74
N ASP K 91 8.87 7.75 42.76
CA ASP K 91 9.79 6.79 43.36
C ASP K 91 9.83 6.98 44.86
N LEU K 92 10.70 6.23 45.54
CA LEU K 92 10.70 6.21 46.99
C LEU K 92 11.20 7.52 47.59
N GLU K 93 11.82 8.35 46.77
CA GLU K 93 12.33 9.64 47.23
C GLU K 93 11.35 10.77 46.95
N GLY K 94 10.25 10.45 46.28
CA GLY K 94 9.21 11.43 46.03
C GLY K 94 9.22 12.16 44.69
N GLU K 95 10.18 11.84 43.82
CA GLU K 95 10.20 12.51 42.52
C GLU K 95 9.33 11.75 41.52
N GLN K 96 8.55 12.51 40.77
CA GLN K 96 7.57 11.90 39.87
C GLN K 96 8.10 11.79 38.46
N HIS K 97 7.68 10.73 37.79
CA HIS K 97 8.09 10.48 36.43
C HIS K 97 6.90 10.08 35.60
N GLU K 98 6.85 10.56 34.36
CA GLU K 98 5.85 10.09 33.42
C GLU K 98 6.51 9.70 32.10
N LYS K 99 5.90 8.77 31.41
CA LYS K 99 6.34 8.48 30.04
C LYS K 99 5.19 7.94 29.24
N LEU K 100 5.10 8.40 27.99
CA LEU K 100 4.16 7.79 27.07
C LEU K 100 4.79 6.50 26.55
N LEU K 101 4.17 5.37 26.88
CA LEU K 101 4.68 4.08 26.43
C LEU K 101 3.91 3.61 25.23
N THR K 102 4.64 3.30 24.16
CA THR K 102 4.04 2.80 22.93
C THR K 102 4.26 1.27 22.81
N PRO K 103 3.62 0.57 21.85
CA PRO K 103 3.76 -0.89 21.87
C PRO K 103 5.20 -1.41 21.77
N GLY K 104 5.54 -2.30 22.69
CA GLY K 104 6.91 -2.76 22.81
C GLY K 104 7.70 -2.06 23.90
N ASP K 105 7.21 -0.90 24.38
CA ASP K 105 7.84 -0.19 25.50
C ASP K 105 7.43 -0.81 26.83
N PHE K 106 8.25 -0.58 27.85
CA PHE K 106 8.14 -1.30 29.12
C PHE K 106 8.23 -0.35 30.30
N GLY K 107 7.34 -0.52 31.28
CA GLY K 107 7.48 0.22 32.52
C GLY K 107 7.43 -0.71 33.71
N PHE K 108 8.19 -0.36 34.76
CA PHE K 108 8.29 -1.19 35.95
C PHE K 108 8.01 -0.35 37.19
N VAL K 109 7.06 -0.80 38.00
CA VAL K 109 6.71 -0.12 39.24
C VAL K 109 7.00 -1.02 40.44
N PRO K 110 8.08 -0.70 41.18
CA PRO K 110 8.41 -1.53 42.34
C PRO K 110 7.45 -1.24 43.50
N LYS K 111 7.40 -2.16 44.46
CA LYS K 111 6.55 -1.98 45.62
C LYS K 111 6.79 -0.63 46.29
N ASN K 112 5.72 -0.11 46.89
CA ASN K 112 5.70 1.12 47.69
C ASN K 112 5.84 2.38 46.84
N CYS K 113 5.83 2.23 45.52
CA CYS K 113 5.84 3.39 44.65
C CYS K 113 4.43 3.74 44.18
N VAL K 114 4.06 5.00 44.37
CA VAL K 114 2.75 5.45 43.94
C VAL K 114 2.71 5.57 42.43
N HIS K 115 1.71 4.94 41.81
CA HIS K 115 1.66 4.94 40.36
C HIS K 115 0.21 5.09 39.85
N ALA K 116 0.11 5.42 38.57
CA ALA K 116 -1.17 5.48 37.87
C ALA K 116 -0.91 5.43 36.37
N TYR K 117 -1.93 5.09 35.59
CA TYR K 117 -1.76 5.14 34.15
C TYR K 117 -2.95 5.80 33.48
N ARG K 118 -2.75 6.17 32.21
CA ARG K 118 -3.81 6.76 31.43
C ARG K 118 -3.73 6.20 30.01
N MET K 119 -4.84 5.68 29.53
CA MET K 119 -4.85 5.18 28.15
C MET K 119 -5.12 6.33 27.18
N GLU K 120 -4.24 6.52 26.20
CA GLU K 120 -4.33 7.70 25.35
C GLU K 120 -4.66 7.37 23.89
N ARG K 121 -4.99 6.11 23.64
CA ARG K 121 -5.58 5.69 22.36
C ARG K 121 -6.74 4.77 22.66
N HIS K 122 -7.73 4.74 21.78
CA HIS K 122 -8.85 3.84 22.04
CA HIS K 122 -8.88 3.82 21.96
C HIS K 122 -8.41 2.39 21.86
N HIS K 123 -8.83 1.57 22.80
CA HIS K 123 -8.48 0.16 22.86
C HIS K 123 -6.98 -0.02 22.90
N SER K 124 -6.34 0.71 23.81
CA SER K 124 -4.94 0.43 24.16
C SER K 124 -4.93 -0.86 24.96
N GLN K 125 -3.77 -1.50 25.06
CA GLN K 125 -3.65 -2.77 25.78
C GLN K 125 -2.28 -2.86 26.43
N VAL K 126 -2.28 -3.35 27.67
CA VAL K 126 -1.09 -3.51 28.50
C VAL K 126 -0.99 -4.97 28.89
N VAL K 127 0.21 -5.54 28.81
CA VAL K 127 0.45 -6.85 29.39
C VAL K 127 1.00 -6.58 30.77
N GLY K 128 0.49 -7.28 31.77
CA GLY K 128 0.94 -7.04 33.13
C GLY K 128 1.34 -8.30 33.87
N VAL K 129 2.25 -8.13 34.82
CA VAL K 129 2.50 -9.15 35.84
C VAL K 129 2.43 -8.38 37.12
N ALA K 130 1.82 -8.95 38.15
CA ALA K 130 1.68 -8.26 39.42
C ALA K 130 1.85 -9.26 40.54
N ALA K 131 3.03 -9.29 41.14
CA ALA K 131 3.34 -10.33 42.12
C ALA K 131 4.51 -9.93 43.01
N GLY K 132 4.73 -10.73 44.04
CA GLY K 132 5.90 -10.49 44.89
C GLY K 132 5.90 -11.46 46.04
N PRO K 133 6.70 -11.18 47.06
CA PRO K 133 6.82 -12.03 48.26
C PRO K 133 5.46 -12.37 48.85
N GLY K 134 4.53 -11.43 48.80
CA GLY K 134 3.22 -11.60 49.37
C GLY K 134 2.27 -12.52 48.62
N GLY K 135 2.54 -12.77 47.34
CA GLY K 135 1.67 -13.61 46.54
C GLY K 135 1.27 -12.86 45.29
N THR K 136 0.22 -13.31 44.61
CA THR K 136 -0.13 -12.72 43.32
C THR K 136 -1.46 -11.95 43.40
N PHE K 137 -1.58 -10.95 42.55
CA PHE K 137 -2.54 -9.85 42.68
C PHE K 137 -3.77 -9.96 41.79
N GLU K 138 -3.81 -10.98 40.95
CA GLU K 138 -4.68 -10.91 39.77
C GLU K 138 -6.19 -10.89 40.07
N ARG K 139 -6.63 -11.43 41.21
CA ARG K 139 -8.07 -11.47 41.46
C ARG K 139 -8.56 -10.16 42.09
N PHE K 140 -7.64 -9.22 42.29
CA PHE K 140 -8.01 -7.85 42.67
C PHE K 140 -9.08 -7.25 41.75
N PHE K 141 -8.83 -7.33 40.44
CA PHE K 141 -9.65 -6.60 39.47
C PHE K 141 -11.12 -6.99 39.51
N GLU K 142 -11.41 -8.28 39.66
CA GLU K 142 -12.80 -8.72 39.70
C GLU K 142 -13.39 -8.49 41.08
N SER K 143 -12.53 -8.26 42.06
CA SER K 143 -13.01 -8.05 43.42
C SER K 143 -13.45 -6.61 43.64
N LEU K 144 -12.66 -5.64 43.17
CA LEU K 144 -13.06 -4.24 43.19
C LEU K 144 -14.10 -3.99 42.11
N GLY K 145 -13.82 -4.52 40.93
CA GLY K 145 -14.72 -4.42 39.79
C GLY K 145 -15.65 -5.59 39.80
N THR K 146 -15.79 -6.25 38.64
CA THR K 146 -16.70 -7.36 38.55
C THR K 146 -16.15 -8.42 37.61
N PRO K 147 -16.38 -9.71 37.91
CA PRO K 147 -16.11 -10.71 36.86
C PRO K 147 -17.07 -10.49 35.69
N ALA K 148 -16.66 -10.84 34.46
CA ALA K 148 -17.52 -10.66 33.29
C ALA K 148 -17.50 -11.88 32.38
N GLU K 149 -18.66 -12.24 31.85
CA GLU K 149 -18.74 -13.33 30.85
C GLU K 149 -18.58 -12.83 29.43
N GLU K 150 -18.96 -11.56 29.21
CA GLU K 150 -18.92 -10.95 27.89
C GLU K 150 -17.49 -10.90 27.37
N LEU K 151 -17.36 -10.90 26.05
CA LEU K 151 -16.08 -10.59 25.44
C LEU K 151 -16.03 -9.11 25.13
N GLY K 152 -14.82 -8.60 25.04
CA GLY K 152 -14.59 -7.24 24.58
C GLY K 152 -14.68 -6.19 25.67
N LEU K 153 -14.49 -4.92 25.30
CA LEU K 153 -14.54 -3.82 26.26
C LEU K 153 -15.93 -3.74 26.85
N PRO K 154 -16.02 -3.40 28.15
CA PRO K 154 -17.33 -3.12 28.71
C PRO K 154 -18.02 -1.99 27.92
N VAL K 155 -19.30 -2.14 27.62
CA VAL K 155 -20.01 -1.14 26.82
C VAL K 155 -20.11 0.17 27.57
N ARG K 156 -20.31 0.04 28.88
CA ARG K 156 -20.36 1.18 29.79
C ARG K 156 -19.44 0.79 30.96
N PRO K 157 -18.84 1.78 31.63
CA PRO K 157 -17.89 1.46 32.71
C PRO K 157 -18.53 0.79 33.93
N PHE K 158 -17.78 -0.06 34.61
CA PHE K 158 -18.25 -0.62 35.87
C PHE K 158 -17.69 0.23 36.99
N VAL K 159 -18.55 0.98 37.66
CA VAL K 159 -18.11 1.81 38.77
C VAL K 159 -18.35 1.08 40.09
N PRO K 160 -17.27 0.74 40.81
CA PRO K 160 -17.38 0.08 42.10
C PRO K 160 -18.11 0.95 43.12
N GLU K 161 -18.84 0.32 44.03
CA GLU K 161 -19.43 1.03 45.15
C GLU K 161 -18.33 1.52 46.07
N PRO K 162 -18.52 2.69 46.71
CA PRO K 162 -17.52 3.26 47.61
C PRO K 162 -17.02 2.26 48.64
N GLU K 163 -17.93 1.42 49.14
CA GLU K 163 -17.60 0.45 50.16
C GLU K 163 -16.49 -0.50 49.73
N LYS K 164 -16.50 -0.87 48.46
CA LYS K 164 -15.50 -1.79 47.95
C LYS K 164 -14.09 -1.21 48.00
N PHE K 165 -13.98 0.11 47.91
CA PHE K 165 -12.67 0.76 48.01
C PHE K 165 -12.12 0.65 49.42
N ARG K 166 -13.01 0.39 50.37
CA ARG K 166 -12.63 0.26 51.76
C ARG K 166 -12.31 -1.19 52.13
N THR K 167 -13.03 -2.12 51.56
CA THR K 167 -12.90 -3.52 51.92
C THR K 167 -11.86 -4.28 51.08
N VAL K 168 -11.79 -3.98 49.79
CA VAL K 168 -10.84 -4.65 48.91
C VAL K 168 -9.39 -4.62 49.43
N PRO K 169 -8.90 -3.46 49.93
CA PRO K 169 -7.55 -3.47 50.54
C PRO K 169 -7.34 -4.45 51.69
N GLU K 170 -8.40 -4.86 52.36
CA GLU K 170 -8.26 -5.82 53.44
C GLU K 170 -7.91 -7.21 52.92
N GLN K 171 -8.12 -7.46 51.62
CA GLN K 171 -7.81 -8.76 51.04
C GLN K 171 -6.70 -8.71 49.98
N TYR K 172 -6.57 -7.57 49.32
CA TYR K 172 -5.58 -7.44 48.24
C TYR K 172 -4.60 -6.36 48.60
N ASP K 173 -3.37 -6.53 48.14
CA ASP K 173 -2.30 -5.60 48.47
C ASP K 173 -2.40 -4.33 47.63
N VAL K 174 -3.29 -3.43 48.03
CA VAL K 174 -3.43 -2.16 47.34
C VAL K 174 -3.81 -1.06 48.32
N ARG K 175 -3.17 0.10 48.15
CA ARG K 175 -3.47 1.26 48.97
C ARG K 175 -3.75 2.43 48.05
N PHE K 176 -4.98 2.93 48.10
CA PHE K 176 -5.40 4.02 47.21
C PHE K 176 -4.94 5.36 47.76
N ARG K 177 -4.60 6.27 46.87
CA ARG K 177 -4.23 7.63 47.27
C ARG K 177 -5.13 8.64 46.56
N PRO K 178 -6.37 8.79 47.05
CA PRO K 178 -7.38 9.62 46.40
C PRO K 178 -6.96 11.09 46.24
N ASP K 179 -6.05 11.56 47.08
CA ASP K 179 -5.69 12.96 47.07
C ASP K 179 -4.27 13.21 46.53
N HIS K 180 -3.58 12.13 46.19
CA HIS K 180 -2.29 12.24 45.49
C HIS K 180 -2.52 13.02 44.22
N GLN K 181 -1.61 13.93 43.88
CA GLN K 181 -1.67 14.57 42.57
C GLN K 181 -0.32 14.48 41.86
N TRP K 182 -0.37 14.56 40.54
CA TRP K 182 0.82 14.41 39.71
C TRP K 182 1.33 15.74 39.21
N HIS K 183 2.61 16.01 39.44
CA HIS K 183 3.21 17.31 39.10
C HIS K 183 4.10 17.25 37.86
N THR K 184 3.93 16.20 37.06
CA THR K 184 4.71 16.04 35.83
C THR K 184 4.03 16.72 34.65
N GLY K 185 2.97 17.47 34.93
CA GLY K 185 2.23 18.18 33.90
C GLY K 185 1.16 19.08 34.50
N THR L 2 16.74 8.33 29.02
CA THR L 2 17.87 8.16 28.12
C THR L 2 19.18 8.02 28.90
N ILE L 3 19.05 7.81 30.21
CA ILE L 3 20.21 7.56 31.06
C ILE L 3 20.45 6.07 31.24
N GLU L 4 21.69 5.64 30.96
CA GLU L 4 22.07 4.23 31.05
C GLU L 4 22.74 3.94 32.39
N TYR L 5 22.77 2.67 32.78
CA TYR L 5 23.37 2.24 34.04
C TYR L 5 24.39 1.12 33.84
N ALA L 6 25.34 1.02 34.76
CA ALA L 6 26.18 -0.16 34.88
C ALA L 6 25.60 -1.12 35.91
N THR L 7 25.48 -2.40 35.56
CA THR L 7 24.97 -3.40 36.49
C THR L 7 25.90 -4.60 36.50
N ARG L 8 25.61 -5.58 37.35
CA ARG L 8 26.42 -6.78 37.40
C ARG L 8 26.32 -7.59 36.10
N HIS L 9 25.30 -7.30 35.29
CA HIS L 9 25.11 -8.04 34.05
C HIS L 9 25.60 -7.30 32.80
N ARG L 10 25.61 -5.97 32.82
CA ARG L 10 25.94 -5.15 31.65
C ARG L 10 26.61 -3.84 32.05
N ALA L 11 27.64 -3.44 31.32
CA ALA L 11 28.27 -2.13 31.53
C ALA L 11 27.33 -0.99 31.12
N ARG L 12 26.44 -1.28 30.17
CA ARG L 12 25.45 -0.30 29.72
C ARG L 12 24.08 -0.96 29.73
N SER L 13 23.22 -0.53 30.64
CA SER L 13 21.89 -1.15 30.76
C SER L 13 20.84 -0.10 31.05
N PHE L 14 19.60 -0.33 30.59
CA PHE L 14 18.51 0.55 30.99
C PHE L 14 17.77 0.00 32.20
N ILE L 15 18.21 -1.14 32.71
CA ILE L 15 17.74 -1.65 33.99
C ILE L 15 18.62 -1.10 35.09
N PRO L 16 18.03 -0.36 36.05
CA PRO L 16 18.88 0.19 37.11
C PRO L 16 19.46 -0.89 38.03
N PRO L 17 20.64 -0.63 38.61
CA PRO L 17 21.28 -1.63 39.48
C PRO L 17 20.59 -1.83 40.84
N GLU L 18 19.99 -0.78 41.38
CA GLU L 18 19.39 -0.86 42.70
C GLU L 18 17.95 -1.34 42.67
N PRO L 19 17.60 -2.26 43.58
CA PRO L 19 16.20 -2.65 43.80
C PRO L 19 15.38 -1.44 44.27
N GLY L 20 14.10 -1.39 43.89
CA GLY L 20 13.21 -0.37 44.42
C GLY L 20 13.09 0.89 43.57
N LYS L 21 13.76 0.90 42.43
CA LYS L 21 13.69 2.08 41.57
C LYS L 21 12.79 1.81 40.37
N PRO L 22 11.80 2.70 40.16
CA PRO L 22 10.96 2.53 38.95
C PRO L 22 11.74 2.89 37.71
N TYR L 23 11.31 2.38 36.57
CA TYR L 23 12.05 2.71 35.35
C TYR L 23 11.21 2.38 34.15
N PHE L 24 11.60 2.98 33.02
CA PHE L 24 10.99 2.76 31.73
C PHE L 24 12.07 2.29 30.77
N ILE L 25 11.71 1.44 29.83
CA ILE L 25 12.66 1.02 28.78
C ILE L 25 11.93 1.09 27.44
N GLU L 26 12.52 1.75 26.44
CA GLU L 26 11.84 1.78 25.16
C GLU L 26 12.03 0.47 24.42
N LYS L 27 11.13 0.25 23.49
CA LYS L 27 11.12 -0.94 22.64
C LYS L 27 12.52 -1.38 22.21
N GLY L 28 12.88 -2.59 22.64
CA GLY L 28 14.09 -3.22 22.18
C GLY L 28 15.35 -3.02 23.01
N LEU L 29 15.28 -2.16 24.01
CA LEU L 29 16.48 -1.72 24.72
C LEU L 29 16.70 -2.40 26.08
N GLY L 30 15.96 -3.46 26.36
CA GLY L 30 16.30 -4.34 27.46
C GLY L 30 17.68 -4.97 27.25
N ASP L 31 18.17 -5.71 28.25
CA ASP L 31 19.44 -6.41 28.13
C ASP L 31 19.30 -7.46 27.04
N ARG L 32 20.24 -7.51 26.12
CA ARG L 32 20.11 -8.39 24.98
C ARG L 32 21.05 -9.61 24.98
N ALA L 33 20.56 -10.69 24.36
CA ALA L 33 21.31 -11.93 24.24
C ALA L 33 21.00 -12.63 22.93
N HIS L 34 21.97 -13.38 22.43
CA HIS L 34 21.74 -14.17 21.24
C HIS L 34 21.87 -15.64 21.58
N LEU L 35 20.97 -16.45 21.03
CA LEU L 35 21.01 -17.89 21.19
C LEU L 35 20.48 -18.49 19.90
N PHE L 36 21.39 -19.17 19.20
CA PHE L 36 21.14 -19.55 17.81
C PHE L 36 20.73 -18.30 17.04
N GLY L 37 19.61 -18.37 16.33
CA GLY L 37 19.14 -17.24 15.55
C GLY L 37 18.23 -16.27 16.31
N ASP L 38 17.97 -16.55 17.59
CA ASP L 38 17.01 -15.76 18.36
C ASP L 38 17.67 -14.63 19.16
N LEU L 39 16.93 -13.54 19.29
CA LEU L 39 17.27 -12.43 20.19
C LEU L 39 16.39 -12.46 21.44
N ILE L 40 17.02 -12.50 22.61
CA ILE L 40 16.30 -12.44 23.87
C ILE L 40 16.58 -11.07 24.49
N THR L 41 15.51 -10.43 24.94
CA THR L 41 15.61 -9.08 25.50
C THR L 41 14.96 -9.06 26.87
N ILE L 42 15.76 -8.74 27.90
CA ILE L 42 15.30 -8.79 29.30
C ILE L 42 14.93 -7.40 29.79
N TYR L 43 13.72 -7.26 30.31
CA TYR L 43 13.24 -5.95 30.74
C TYR L 43 13.22 -5.84 32.25
N ALA L 44 13.02 -6.98 32.91
CA ALA L 44 13.12 -7.07 34.36
C ALA L 44 13.66 -8.45 34.72
N GLY L 45 14.53 -8.48 35.73
CA GLY L 45 15.12 -9.72 36.18
C GLY L 45 14.80 -9.94 37.66
N GLY L 46 15.32 -11.03 38.21
CA GLY L 46 15.09 -11.38 39.60
C GLY L 46 15.52 -10.29 40.57
N GLU L 47 16.54 -9.53 40.20
CA GLU L 47 17.02 -8.43 41.03
C GLU L 47 15.99 -7.30 41.18
N GLN L 48 15.02 -7.23 40.26
CA GLN L 48 14.01 -6.18 40.32
C GLN L 48 12.83 -6.58 41.20
N THR L 49 12.67 -7.88 41.45
CA THR L 49 11.43 -8.35 42.08
C THR L 49 11.66 -9.29 43.28
N GLU L 50 12.79 -9.14 43.96
CA GLU L 50 13.14 -10.02 45.07
C GLU L 50 13.07 -11.48 44.61
N ASN L 51 13.53 -11.70 43.38
CA ASN L 51 13.65 -13.03 42.79
C ASN L 51 12.34 -13.76 42.69
N THR L 52 11.27 -13.00 42.45
CA THR L 52 9.93 -13.56 42.31
C THR L 52 9.56 -13.83 40.85
N PHE L 53 9.76 -12.86 39.97
CA PHE L 53 9.52 -13.09 38.55
C PHE L 53 10.42 -12.24 37.66
N ASN L 54 10.30 -12.46 36.36
CA ASN L 54 11.07 -11.70 35.40
C ASN L 54 10.17 -11.30 34.25
N PHE L 55 10.73 -10.64 33.24
CA PHE L 55 9.96 -10.28 32.07
C PHE L 55 10.89 -10.14 30.88
N PHE L 56 10.65 -10.92 29.84
CA PHE L 56 11.54 -10.83 28.67
C PHE L 56 10.80 -11.14 27.37
N THR L 57 11.43 -10.78 26.25
CA THR L 57 10.93 -11.17 24.95
C THR L 57 11.96 -12.03 24.23
N CYS L 58 11.45 -12.81 23.30
CA CYS L 58 12.27 -13.69 22.49
C CYS L 58 11.77 -13.55 21.07
N GLU L 59 12.67 -13.19 20.13
CA GLU L 59 12.26 -13.03 18.74
C GLU L 59 13.30 -13.63 17.79
N GLY L 60 12.85 -14.06 16.62
CA GLY L 60 13.73 -14.79 15.73
C GLY L 60 13.21 -15.02 14.33
N PRO L 61 14.06 -15.57 13.47
CA PRO L 61 13.62 -15.92 12.13
C PRO L 61 12.73 -17.16 12.14
N LYS L 62 12.08 -17.41 11.00
CA LYS L 62 11.39 -18.66 10.77
C LYS L 62 12.41 -19.76 10.94
N GLY L 63 12.09 -20.78 11.73
CA GLY L 63 13.12 -21.76 12.03
C GLY L 63 12.59 -23.14 12.28
N GLU L 64 13.50 -24.01 12.72
CA GLU L 64 13.15 -25.35 13.15
C GLU L 64 12.78 -25.31 14.62
N VAL L 65 12.25 -26.41 15.14
CA VAL L 65 11.91 -26.47 16.55
C VAL L 65 13.18 -26.39 17.42
N ILE L 66 13.12 -25.65 18.53
CA ILE L 66 14.28 -25.55 19.44
C ILE L 66 14.50 -26.88 20.16
N PRO L 67 15.66 -27.02 20.85
CA PRO L 67 15.88 -28.23 21.66
C PRO L 67 14.81 -28.49 22.71
N ALA L 68 14.18 -29.66 22.66
CA ALA L 68 13.21 -30.05 23.69
C ALA L 68 13.90 -30.08 25.05
N HIS L 69 13.20 -29.60 26.07
CA HIS L 69 13.79 -29.46 27.39
C HIS L 69 12.71 -29.36 28.46
N SER L 70 13.12 -29.44 29.72
CA SER L 70 12.21 -29.24 30.84
C SER L 70 12.88 -28.37 31.89
N HIS L 71 12.06 -27.84 32.79
CA HIS L 71 12.54 -27.11 33.94
C HIS L 71 11.94 -27.73 35.21
N ALA L 72 12.78 -28.10 36.15
CA ALA L 72 12.33 -28.81 37.34
C ALA L 72 11.56 -27.92 38.30
N ASP L 73 11.90 -26.64 38.35
CA ASP L 73 11.36 -25.74 39.36
C ASP L 73 10.85 -24.44 38.78
N THR L 74 10.68 -24.40 37.46
CA THR L 74 10.35 -23.16 36.78
C THR L 74 9.09 -23.32 35.92
N TYR L 75 8.21 -22.32 35.99
CA TYR L 75 6.98 -22.25 35.18
C TYR L 75 7.20 -21.24 34.08
N GLU L 76 6.65 -21.49 32.89
CA GLU L 76 6.94 -20.62 31.77
C GLU L 76 5.69 -20.21 30.99
N VAL L 77 5.63 -18.93 30.69
CA VAL L 77 4.59 -18.31 29.87
C VAL L 77 5.11 -18.11 28.45
N PHE L 78 4.25 -18.37 27.46
CA PHE L 78 4.50 -17.97 26.09
C PHE L 78 3.33 -17.10 25.68
N TYR L 79 3.56 -15.81 25.48
CA TYR L 79 2.49 -14.93 25.01
C TYR L 79 2.92 -14.32 23.66
N ILE L 80 2.23 -14.67 22.58
CA ILE L 80 2.74 -14.31 21.27
C ILE L 80 2.42 -12.84 20.96
N THR L 81 3.41 -12.08 20.52
CA THR L 81 3.13 -10.68 20.15
C THR L 81 3.36 -10.39 18.65
N GLN L 82 4.18 -11.20 17.98
CA GLN L 82 4.38 -11.02 16.54
CA GLN L 82 4.41 -11.02 16.54
C GLN L 82 4.52 -12.37 15.85
N GLY L 83 4.11 -12.44 14.59
CA GLY L 83 4.21 -13.67 13.81
C GLY L 83 3.35 -14.83 14.27
N ALA L 84 3.92 -16.02 14.30
CA ALA L 84 3.15 -17.19 14.71
C ALA L 84 4.10 -18.23 15.25
N VAL L 85 3.80 -18.77 16.43
CA VAL L 85 4.75 -19.69 17.04
C VAL L 85 4.06 -20.97 17.44
N ARG L 86 4.61 -22.11 17.04
CA ARG L 86 4.01 -23.39 17.40
C ARG L 86 4.60 -23.88 18.70
N LEU L 87 3.76 -24.11 19.70
CA LEU L 87 4.26 -24.56 20.98
C LEU L 87 3.96 -26.05 21.15
N PHE L 88 5.00 -26.81 21.50
CA PHE L 88 4.86 -28.24 21.75
C PHE L 88 5.01 -28.50 23.23
N VAL L 89 4.08 -29.26 23.81
CA VAL L 89 4.22 -29.60 25.22
C VAL L 89 3.77 -31.04 25.49
N GLU L 90 4.49 -31.69 26.38
CA GLU L 90 4.10 -33.00 26.88
C GLU L 90 3.72 -32.88 28.35
N ASP L 91 2.51 -33.32 28.70
CA ASP L 91 2.04 -33.21 30.07
C ASP L 91 2.65 -34.31 30.94
N LEU L 92 2.35 -34.30 32.23
CA LEU L 92 2.94 -35.29 33.15
C LEU L 92 2.44 -36.72 32.89
N GLU L 93 1.32 -36.85 32.18
CA GLU L 93 0.77 -38.17 31.87
C GLU L 93 1.37 -38.75 30.60
N GLY L 94 2.21 -37.97 29.94
CA GLY L 94 2.86 -38.43 28.72
C GLY L 94 2.13 -38.08 27.43
N GLU L 95 1.03 -37.33 27.55
CA GLU L 95 0.29 -36.89 26.38
C GLU L 95 0.91 -35.63 25.79
N GLN L 96 1.05 -35.62 24.47
CA GLN L 96 1.66 -34.49 23.78
C GLN L 96 0.61 -33.60 23.14
N HIS L 97 0.84 -32.29 23.23
CA HIS L 97 -0.05 -31.31 22.64
C HIS L 97 0.75 -30.32 21.83
N GLU L 98 0.19 -29.84 20.73
CA GLU L 98 0.81 -28.76 19.97
C GLU L 98 -0.26 -27.77 19.54
N LYS L 99 0.11 -26.50 19.46
CA LYS L 99 -0.80 -25.50 18.94
C LYS L 99 -0.04 -24.35 18.31
N LEU L 100 -0.56 -23.87 17.18
CA LEU L 100 -0.02 -22.66 16.56
C LEU L 100 -0.59 -21.46 17.29
N LEU L 101 0.29 -20.74 17.97
CA LEU L 101 -0.14 -19.57 18.72
C LEU L 101 0.12 -18.31 17.89
N THR L 102 -0.94 -17.52 17.70
CA THR L 102 -0.83 -16.26 16.95
C THR L 102 -0.90 -15.08 17.94
N PRO L 103 -0.64 -13.84 17.46
CA PRO L 103 -0.48 -12.78 18.47
C PRO L 103 -1.67 -12.57 19.36
N GLY L 104 -1.42 -12.55 20.66
CA GLY L 104 -2.49 -12.43 21.63
C GLY L 104 -2.87 -13.78 22.24
N ASP L 105 -2.43 -14.88 21.60
CA ASP L 105 -2.65 -16.21 22.16
C ASP L 105 -1.60 -16.50 23.24
N PHE L 106 -1.92 -17.46 24.09
CA PHE L 106 -1.19 -17.69 25.33
C PHE L 106 -0.91 -19.17 25.51
N GLY L 107 0.31 -19.49 25.92
CA GLY L 107 0.62 -20.87 26.26
C GLY L 107 1.31 -20.92 27.59
N PHE L 108 1.07 -21.97 28.35
CA PHE L 108 1.62 -22.10 29.69
C PHE L 108 2.20 -23.49 29.89
N VAL L 109 3.47 -23.53 30.32
CA VAL L 109 4.18 -24.80 30.46
C VAL L 109 4.62 -24.94 31.91
N PRO L 110 3.94 -25.82 32.66
CA PRO L 110 4.30 -26.00 34.06
C PRO L 110 5.64 -26.68 34.21
N LYS L 111 6.20 -26.64 35.42
CA LYS L 111 7.46 -27.29 35.67
C LYS L 111 7.36 -28.79 35.39
N ASN L 112 8.50 -29.37 35.04
CA ASN L 112 8.64 -30.79 34.72
C ASN L 112 7.94 -31.21 33.45
N CYS L 113 7.34 -30.27 32.74
CA CYS L 113 6.77 -30.61 31.45
C CYS L 113 7.78 -30.35 30.34
N VAL L 114 8.04 -31.38 29.53
CA VAL L 114 8.94 -31.23 28.39
C VAL L 114 8.26 -30.39 27.31
N HIS L 115 9.00 -29.45 26.73
CA HIS L 115 8.41 -28.53 25.77
C HIS L 115 9.42 -28.04 24.74
N ALA L 116 8.90 -27.47 23.66
CA ALA L 116 9.72 -26.88 22.61
C ALA L 116 8.86 -25.92 21.79
N TYR L 117 9.47 -25.03 21.02
CA TYR L 117 8.67 -24.17 20.15
C TYR L 117 9.35 -24.03 18.80
N ARG L 118 8.58 -23.57 17.82
CA ARG L 118 9.09 -23.36 16.47
C ARG L 118 8.49 -22.08 15.94
N MET L 119 9.33 -21.15 15.51
CA MET L 119 8.80 -19.92 14.97
C MET L 119 8.45 -20.14 13.50
N GLU L 120 7.22 -19.82 13.13
CA GLU L 120 6.72 -20.18 11.80
C GLU L 120 6.45 -18.97 10.92
N ARG L 121 6.86 -17.78 11.38
CA ARG L 121 6.93 -16.56 10.56
C ARG L 121 8.26 -15.84 10.79
N HIS L 122 8.79 -15.17 9.77
CA HIS L 122 10.00 -14.37 9.99
C HIS L 122 9.76 -13.29 11.04
N HIS L 123 10.69 -13.18 11.98
CA HIS L 123 10.64 -12.21 13.07
C HIS L 123 9.39 -12.36 13.89
N SER L 124 9.12 -13.57 14.34
CA SER L 124 8.08 -13.77 15.34
C SER L 124 8.60 -13.30 16.69
N GLN L 125 7.69 -13.01 17.61
CA GLN L 125 8.06 -12.51 18.91
C GLN L 125 7.16 -13.11 19.98
N VAL L 126 7.77 -13.48 21.09
CA VAL L 126 7.11 -14.10 22.23
C VAL L 126 7.45 -13.30 23.48
N VAL L 127 6.44 -12.95 24.28
CA VAL L 127 6.69 -12.43 25.62
C VAL L 127 6.77 -13.61 26.57
N GLY L 128 7.79 -13.59 27.42
CA GLY L 128 8.00 -14.67 28.39
C GLY L 128 8.10 -14.22 29.85
N VAL L 129 7.61 -15.10 30.72
CA VAL L 129 7.97 -15.10 32.14
C VAL L 129 8.43 -16.50 32.44
N ALA L 130 9.54 -16.63 33.15
CA ALA L 130 10.12 -17.92 33.49
C ALA L 130 10.63 -17.83 34.92
N ALA L 131 9.82 -18.33 35.85
CA ALA L 131 10.16 -18.22 37.26
C ALA L 131 9.45 -19.30 38.05
N GLY L 132 9.78 -19.35 39.35
CA GLY L 132 9.16 -20.33 40.22
C GLY L 132 9.78 -20.28 41.61
N PRO L 133 9.49 -21.29 42.43
CA PRO L 133 10.05 -21.37 43.78
C PRO L 133 11.57 -21.47 43.72
N GLY L 134 12.09 -21.99 42.62
CA GLY L 134 13.53 -22.10 42.44
C GLY L 134 14.20 -20.80 42.02
N GLY L 135 13.42 -19.76 41.76
CA GLY L 135 14.00 -18.48 41.38
C GLY L 135 13.68 -18.08 39.96
N THR L 136 14.45 -17.16 39.38
CA THR L 136 14.15 -16.68 38.03
C THR L 136 15.25 -17.04 37.04
N PHE L 137 14.84 -17.15 35.77
CA PHE L 137 15.56 -17.93 34.78
C PHE L 137 16.31 -17.10 33.74
N GLU L 138 16.10 -15.79 33.75
CA GLU L 138 16.36 -14.97 32.56
C GLU L 138 17.82 -14.90 32.11
N ARG L 139 18.77 -15.13 33.01
CA ARG L 139 20.18 -15.00 32.57
C ARG L 139 20.71 -16.29 31.93
N PHE L 140 19.86 -17.31 31.84
CA PHE L 140 20.20 -18.54 31.12
C PHE L 140 20.59 -18.28 29.66
N PHE L 141 19.86 -17.39 29.00
CA PHE L 141 20.02 -17.20 27.56
C PHE L 141 21.39 -16.64 27.21
N GLU L 142 21.88 -15.69 28.00
CA GLU L 142 23.17 -15.08 27.69
C GLU L 142 24.32 -15.95 28.22
N SER L 143 23.96 -16.96 29.01
CA SER L 143 24.93 -17.87 29.62
C SER L 143 25.23 -19.03 28.69
N LEU L 144 24.17 -19.63 28.15
CA LEU L 144 24.29 -20.64 27.12
C LEU L 144 24.72 -19.99 25.79
N GLY L 145 24.00 -18.94 25.43
CA GLY L 145 24.31 -18.19 24.22
C GLY L 145 25.34 -17.14 24.56
N THR L 146 25.04 -15.89 24.23
CA THR L 146 25.96 -14.80 24.49
C THR L 146 25.19 -13.52 24.78
N PRO L 147 25.75 -12.67 25.65
CA PRO L 147 25.24 -11.30 25.79
C PRO L 147 25.51 -10.54 24.49
N ALA L 148 24.70 -9.54 24.17
CA ALA L 148 24.89 -8.81 22.91
C ALA L 148 24.71 -7.33 23.12
N GLU L 149 25.62 -6.53 22.56
CA GLU L 149 25.50 -5.08 22.60
C GLU L 149 24.70 -4.53 21.43
N GLU L 150 24.74 -5.22 20.29
CA GLU L 150 24.05 -4.75 19.10
C GLU L 150 22.55 -4.81 19.32
N LEU L 151 21.84 -4.03 18.51
CA LEU L 151 20.40 -4.10 18.43
C LEU L 151 20.00 -5.05 17.31
N GLY L 152 18.81 -5.60 17.40
CA GLY L 152 18.22 -6.35 16.31
C GLY L 152 18.53 -7.83 16.32
N LEU L 153 18.00 -8.55 15.34
CA LEU L 153 18.23 -9.98 15.26
C LEU L 153 19.71 -10.25 14.99
N PRO L 154 20.23 -11.38 15.50
CA PRO L 154 21.62 -11.68 15.15
C PRO L 154 21.79 -11.91 13.65
N VAL L 155 22.85 -11.33 13.09
CA VAL L 155 23.12 -11.46 11.66
C VAL L 155 23.33 -12.93 11.33
N ARG L 156 24.08 -13.58 12.20
CA ARG L 156 24.38 -15.00 12.10
C ARG L 156 24.00 -15.66 13.40
N PRO L 157 23.56 -16.92 13.34
CA PRO L 157 23.18 -17.66 14.54
C PRO L 157 24.34 -17.78 15.51
N PHE L 158 24.09 -17.60 16.81
CA PHE L 158 25.13 -17.90 17.79
C PHE L 158 24.99 -19.34 18.26
N VAL L 159 25.95 -20.18 17.87
CA VAL L 159 25.92 -21.59 18.24
C VAL L 159 26.83 -21.83 19.43
N PRO L 160 26.26 -22.28 20.55
CA PRO L 160 27.04 -22.54 21.76
C PRO L 160 28.03 -23.68 21.56
N GLU L 161 29.22 -23.57 22.15
CA GLU L 161 30.16 -24.68 22.18
C GLU L 161 29.53 -25.87 22.90
N PRO L 162 29.89 -27.09 22.48
CA PRO L 162 29.31 -28.31 23.06
C PRO L 162 29.30 -28.32 24.58
N GLU L 163 30.43 -27.92 25.18
CA GLU L 163 30.60 -28.01 26.62
C GLU L 163 29.59 -27.16 27.39
N LYS L 164 29.09 -26.10 26.76
CA LYS L 164 28.16 -25.21 27.43
C LYS L 164 26.82 -25.89 27.68
N PHE L 165 26.46 -26.83 26.82
CA PHE L 165 25.23 -27.58 26.99
C PHE L 165 25.32 -28.51 28.21
N ARG L 166 26.53 -28.83 28.61
CA ARG L 166 26.73 -29.71 29.76
C ARG L 166 26.90 -28.91 31.05
N THR L 167 27.37 -27.67 30.92
CA THR L 167 27.70 -26.85 32.09
C THR L 167 26.57 -25.91 32.50
N VAL L 168 25.87 -25.34 31.53
CA VAL L 168 24.78 -24.42 31.85
C VAL L 168 23.68 -25.03 32.74
N PRO L 169 23.26 -26.29 32.49
CA PRO L 169 22.26 -26.90 33.40
C PRO L 169 22.66 -26.99 34.86
N GLU L 170 23.95 -26.98 35.16
CA GLU L 170 24.40 -27.07 36.55
C GLU L 170 24.23 -25.70 37.23
N GLN L 171 23.90 -24.69 36.45
CA GLN L 171 23.73 -23.33 36.96
C GLN L 171 22.30 -22.83 36.81
N TYR L 172 21.63 -23.30 35.77
CA TYR L 172 20.27 -22.83 35.48
C TYR L 172 19.31 -24.01 35.47
N ASP L 173 18.05 -23.74 35.81
CA ASP L 173 17.05 -24.78 35.93
C ASP L 173 16.59 -25.21 34.55
N VAL L 174 17.35 -26.09 33.92
CA VAL L 174 17.02 -26.56 32.57
C VAL L 174 17.64 -27.93 32.35
N ARG L 175 16.88 -28.82 31.74
CA ARG L 175 17.37 -30.15 31.42
C ARG L 175 16.95 -30.52 30.00
N PHE L 176 17.94 -30.80 29.16
CA PHE L 176 17.67 -31.02 27.75
C PHE L 176 17.26 -32.45 27.47
N ARG L 177 16.45 -32.65 26.44
CA ARG L 177 16.03 -33.99 26.06
C ARG L 177 16.36 -34.24 24.60
N PRO L 178 17.63 -34.50 24.29
CA PRO L 178 18.06 -34.71 22.91
C PRO L 178 17.34 -35.89 22.26
N ASP L 179 16.89 -36.82 23.09
CA ASP L 179 16.23 -38.02 22.59
C ASP L 179 14.71 -37.92 22.71
N HIS L 180 14.19 -36.72 22.54
CA HIS L 180 12.75 -36.53 22.57
C HIS L 180 12.19 -36.55 21.15
N GLN L 181 11.06 -37.24 20.97
CA GLN L 181 10.34 -37.21 19.71
C GLN L 181 8.94 -36.62 19.89
N TRP L 182 8.54 -35.73 19.00
CA TRP L 182 7.18 -35.22 19.01
C TRP L 182 6.32 -36.06 18.07
N HIS L 183 5.22 -36.59 18.57
CA HIS L 183 4.34 -37.40 17.75
C HIS L 183 2.98 -36.71 17.57
N THR L 184 2.99 -35.38 17.67
CA THR L 184 1.82 -34.58 17.34
C THR L 184 1.81 -34.26 15.84
N GLY L 185 2.95 -34.43 15.20
CA GLY L 185 3.11 -34.15 13.79
C GLY L 185 4.54 -34.30 13.35
#